data_6JW5
#
_entry.id   6JW5
#
_cell.length_a   94.415
_cell.length_b   93.777
_cell.length_c   168.163
_cell.angle_alpha   90.000
_cell.angle_beta   102.730
_cell.angle_gamma   90.000
#
_symmetry.space_group_name_H-M   'P 1 21 1'
#
loop_
_entity.id
_entity.type
_entity.pdbx_description
1 polymer 'TAL effector'
2 polymer "DNA (5'-D(*TP*GP*TP*CP*CP*CP*TP*TP*(5HC)P*GP*CP*GP*TP*CP*TP*CP*T)-3')"
3 polymer "DNA (5'-D(*AP*GP*AP*GP*AP*CP*GP*CP*GP*AP*AP*GP*GP*GP*AP*CP*A)-3')"
4 water water
#
loop_
_entity_poly.entity_id
_entity_poly.type
_entity_poly.pdbx_seq_one_letter_code
_entity_poly.pdbx_strand_id
1 'polypeptide(L)'
;MQWSGARALEALLTVAGELRGPPLQLDTGQLLKIAKRGGVTAVEAVHAWRNALTGAPLNLTPEQVVAIASHDGGKQALET
VQRLLPVLCQAHGLTPQQVVAIASHDGGKQALETVQRLLPVLCQAHGLTPEQVVAIASHDGGKQALETVQALLPVLCQAH
GLTPEQVVAIASNGGGKQALETVQRLLPVLCQAHGLTPQQVVAIASNGGGKQALETVQRLLPVLCQAHGLTPQQVVAIAS
QGGKQALETVQRLLPVLCQAHGLTPQQVVAIASNNGGKQALETVQRLLPVLCQAHGLTPQQVVAIASHDGGKQALETVQR
LLPVLCQAHGLTPQQVVAIASNNGGKQALETVQRLLPVLCQAHGLTPEQVVAIASNGGGKQALETVQRLLPVLCQAHGLT
PEQVVAIASHDGGKQALETVQRLLPVLCQAHGLTPQQVVAIASNGGGRPALESIVAQLSRPDPALAALTNDHLVALACLG
GRPALDAVKKLEHHHHHH
;
A,B,E,H
2 'polydeoxyribonucleotide' (DT)(DG)(DT)(DC)(DC)(DC)(DT)(DT)(5HC)(DG)(DC)(DG)(DT)(DC)(DT)(DC)(DT) I,C,F,K
3 'polydeoxyribonucleotide' (DA)(DG)(DA)(DG)(DA)(DC)(DG)(DC)(DG)(DA)(DA)(DG)(DG)(DG)(DA)(DC)(DA) J,D,G,L
#
loop_
_chem_comp.id
_chem_comp.type
_chem_comp.name
_chem_comp.formula
5HC DNA linking '2'-deoxy-5-(hydroxymethyl)cytidine 5'-(dihydrogen phosphate)' 'C10 H16 N3 O8 P'
DA DNA linking 2'-DEOXYADENOSINE-5'-MONOPHOSPHATE 'C10 H14 N5 O6 P'
DC DNA linking 2'-DEOXYCYTIDINE-5'-MONOPHOSPHATE 'C9 H14 N3 O7 P'
DG DNA linking 2'-DEOXYGUANOSINE-5'-MONOPHOSPHATE 'C10 H14 N5 O7 P'
DT DNA linking THYMIDINE-5'-MONOPHOSPHATE 'C10 H15 N2 O8 P'
#
# COMPACT_ATOMS: atom_id res chain seq x y z
N MET A 1 17.25 36.96 37.10
CA MET A 1 17.93 35.79 37.72
C MET A 1 18.28 36.13 39.19
N GLN A 2 18.80 35.13 39.87
CA GLN A 2 19.49 35.27 41.15
C GLN A 2 20.89 35.93 40.86
N TRP A 3 20.75 37.17 40.33
CA TRP A 3 21.76 38.07 39.68
C TRP A 3 23.08 38.45 40.38
N SER A 4 24.14 38.55 39.56
CA SER A 4 25.46 39.03 39.89
C SER A 4 25.91 40.07 38.86
N GLY A 5 24.91 40.78 38.35
CA GLY A 5 25.08 41.92 37.48
C GLY A 5 23.94 42.83 37.87
N ALA A 6 23.82 43.96 37.16
CA ALA A 6 22.63 44.78 37.20
C ALA A 6 22.24 45.15 35.76
N ARG A 7 21.12 44.60 35.28
CA ARG A 7 20.56 44.87 33.95
C ARG A 7 21.08 44.01 32.81
N ALA A 8 21.97 43.06 33.13
CA ALA A 8 22.65 42.27 32.11
C ALA A 8 21.81 41.08 31.74
N LEU A 9 20.96 40.62 32.67
CA LEU A 9 20.01 39.58 32.34
C LEU A 9 19.46 39.81 30.93
N GLU A 10 19.23 41.08 30.61
CA GLU A 10 18.79 41.49 29.29
C GLU A 10 19.68 40.95 28.16
N ALA A 11 20.94 41.37 28.15
CA ALA A 11 21.94 40.85 27.21
C ALA A 11 22.16 39.30 27.28
N LEU A 12 21.79 38.68 28.41
CA LEU A 12 21.96 37.26 28.64
C LEU A 12 20.71 36.38 28.35
N LEU A 13 19.56 36.98 27.99
CA LEU A 13 18.45 36.22 27.37
C LEU A 13 18.29 36.42 25.86
N THR A 14 18.87 37.51 25.35
CA THR A 14 19.12 37.62 23.91
C THR A 14 19.80 36.33 23.49
N VAL A 15 20.89 36.02 24.19
CA VAL A 15 21.70 34.79 23.98
C VAL A 15 20.90 33.47 24.08
N ALA A 16 20.16 33.32 25.17
CA ALA A 16 19.34 32.14 25.42
C ALA A 16 18.40 31.77 24.24
N GLY A 17 17.79 32.79 23.63
CA GLY A 17 16.85 32.57 22.52
C GLY A 17 17.53 32.22 21.21
N GLU A 18 18.67 32.86 20.94
CA GLU A 18 19.50 32.59 19.77
C GLU A 18 20.01 31.13 19.68
N LEU A 19 20.21 30.48 20.82
CA LEU A 19 20.67 29.09 20.83
C LEU A 19 19.57 28.10 20.46
N ARG A 20 18.32 28.57 20.53
CA ARG A 20 17.19 27.83 19.97
C ARG A 20 17.30 27.89 18.45
N GLY A 21 17.92 28.97 17.97
CA GLY A 21 18.17 29.24 16.55
C GLY A 21 19.30 28.46 15.85
N PRO A 22 19.60 28.86 14.59
CA PRO A 22 20.14 27.99 13.50
C PRO A 22 21.37 27.13 13.71
N PRO A 23 22.40 27.61 14.40
CA PRO A 23 23.47 26.59 14.51
C PRO A 23 23.11 25.29 15.27
N LEU A 24 22.38 25.39 16.39
CA LEU A 24 22.26 24.25 17.34
C LEU A 24 20.88 23.61 17.62
N GLN A 25 19.78 24.35 17.46
CA GLN A 25 18.42 23.78 17.67
C GLN A 25 18.22 23.20 19.06
N LEU A 26 18.31 24.09 20.04
CA LEU A 26 18.25 23.67 21.43
C LEU A 26 16.87 23.87 22.00
N ASP A 27 16.27 22.80 22.50
CA ASP A 27 15.03 22.90 23.26
C ASP A 27 15.36 23.38 24.69
N THR A 28 14.32 23.63 25.48
CA THR A 28 14.50 24.09 26.85
C THR A 28 15.22 23.05 27.66
N GLY A 29 14.72 21.82 27.59
CA GLY A 29 15.33 20.68 28.30
C GLY A 29 16.85 20.74 28.34
N GLN A 30 17.46 21.15 27.23
CA GLN A 30 18.91 21.19 27.14
C GLN A 30 19.43 22.47 27.76
N LEU A 31 18.89 23.61 27.33
CA LEU A 31 19.26 24.93 27.93
C LEU A 31 19.23 24.88 29.46
N LEU A 32 18.15 24.35 30.02
CA LEU A 32 18.07 23.95 31.44
C LEU A 32 19.33 23.16 31.82
N LYS A 33 19.56 22.04 31.15
CA LYS A 33 20.63 21.11 31.52
C LYS A 33 21.99 21.78 31.60
N ILE A 34 22.24 22.66 30.65
CA ILE A 34 23.47 23.42 30.59
C ILE A 34 23.52 24.39 31.75
N ALA A 35 22.49 25.22 31.87
CA ALA A 35 22.42 26.20 32.97
C ALA A 35 22.61 25.52 34.33
N LYS A 36 21.79 24.53 34.60
CA LYS A 36 21.84 23.76 35.84
C LYS A 36 23.23 23.21 36.26
N ARG A 37 23.94 22.51 35.38
CA ARG A 37 25.23 21.96 35.80
C ARG A 37 26.42 22.75 35.24
N GLY A 38 26.18 23.57 34.24
CA GLY A 38 27.25 24.36 33.63
C GLY A 38 27.43 25.74 34.22
N GLY A 39 26.33 26.47 34.41
CA GLY A 39 26.37 27.83 34.92
C GLY A 39 26.08 28.76 33.78
N VAL A 40 26.01 30.05 34.09
CA VAL A 40 25.73 31.04 33.04
C VAL A 40 26.91 31.17 32.10
N THR A 41 28.13 31.16 32.64
CA THR A 41 29.31 31.25 31.81
C THR A 41 29.26 30.16 30.77
N ALA A 42 28.88 28.96 31.21
CA ALA A 42 28.71 27.82 30.31
C ALA A 42 27.76 28.18 29.16
N VAL A 43 26.58 28.68 29.52
CA VAL A 43 25.59 29.05 28.52
C VAL A 43 26.11 30.16 27.59
N GLU A 44 26.70 31.18 28.17
CA GLU A 44 27.32 32.26 27.42
C GLU A 44 28.36 31.74 26.46
N ALA A 45 29.22 30.88 26.97
CA ALA A 45 30.28 30.26 26.17
C ALA A 45 29.77 29.53 24.94
N VAL A 46 28.69 28.77 25.09
CA VAL A 46 28.14 28.02 23.97
C VAL A 46 27.81 28.97 22.83
N HIS A 47 26.95 29.94 23.12
CA HIS A 47 26.64 31.01 22.18
C HIS A 47 27.92 31.65 21.65
N ALA A 48 28.76 32.12 22.58
CA ALA A 48 30.01 32.80 22.27
C ALA A 48 30.71 32.17 21.10
N TRP A 49 30.94 30.87 21.18
CA TRP A 49 31.56 30.19 20.07
C TRP A 49 30.81 28.91 19.74
N ARG A 50 29.61 29.06 19.19
CA ARG A 50 28.82 27.95 18.69
C ARG A 50 29.17 27.56 17.25
N ASN A 51 29.46 28.55 16.41
CA ASN A 51 29.80 28.30 15.02
C ASN A 51 31.16 27.62 14.90
N ALA A 52 32.11 28.01 15.76
CA ALA A 52 33.44 27.40 15.81
C ALA A 52 33.38 25.90 16.06
N LEU A 53 32.37 25.48 16.83
CA LEU A 53 32.21 24.07 17.22
C LEU A 53 31.47 23.16 16.24
N THR A 54 30.56 23.72 15.44
CA THR A 54 29.69 22.90 14.61
C THR A 54 30.27 22.62 13.23
N GLY A 55 31.03 23.57 12.70
CA GLY A 55 31.74 23.37 11.45
C GLY A 55 33.22 23.38 11.76
N ALA A 56 33.99 23.95 10.82
CA ALA A 56 35.42 24.17 11.00
C ALA A 56 36.11 22.80 11.12
N PRO A 57 37.27 22.71 11.80
CA PRO A 57 37.81 21.33 11.94
C PRO A 57 37.12 20.39 12.93
N LEU A 58 36.17 20.90 13.72
CA LEU A 58 35.63 20.13 14.86
C LEU A 58 34.34 19.37 14.55
N ASN A 59 33.46 20.00 13.79
CA ASN A 59 32.22 19.38 13.36
C ASN A 59 31.57 18.55 14.45
N LEU A 60 31.37 19.18 15.59
CA LEU A 60 30.63 18.55 16.66
C LEU A 60 29.13 18.66 16.41
N THR A 61 28.38 17.75 17.01
CA THR A 61 26.92 17.80 16.96
C THR A 61 26.39 18.54 18.19
N PRO A 62 25.20 19.17 18.06
CA PRO A 62 24.60 19.85 19.19
C PRO A 62 24.66 19.01 20.44
N GLU A 63 24.29 17.75 20.32
CA GLU A 63 24.14 16.90 21.49
C GLU A 63 25.49 16.71 22.19
N GLN A 64 26.56 16.69 21.41
CA GLN A 64 27.91 16.62 21.99
C GLN A 64 28.29 17.91 22.70
N VAL A 65 27.91 19.03 22.11
CA VAL A 65 28.22 20.34 22.66
C VAL A 65 27.55 20.49 24.00
N VAL A 66 26.27 20.12 24.03
CA VAL A 66 25.53 20.08 25.28
C VAL A 66 26.27 19.21 26.30
N ALA A 67 26.66 17.99 25.90
CA ALA A 67 27.33 17.05 26.79
C ALA A 67 28.59 17.60 27.41
N ILE A 68 29.42 18.28 26.63
CA ILE A 68 30.66 18.84 27.16
C ILE A 68 30.35 19.98 28.11
N ALA A 69 29.38 20.81 27.71
CA ALA A 69 29.05 22.03 28.45
C ALA A 69 28.40 21.78 29.80
N SER A 70 27.55 20.76 29.90
CA SER A 70 26.73 20.54 31.10
C SER A 70 27.52 19.94 32.28
N HIS A 71 28.51 20.69 32.75
CA HIS A 71 29.40 20.25 33.80
C HIS A 71 30.09 21.44 34.43
N ASP A 72 30.55 21.24 35.66
CA ASP A 72 31.27 22.27 36.36
C ASP A 72 32.58 22.57 35.59
N GLY A 73 32.75 23.84 35.20
CA GLY A 73 33.85 24.24 34.35
C GLY A 73 33.60 23.81 32.91
N GLY A 74 32.35 23.89 32.48
CA GLY A 74 32.00 23.67 31.07
C GLY A 74 32.69 24.66 30.14
N LYS A 75 32.74 25.91 30.54
CA LYS A 75 33.35 26.95 29.74
C LYS A 75 34.75 26.56 29.39
N GLN A 76 35.49 26.07 30.38
CA GLN A 76 36.89 25.76 30.22
C GLN A 76 37.03 24.60 29.26
N ALA A 77 36.23 23.56 29.47
CA ALA A 77 36.26 22.39 28.63
C ALA A 77 35.89 22.70 27.16
N LEU A 78 34.91 23.56 26.93
CA LEU A 78 34.58 24.00 25.56
C LEU A 78 35.73 24.74 24.90
N GLU A 79 36.36 25.61 25.67
CA GLU A 79 37.48 26.39 25.19
C GLU A 79 38.67 25.49 24.94
N THR A 80 38.86 24.51 25.82
CA THR A 80 39.97 23.58 25.68
C THR A 80 39.83 22.66 24.49
N VAL A 81 38.65 22.10 24.30
CA VAL A 81 38.40 21.20 23.18
C VAL A 81 38.73 21.86 21.86
N GLN A 82 38.28 23.11 21.68
CA GLN A 82 38.61 23.85 20.47
C GLN A 82 40.11 23.75 20.16
N ARG A 83 40.93 24.06 21.14
CA ARG A 83 42.37 23.97 20.97
C ARG A 83 42.84 22.54 20.69
N LEU A 84 42.51 21.60 21.56
CA LEU A 84 43.24 20.33 21.61
C LEU A 84 42.65 19.17 20.81
N LEU A 85 41.37 19.23 20.44
CA LEU A 85 40.81 18.10 19.70
C LEU A 85 41.59 17.80 18.40
N PRO A 86 41.87 18.83 17.60
CA PRO A 86 42.60 18.53 16.37
C PRO A 86 43.94 17.83 16.64
N VAL A 87 44.70 18.30 17.61
CA VAL A 87 46.02 17.70 17.90
C VAL A 87 45.90 16.31 18.53
N LEU A 88 44.95 16.12 19.42
CA LEU A 88 44.76 14.80 20.03
C LEU A 88 44.37 13.73 19.02
N CYS A 89 43.58 14.09 18.02
CA CYS A 89 43.17 13.16 16.98
C CYS A 89 44.29 12.87 15.99
N GLN A 90 45.09 13.88 15.68
CA GLN A 90 46.13 13.73 14.67
C GLN A 90 47.40 13.17 15.23
N ALA A 91 47.90 13.82 16.28
CA ALA A 91 49.16 13.45 16.90
C ALA A 91 49.08 12.21 17.80
N HIS A 92 47.90 11.79 18.24
CA HIS A 92 47.80 10.59 19.04
C HIS A 92 46.68 9.65 18.59
N GLY A 93 46.14 9.87 17.40
CA GLY A 93 45.17 8.95 16.82
C GLY A 93 43.99 8.59 17.72
N LEU A 94 43.44 9.55 18.43
CA LEU A 94 42.21 9.31 19.16
C LEU A 94 41.05 9.70 18.28
N THR A 95 39.91 9.02 18.39
CA THR A 95 38.70 9.49 17.71
C THR A 95 38.13 10.71 18.47
N PRO A 96 37.35 11.57 17.77
CA PRO A 96 36.59 12.60 18.44
C PRO A 96 35.68 12.10 19.57
N GLN A 97 34.92 11.03 19.34
CA GLN A 97 34.08 10.46 20.41
C GLN A 97 34.88 10.29 21.71
N GLN A 98 36.13 9.86 21.54
CA GLN A 98 37.03 9.71 22.68
C GLN A 98 37.41 11.03 23.32
N VAL A 99 37.71 12.04 22.52
CA VAL A 99 38.05 13.32 23.09
C VAL A 99 36.84 13.89 23.80
N VAL A 100 35.67 13.82 23.17
CA VAL A 100 34.43 14.29 23.78
C VAL A 100 34.16 13.58 25.11
N ALA A 101 34.44 12.28 25.17
CA ALA A 101 34.25 11.51 26.40
C ALA A 101 35.10 12.05 27.53
N ILE A 102 36.34 12.39 27.23
CA ILE A 102 37.21 12.96 28.24
C ILE A 102 36.70 14.31 28.68
N ALA A 103 36.27 15.12 27.73
CA ALA A 103 35.80 16.47 28.00
C ALA A 103 34.50 16.51 28.81
N SER A 104 33.65 15.53 28.64
CA SER A 104 32.33 15.58 29.23
C SER A 104 32.36 15.12 30.69
N HIS A 105 33.17 15.81 31.50
CA HIS A 105 33.19 15.65 32.95
C HIS A 105 33.60 16.96 33.64
N ASP A 106 33.45 17.00 34.96
CA ASP A 106 33.93 18.12 35.74
C ASP A 106 35.46 18.18 35.60
N GLY A 107 36.00 19.37 35.44
CA GLY A 107 37.44 19.52 35.24
C GLY A 107 37.91 18.75 34.01
N GLY A 108 37.25 19.02 32.89
CA GLY A 108 37.58 18.41 31.61
C GLY A 108 38.85 19.00 31.06
N LYS A 109 38.96 20.32 31.15
CA LYS A 109 40.17 21.00 30.76
C LYS A 109 41.37 20.24 31.31
N GLN A 110 41.32 19.93 32.59
CA GLN A 110 42.47 19.34 33.27
C GLN A 110 42.77 17.95 32.75
N ALA A 111 41.72 17.22 32.41
CA ALA A 111 41.87 15.90 31.86
C ALA A 111 42.47 15.97 30.46
N LEU A 112 41.87 16.75 29.58
CA LEU A 112 42.39 16.93 28.24
C LEU A 112 43.86 17.35 28.21
N GLU A 113 44.22 18.35 29.01
CA GLU A 113 45.60 18.83 29.06
C GLU A 113 46.53 17.78 29.61
N THR A 114 46.05 17.04 30.59
CA THR A 114 46.85 15.98 31.18
C THR A 114 46.99 14.81 30.23
N VAL A 115 45.98 14.54 29.43
CA VAL A 115 46.09 13.45 28.44
C VAL A 115 47.15 13.78 27.39
N GLN A 116 47.04 14.95 26.77
CA GLN A 116 48.08 15.43 25.86
C GLN A 116 49.46 15.30 26.48
N ARG A 117 49.62 15.83 27.68
CA ARG A 117 50.92 15.85 28.30
C ARG A 117 51.44 14.45 28.67
N LEU A 118 50.58 13.50 28.99
CA LEU A 118 51.04 12.22 29.51
C LEU A 118 50.62 10.99 28.72
N LEU A 119 49.82 11.13 27.67
CA LEU A 119 49.39 9.94 26.97
C LEU A 119 50.57 9.13 26.44
N PRO A 120 51.58 9.79 25.86
CA PRO A 120 52.73 9.03 25.35
C PRO A 120 53.46 8.23 26.42
N VAL A 121 54.01 8.93 27.42
CA VAL A 121 54.78 8.25 28.46
C VAL A 121 54.01 7.08 29.08
N LEU A 122 52.69 7.20 29.15
CA LEU A 122 51.91 6.09 29.67
C LEU A 122 51.86 4.94 28.66
N CYS A 123 51.67 5.25 27.39
CA CYS A 123 51.60 4.22 26.37
C CYS A 123 52.97 3.65 26.09
N GLN A 124 53.93 4.52 25.81
CA GLN A 124 55.29 4.11 25.48
C GLN A 124 55.98 3.43 26.67
N ALA A 125 56.26 4.19 27.72
CA ALA A 125 57.13 3.76 28.79
C ALA A 125 56.43 2.95 29.88
N HIS A 126 55.11 2.77 29.81
CA HIS A 126 54.42 1.86 30.72
C HIS A 126 53.55 0.83 29.99
N GLY A 127 53.71 0.77 28.67
CA GLY A 127 53.01 -0.23 27.89
C GLY A 127 51.52 -0.22 28.03
N LEU A 128 50.92 0.95 28.26
CA LEU A 128 49.46 1.09 28.29
C LEU A 128 48.89 1.34 26.92
N THR A 129 47.68 0.85 26.68
CA THR A 129 47.01 1.14 25.42
C THR A 129 46.40 2.52 25.59
N PRO A 130 46.22 3.26 24.48
CA PRO A 130 45.49 4.52 24.56
C PRO A 130 44.03 4.33 24.98
N GLU A 131 43.39 3.22 24.63
CA GLU A 131 42.03 2.95 25.12
C GLU A 131 41.98 3.04 26.64
N GLN A 132 42.99 2.45 27.28
CA GLN A 132 43.08 2.42 28.73
C GLN A 132 43.31 3.80 29.28
N VAL A 133 44.16 4.59 28.60
CA VAL A 133 44.42 5.92 29.07
C VAL A 133 43.16 6.77 28.95
N VAL A 134 42.35 6.57 27.93
CA VAL A 134 41.10 7.28 27.83
C VAL A 134 40.16 6.88 28.96
N ALA A 135 40.13 5.59 29.30
CA ALA A 135 39.30 5.08 30.41
C ALA A 135 39.63 5.77 31.71
N ILE A 136 40.92 5.97 31.98
CA ILE A 136 41.35 6.59 33.21
C ILE A 136 40.98 8.06 33.21
N ALA A 137 41.11 8.71 32.07
CA ALA A 137 40.86 10.14 31.96
C ALA A 137 39.39 10.50 31.89
N SER A 138 38.55 9.53 31.58
CA SER A 138 37.11 9.80 31.38
C SER A 138 36.28 9.76 32.68
N HIS A 139 36.73 10.50 33.68
CA HIS A 139 36.04 10.63 34.96
C HIS A 139 36.38 11.96 35.56
N ASP A 140 35.68 12.29 36.64
CA ASP A 140 36.04 13.48 37.38
C ASP A 140 37.44 13.28 37.97
N GLY A 141 38.25 14.33 37.84
CA GLY A 141 39.63 14.29 38.34
C GLY A 141 40.47 13.30 37.58
N GLY A 142 40.35 13.32 36.26
CA GLY A 142 41.18 12.48 35.43
C GLY A 142 42.63 12.88 35.56
N LYS A 143 42.88 14.19 35.55
CA LYS A 143 44.22 14.70 35.74
C LYS A 143 44.87 13.98 36.89
N GLN A 144 44.14 13.86 38.00
CA GLN A 144 44.71 13.28 39.19
C GLN A 144 44.97 11.81 38.99
N ALA A 145 44.03 11.10 38.39
CA ALA A 145 44.21 9.67 38.18
C ALA A 145 45.42 9.46 37.28
N LEU A 146 45.38 10.05 36.09
CA LEU A 146 46.51 9.98 35.18
C LEU A 146 47.82 10.15 35.92
N GLU A 147 47.96 11.27 36.61
CA GLU A 147 49.20 11.58 37.28
C GLU A 147 49.57 10.53 38.28
N THR A 148 48.62 10.17 39.13
CA THR A 148 48.87 9.12 40.10
C THR A 148 49.28 7.80 39.42
N VAL A 149 48.61 7.45 38.34
CA VAL A 149 48.93 6.20 37.64
C VAL A 149 50.37 6.20 37.18
N GLN A 150 50.82 7.32 36.65
CA GLN A 150 52.21 7.45 36.29
C GLN A 150 53.10 7.11 37.48
N ALA A 151 52.87 7.80 38.58
CA ALA A 151 53.73 7.67 39.74
C ALA A 151 53.76 6.26 40.34
N LEU A 152 52.60 5.63 40.44
CA LEU A 152 52.49 4.42 41.27
C LEU A 152 52.54 3.10 40.54
N LEU A 153 52.32 3.11 39.24
CA LEU A 153 52.17 1.85 38.51
C LEU A 153 53.38 0.92 38.69
N PRO A 154 54.61 1.46 38.52
CA PRO A 154 55.76 0.60 38.75
C PRO A 154 55.76 -0.01 40.13
N VAL A 155 55.42 0.80 41.13
CA VAL A 155 55.43 0.34 42.51
C VAL A 155 54.43 -0.80 42.72
N LEU A 156 53.19 -0.57 42.30
CA LEU A 156 52.12 -1.52 42.55
C LEU A 156 52.31 -2.86 41.83
N CYS A 157 53.07 -2.85 40.75
CA CYS A 157 53.34 -4.08 40.03
C CYS A 157 54.58 -4.79 40.59
N GLN A 158 55.69 -4.06 40.73
CA GLN A 158 56.91 -4.66 41.29
C GLN A 158 56.73 -5.09 42.74
N ALA A 159 56.41 -4.12 43.60
CA ALA A 159 56.31 -4.36 45.04
C ALA A 159 55.10 -5.21 45.43
N HIS A 160 53.91 -4.76 45.09
CA HIS A 160 52.67 -5.40 45.56
C HIS A 160 52.11 -6.44 44.59
N GLY A 161 52.79 -6.65 43.48
CA GLY A 161 52.49 -7.77 42.58
C GLY A 161 51.20 -7.69 41.81
N LEU A 162 50.82 -6.50 41.36
CA LEU A 162 49.57 -6.35 40.64
C LEU A 162 49.79 -6.27 39.15
N THR A 163 48.81 -6.78 38.39
CA THR A 163 48.82 -6.59 36.93
C THR A 163 48.51 -5.13 36.64
N PRO A 164 48.96 -4.64 35.48
CA PRO A 164 48.55 -3.34 34.98
C PRO A 164 47.04 -3.23 34.71
N GLU A 165 46.41 -4.31 34.25
CA GLU A 165 44.97 -4.34 34.06
C GLU A 165 44.32 -3.95 35.39
N GLN A 166 44.82 -4.54 36.48
CA GLN A 166 44.28 -4.28 37.80
C GLN A 166 44.43 -2.86 38.21
N VAL A 167 45.58 -2.29 37.90
CA VAL A 167 45.80 -0.90 38.25
C VAL A 167 44.91 0.02 37.44
N VAL A 168 44.73 -0.26 36.16
CA VAL A 168 43.83 0.52 35.35
C VAL A 168 42.43 0.46 35.97
N ALA A 169 41.95 -0.74 36.27
CA ALA A 169 40.62 -0.94 36.87
C ALA A 169 40.36 0.02 38.04
N ILE A 170 41.35 0.13 38.92
CA ILE A 170 41.30 0.99 40.09
C ILE A 170 41.29 2.46 39.70
N ALA A 171 42.12 2.85 38.76
CA ALA A 171 42.23 4.25 38.37
C ALA A 171 41.02 4.74 37.58
N SER A 172 40.28 3.79 36.97
CA SER A 172 39.22 4.10 36.04
C SER A 172 37.88 4.22 36.73
N ASN A 173 37.85 5.10 37.72
CA ASN A 173 36.69 5.46 38.48
C ASN A 173 36.87 6.91 38.95
N GLY A 174 35.84 7.55 39.44
CA GLY A 174 36.00 8.83 40.12
C GLY A 174 36.83 8.67 41.39
N GLY A 175 37.61 9.71 41.71
CA GLY A 175 38.53 9.65 42.86
C GLY A 175 39.53 8.50 42.77
N GLY A 176 40.06 8.28 41.56
CA GLY A 176 40.97 7.16 41.30
C GLY A 176 42.28 7.34 42.01
N LYS A 177 42.80 8.55 41.99
CA LYS A 177 44.00 8.90 42.77
C LYS A 177 43.90 8.39 44.21
N GLN A 178 42.75 8.61 44.85
CA GLN A 178 42.59 8.22 46.23
C GLN A 178 42.64 6.71 46.32
N ALA A 179 41.91 6.03 45.45
CA ALA A 179 41.85 4.58 45.53
C ALA A 179 43.23 3.97 45.35
N LEU A 180 43.98 4.51 44.39
CA LEU A 180 45.32 4.00 44.10
C LEU A 180 46.15 4.12 45.35
N GLU A 181 46.29 5.34 45.84
CA GLU A 181 47.07 5.60 47.02
C GLU A 181 46.62 4.69 48.14
N THR A 182 45.34 4.67 48.40
CA THR A 182 44.82 3.91 49.51
C THR A 182 45.21 2.43 49.37
N VAL A 183 45.18 1.89 48.15
CA VAL A 183 45.52 0.49 47.96
C VAL A 183 46.97 0.24 48.29
N GLN A 184 47.83 1.11 47.77
CA GLN A 184 49.23 1.04 48.09
C GLN A 184 49.44 0.90 49.58
N ARG A 185 48.81 1.77 50.37
CA ARG A 185 49.01 1.76 51.82
C ARG A 185 48.49 0.49 52.50
N LEU A 186 47.30 0.06 52.10
CA LEU A 186 46.60 -0.97 52.84
C LEU A 186 46.71 -2.37 52.29
N LEU A 187 47.30 -2.54 51.12
CA LEU A 187 47.34 -3.87 50.49
C LEU A 187 48.10 -4.86 51.37
N PRO A 188 49.28 -4.47 51.88
CA PRO A 188 50.00 -5.43 52.74
C PRO A 188 49.19 -5.77 53.99
N VAL A 189 48.69 -4.74 54.64
CA VAL A 189 47.88 -4.87 55.84
C VAL A 189 46.71 -5.82 55.59
N LEU A 190 45.90 -5.48 54.60
CA LEU A 190 44.68 -6.22 54.32
C LEU A 190 44.93 -7.68 53.95
N CYS A 191 46.08 -7.96 53.33
CA CYS A 191 46.36 -9.31 52.88
C CYS A 191 47.00 -10.18 53.97
N GLN A 192 48.18 -9.78 54.43
CA GLN A 192 48.84 -10.53 55.50
C GLN A 192 47.97 -10.62 56.76
N ALA A 193 47.61 -9.45 57.30
CA ALA A 193 46.89 -9.36 58.56
C ALA A 193 45.46 -9.88 58.47
N HIS A 194 44.60 -9.18 57.74
CA HIS A 194 43.18 -9.53 57.71
C HIS A 194 42.85 -10.72 56.79
N GLY A 195 43.86 -11.28 56.14
CA GLY A 195 43.72 -12.55 55.43
C GLY A 195 42.93 -12.46 54.15
N LEU A 196 43.12 -11.40 53.39
CA LEU A 196 42.44 -11.28 52.11
C LEU A 196 43.36 -11.59 50.94
N THR A 197 42.78 -12.04 49.83
CA THR A 197 43.52 -12.20 48.58
C THR A 197 43.64 -10.82 47.96
N PRO A 198 44.77 -10.53 47.28
CA PRO A 198 44.89 -9.22 46.65
C PRO A 198 43.79 -8.99 45.59
N GLN A 199 43.29 -10.06 44.99
CA GLN A 199 42.16 -9.94 44.07
C GLN A 199 40.91 -9.30 44.72
N GLN A 200 40.68 -9.60 46.00
CA GLN A 200 39.55 -9.06 46.73
C GLN A 200 39.77 -7.61 47.03
N VAL A 201 41.02 -7.24 47.25
CA VAL A 201 41.35 -5.87 47.57
C VAL A 201 41.11 -4.97 46.38
N VAL A 202 41.50 -5.45 45.19
CA VAL A 202 41.21 -4.72 43.95
C VAL A 202 39.70 -4.62 43.73
N ALA A 203 38.95 -5.68 43.94
CA ALA A 203 37.51 -5.63 43.79
C ALA A 203 36.90 -4.46 44.53
N ILE A 204 37.38 -4.27 45.74
CA ILE A 204 36.88 -3.24 46.63
C ILE A 204 37.26 -1.88 46.13
N ALA A 205 38.51 -1.74 45.72
CA ALA A 205 39.03 -0.45 45.31
C ALA A 205 38.52 -0.03 43.95
N SER A 206 37.98 -0.99 43.19
CA SER A 206 37.61 -0.76 41.83
C SER A 206 36.18 -0.27 41.69
N ASN A 207 35.72 0.52 42.65
CA ASN A 207 34.53 1.32 42.47
C ASN A 207 34.81 2.74 42.89
N GLY A 208 33.82 3.61 42.71
CA GLY A 208 33.86 4.96 43.26
C GLY A 208 33.93 4.89 44.76
N GLY A 209 34.49 5.94 45.38
CA GLY A 209 34.72 5.91 46.84
C GLY A 209 35.41 4.65 47.35
N GLY A 210 36.27 4.07 46.51
CA GLY A 210 37.00 2.87 46.86
C GLY A 210 37.91 3.13 48.05
N LYS A 211 38.50 4.32 48.13
CA LYS A 211 39.29 4.68 49.32
C LYS A 211 38.46 4.45 50.55
N GLN A 212 37.25 4.98 50.54
CA GLN A 212 36.40 4.89 51.69
C GLN A 212 36.11 3.44 52.03
N ALA A 213 35.78 2.64 51.04
CA ALA A 213 35.49 1.24 51.27
C ALA A 213 36.65 0.52 51.91
N LEU A 214 37.85 0.72 51.37
CA LEU A 214 39.04 0.06 51.89
C LEU A 214 39.30 0.39 53.35
N GLU A 215 39.37 1.68 53.65
CA GLU A 215 39.59 2.13 55.00
C GLU A 215 38.59 1.49 55.94
N THR A 216 37.33 1.61 55.56
CA THR A 216 36.22 1.14 56.35
C THR A 216 36.28 -0.35 56.58
N VAL A 217 36.75 -1.09 55.59
CA VAL A 217 36.84 -2.54 55.70
C VAL A 217 37.89 -2.95 56.73
N GLN A 218 39.08 -2.37 56.60
CA GLN A 218 40.15 -2.60 57.55
C GLN A 218 39.64 -2.41 58.98
N ARG A 219 38.97 -1.27 59.20
CA ARG A 219 38.35 -0.98 60.48
C ARG A 219 37.32 -2.05 60.89
N LEU A 220 36.33 -2.31 60.04
CA LEU A 220 35.15 -3.06 60.46
C LEU A 220 35.18 -4.54 60.14
N LEU A 221 36.22 -5.04 59.48
CA LEU A 221 36.21 -6.44 59.06
C LEU A 221 36.19 -7.44 60.23
N PRO A 222 37.07 -7.25 61.24
CA PRO A 222 37.05 -8.17 62.39
C PRO A 222 35.72 -8.15 63.11
N VAL A 223 35.22 -6.95 63.38
CA VAL A 223 33.95 -6.75 64.07
C VAL A 223 32.82 -7.57 63.45
N LEU A 224 32.67 -7.43 62.13
CA LEU A 224 31.59 -8.06 61.39
C LEU A 224 31.67 -9.58 61.37
N CYS A 225 32.88 -10.11 61.37
CA CYS A 225 33.08 -11.56 61.44
C CYS A 225 32.92 -12.10 62.85
N GLN A 226 33.47 -11.42 63.86
CA GLN A 226 33.34 -11.86 65.26
C GLN A 226 31.95 -11.62 65.81
N ALA A 227 31.59 -10.34 65.92
CA ALA A 227 30.37 -9.92 66.62
C ALA A 227 29.08 -10.25 65.85
N HIS A 228 29.16 -10.36 64.53
CA HIS A 228 27.97 -10.63 63.73
C HIS A 228 28.10 -11.89 62.87
N GLY A 229 29.12 -12.71 63.16
CA GLY A 229 29.29 -14.01 62.51
C GLY A 229 29.21 -14.06 61.00
N LEU A 230 29.75 -13.05 60.33
CA LEU A 230 29.80 -13.03 58.85
C LEU A 230 31.11 -13.58 58.36
N THR A 231 31.11 -14.09 57.12
CA THR A 231 32.34 -14.60 56.53
C THR A 231 33.07 -13.44 55.89
N PRO A 232 34.41 -13.51 55.79
CA PRO A 232 35.14 -12.41 55.13
C PRO A 232 34.66 -12.20 53.69
N GLN A 233 34.41 -13.30 53.00
CA GLN A 233 33.88 -13.24 51.65
C GLN A 233 32.53 -12.46 51.58
N GLN A 234 31.70 -12.58 52.61
CA GLN A 234 30.48 -11.75 52.70
C GLN A 234 30.79 -10.29 52.97
N VAL A 235 31.79 -10.04 53.78
CA VAL A 235 32.17 -8.66 54.08
C VAL A 235 32.70 -8.00 52.82
N VAL A 236 33.43 -8.74 52.01
CA VAL A 236 33.92 -8.23 50.73
C VAL A 236 32.77 -8.02 49.77
N ALA A 237 31.84 -8.97 49.71
CA ALA A 237 30.64 -8.78 48.88
C ALA A 237 30.02 -7.42 49.15
N ILE A 238 29.85 -7.08 50.41
CA ILE A 238 29.22 -5.84 50.79
C ILE A 238 30.10 -4.67 50.43
N ALA A 239 31.37 -4.77 50.76
CA ALA A 239 32.30 -3.67 50.55
C ALA A 239 32.46 -3.36 49.08
N SER A 240 32.31 -4.37 48.23
CA SER A 240 32.48 -4.23 46.79
C SER A 240 31.29 -3.61 46.10
N GLN A 241 30.07 -3.91 46.53
CA GLN A 241 28.91 -3.26 45.92
C GLN A 241 28.40 -2.05 46.69
N GLY A 242 28.40 -2.15 48.02
CA GLY A 242 27.81 -1.13 48.88
C GLY A 242 28.77 -0.08 49.37
N GLY A 243 30.02 -0.46 49.55
CA GLY A 243 31.02 0.47 50.04
C GLY A 243 30.82 0.87 51.50
N LYS A 244 31.48 1.96 51.88
CA LYS A 244 31.53 2.40 53.26
C LYS A 244 30.13 2.48 53.86
N GLN A 245 29.23 3.18 53.20
CA GLN A 245 27.88 3.37 53.73
C GLN A 245 27.24 2.05 54.06
N ALA A 246 27.40 1.07 53.20
CA ALA A 246 26.74 -0.20 53.43
C ALA A 246 27.35 -0.93 54.63
N LEU A 247 28.68 -1.02 54.67
CA LEU A 247 29.37 -1.68 55.78
C LEU A 247 28.95 -1.07 57.10
N GLU A 248 29.05 0.25 57.19
CA GLU A 248 28.66 0.96 58.38
C GLU A 248 27.22 0.69 58.72
N THR A 249 26.34 0.82 57.73
CA THR A 249 24.92 0.66 57.96
C THR A 249 24.57 -0.76 58.30
N VAL A 250 25.35 -1.72 57.85
CA VAL A 250 25.13 -3.11 58.20
C VAL A 250 25.39 -3.33 59.69
N GLN A 251 26.62 -3.09 60.12
CA GLN A 251 26.99 -3.14 61.53
C GLN A 251 25.89 -2.57 62.41
N ARG A 252 25.42 -1.38 62.03
CA ARG A 252 24.40 -0.64 62.76
C ARG A 252 23.04 -1.34 62.75
N LEU A 253 22.55 -1.75 61.58
CA LEU A 253 21.17 -2.25 61.46
C LEU A 253 21.04 -3.77 61.35
N LEU A 254 22.13 -4.52 61.48
CA LEU A 254 22.05 -5.99 61.43
C LEU A 254 21.30 -6.58 62.65
N PRO A 255 21.77 -6.29 63.88
CA PRO A 255 21.01 -6.81 64.99
C PRO A 255 19.54 -6.41 64.92
N VAL A 256 19.26 -5.16 64.57
CA VAL A 256 17.87 -4.65 64.54
C VAL A 256 17.00 -5.43 63.54
N LEU A 257 17.56 -5.79 62.40
CA LEU A 257 16.79 -6.43 61.33
C LEU A 257 16.55 -7.92 61.53
N CYS A 258 17.28 -8.52 62.47
CA CYS A 258 17.16 -9.95 62.77
C CYS A 258 16.39 -10.24 64.05
N GLN A 259 16.51 -9.40 65.07
CA GLN A 259 15.64 -9.51 66.23
C GLN A 259 14.21 -9.10 65.91
N ALA A 260 14.06 -7.83 65.53
CA ALA A 260 12.73 -7.21 65.43
C ALA A 260 11.97 -7.69 64.20
N HIS A 261 12.59 -7.59 63.04
CA HIS A 261 11.95 -7.93 61.78
C HIS A 261 12.27 -9.35 61.31
N GLY A 262 13.25 -10.00 61.97
CA GLY A 262 13.52 -11.42 61.77
C GLY A 262 13.90 -11.84 60.37
N LEU A 263 15.02 -11.31 59.88
CA LEU A 263 15.60 -11.74 58.60
C LEU A 263 16.89 -12.51 58.84
N THR A 264 17.24 -13.41 57.93
CA THR A 264 18.50 -14.15 58.03
C THR A 264 19.66 -13.22 57.65
N PRO A 265 20.79 -13.33 58.36
CA PRO A 265 21.93 -12.47 57.99
C PRO A 265 22.34 -12.65 56.52
N GLN A 266 22.19 -13.86 56.01
CA GLN A 266 22.37 -14.18 54.62
C GLN A 266 21.58 -13.20 53.72
N GLN A 267 20.36 -12.87 54.13
CA GLN A 267 19.51 -11.89 53.41
C GLN A 267 19.91 -10.43 53.58
N VAL A 268 20.40 -10.08 54.75
CA VAL A 268 20.86 -8.73 55.00
C VAL A 268 22.08 -8.42 54.12
N VAL A 269 22.95 -9.41 53.92
CA VAL A 269 24.04 -9.29 52.98
C VAL A 269 23.50 -9.03 51.59
N ALA A 270 22.52 -9.82 51.18
CA ALA A 270 21.94 -9.65 49.85
C ALA A 270 21.45 -8.23 49.62
N ILE A 271 20.83 -7.64 50.63
CA ILE A 271 20.28 -6.28 50.52
C ILE A 271 21.35 -5.18 50.45
N ALA A 272 22.37 -5.35 51.27
CA ALA A 272 23.44 -4.37 51.36
C ALA A 272 24.41 -4.39 50.18
N SER A 273 24.59 -5.55 49.55
CA SER A 273 25.56 -5.73 48.47
C SER A 273 24.99 -5.21 47.14
N ASN A 274 24.84 -3.90 47.08
CA ASN A 274 24.33 -3.18 45.90
C ASN A 274 24.61 -1.70 46.07
N ASN A 275 24.37 -0.93 45.03
CA ASN A 275 24.53 0.50 45.13
C ASN A 275 23.42 1.13 45.95
N GLY A 276 23.83 1.91 46.93
CA GLY A 276 22.89 2.49 47.87
C GLY A 276 22.37 1.42 48.80
N GLY A 277 23.19 0.41 49.06
CA GLY A 277 22.89 -0.58 50.07
C GLY A 277 22.38 0.07 51.34
N LYS A 278 23.04 1.15 51.78
CA LYS A 278 22.58 1.92 52.94
C LYS A 278 21.13 2.26 52.77
N GLN A 279 20.79 2.92 51.67
CA GLN A 279 19.44 3.37 51.44
C GLN A 279 18.43 2.25 51.47
N ALA A 280 18.82 1.09 50.97
CA ALA A 280 17.91 -0.07 50.92
C ALA A 280 17.65 -0.57 52.31
N LEU A 281 18.72 -0.85 53.05
CA LEU A 281 18.61 -1.31 54.40
C LEU A 281 17.71 -0.42 55.26
N GLU A 282 17.94 0.89 55.22
CA GLU A 282 17.13 1.82 56.00
C GLU A 282 15.69 1.85 55.54
N THR A 283 15.48 1.69 54.25
CA THR A 283 14.15 1.63 53.70
C THR A 283 13.44 0.34 54.08
N VAL A 284 14.10 -0.81 53.99
CA VAL A 284 13.47 -2.06 54.46
C VAL A 284 13.28 -2.11 55.99
N GLN A 285 14.03 -1.33 56.75
CA GLN A 285 13.79 -1.26 58.20
C GLN A 285 12.41 -0.70 58.43
N ARG A 286 12.17 0.51 57.91
CA ARG A 286 10.81 1.04 57.77
C ARG A 286 10.14 0.19 56.71
N LEU A 287 8.90 0.49 56.40
CA LEU A 287 8.28 -0.07 55.20
C LEU A 287 8.13 -1.60 55.11
N LEU A 288 9.00 -2.37 55.72
CA LEU A 288 8.78 -3.83 55.80
C LEU A 288 7.51 -4.17 56.57
N PRO A 289 7.33 -3.59 57.76
CA PRO A 289 6.05 -3.82 58.40
C PRO A 289 4.86 -3.49 57.48
N VAL A 290 4.82 -2.27 56.95
CA VAL A 290 3.68 -1.81 56.17
C VAL A 290 3.58 -2.51 54.83
N LEU A 291 4.68 -3.06 54.36
CA LEU A 291 4.65 -3.95 53.23
C LEU A 291 4.30 -5.22 53.94
N CYS A 292 3.54 -6.15 53.38
CA CYS A 292 3.14 -7.32 54.17
C CYS A 292 1.71 -7.12 54.63
N GLN A 293 1.11 -5.98 54.25
CA GLN A 293 -0.15 -5.51 54.81
C GLN A 293 -0.90 -4.57 53.81
N ALA A 294 -2.22 -4.77 53.59
CA ALA A 294 -3.02 -3.96 52.63
C ALA A 294 -2.81 -4.33 51.13
N HIS A 295 -2.49 -5.60 50.92
CA HIS A 295 -1.77 -6.16 49.75
C HIS A 295 -0.38 -6.39 50.37
N GLY A 296 -0.19 -7.65 50.75
CA GLY A 296 0.72 -7.99 51.82
C GLY A 296 1.70 -9.03 51.33
N LEU A 297 2.97 -8.63 51.16
CA LEU A 297 4.00 -9.53 50.66
C LEU A 297 4.70 -10.25 51.80
N THR A 298 5.28 -11.39 51.48
CA THR A 298 6.11 -12.11 52.44
C THR A 298 7.44 -11.41 52.55
N PRO A 299 8.14 -11.60 53.68
CA PRO A 299 9.49 -11.06 53.80
C PRO A 299 10.43 -11.42 52.61
N GLN A 300 10.35 -12.65 52.11
CA GLN A 300 11.18 -13.07 50.99
C GLN A 300 11.03 -12.14 49.81
N GLN A 301 9.80 -11.72 49.56
CA GLN A 301 9.52 -10.80 48.43
C GLN A 301 10.02 -9.37 48.63
N VAL A 302 9.96 -8.91 49.87
CA VAL A 302 10.49 -7.60 50.18
C VAL A 302 11.99 -7.63 49.99
N VAL A 303 12.63 -8.71 50.44
CA VAL A 303 14.06 -8.89 50.22
C VAL A 303 14.38 -8.92 48.74
N ALA A 304 13.55 -9.64 48.00
CA ALA A 304 13.78 -9.75 46.59
C ALA A 304 13.83 -8.37 45.96
N ILE A 305 12.85 -7.53 46.30
CA ILE A 305 12.72 -6.18 45.72
C ILE A 305 13.89 -5.30 46.09
N ALA A 306 14.27 -5.37 47.36
CA ALA A 306 15.33 -4.55 47.89
C ALA A 306 16.73 -4.91 47.40
N SER A 307 16.92 -6.14 46.93
CA SER A 307 18.27 -6.68 46.59
C SER A 307 18.70 -6.34 45.16
N HIS A 308 18.76 -5.04 44.87
CA HIS A 308 19.08 -4.50 43.55
C HIS A 308 19.48 -3.06 43.68
N ASP A 309 20.24 -2.57 42.72
CA ASP A 309 20.59 -1.16 42.69
C ASP A 309 19.32 -0.26 42.67
N GLY A 310 19.23 0.65 43.62
CA GLY A 310 18.03 1.47 43.76
C GLY A 310 16.86 0.78 44.47
N GLY A 311 17.17 -0.13 45.39
CA GLY A 311 16.15 -0.87 46.10
C GLY A 311 15.17 0.03 46.81
N LYS A 312 15.67 1.12 47.38
CA LYS A 312 14.84 2.10 48.05
C LYS A 312 13.71 2.55 47.13
N GLN A 313 14.08 2.90 45.92
CA GLN A 313 13.14 3.47 44.98
C GLN A 313 12.10 2.45 44.60
N ALA A 314 12.53 1.20 44.43
CA ALA A 314 11.63 0.11 44.16
C ALA A 314 10.62 -0.04 45.28
N LEU A 315 11.12 -0.11 46.50
CA LEU A 315 10.27 -0.34 47.67
C LEU A 315 9.27 0.79 47.85
N GLU A 316 9.74 2.03 47.83
CA GLU A 316 8.86 3.18 47.94
C GLU A 316 7.79 3.23 46.84
N THR A 317 8.19 2.93 45.62
CA THR A 317 7.26 2.85 44.50
C THR A 317 6.28 1.68 44.60
N VAL A 318 6.72 0.54 45.13
CA VAL A 318 5.81 -0.57 45.31
C VAL A 318 4.70 -0.21 46.28
N GLN A 319 5.10 0.22 47.47
CA GLN A 319 4.15 0.62 48.49
C GLN A 319 3.16 1.65 47.95
N ARG A 320 3.63 2.57 47.14
CA ARG A 320 2.76 3.60 46.59
C ARG A 320 1.84 3.08 45.50
N LEU A 321 2.33 2.25 44.60
CA LEU A 321 1.54 1.82 43.45
C LEU A 321 0.94 0.43 43.52
N LEU A 322 1.31 -0.36 44.50
CA LEU A 322 0.80 -1.73 44.59
C LEU A 322 -0.74 -1.78 44.58
N PRO A 323 -1.41 -0.94 45.40
CA PRO A 323 -2.86 -0.89 45.30
C PRO A 323 -3.38 -0.52 43.89
N VAL A 324 -3.09 0.69 43.41
CA VAL A 324 -3.62 1.14 42.10
C VAL A 324 -3.40 0.08 41.03
N LEU A 325 -2.22 -0.55 41.02
CA LEU A 325 -1.92 -1.58 40.01
C LEU A 325 -2.77 -2.83 40.20
N CYS A 326 -2.81 -3.32 41.43
CA CYS A 326 -3.56 -4.54 41.72
C CYS A 326 -5.04 -4.36 41.46
N GLN A 327 -5.59 -3.22 41.88
CA GLN A 327 -7.03 -3.02 41.82
C GLN A 327 -7.47 -2.40 40.48
N ALA A 328 -6.88 -1.28 40.11
CA ALA A 328 -7.32 -0.55 38.91
C ALA A 328 -6.87 -1.20 37.61
N HIS A 329 -5.83 -2.03 37.66
CA HIS A 329 -5.38 -2.72 36.46
C HIS A 329 -5.35 -4.24 36.61
N GLY A 330 -5.81 -4.76 37.74
CA GLY A 330 -5.92 -6.20 37.94
C GLY A 330 -4.63 -6.99 37.75
N LEU A 331 -3.69 -6.85 38.67
CA LEU A 331 -2.48 -7.65 38.66
C LEU A 331 -2.26 -8.28 40.03
N THR A 332 -1.82 -9.53 40.04
CA THR A 332 -1.49 -10.18 41.32
C THR A 332 -0.20 -9.54 41.85
N PRO A 333 -0.06 -9.48 43.18
CA PRO A 333 1.19 -9.00 43.78
C PRO A 333 2.40 -9.78 43.25
N GLN A 334 2.22 -11.08 43.05
CA GLN A 334 3.19 -11.93 42.36
C GLN A 334 3.85 -11.23 41.17
N GLN A 335 3.02 -10.58 40.36
CA GLN A 335 3.52 -9.89 39.16
C GLN A 335 4.15 -8.53 39.43
N VAL A 336 3.61 -7.81 40.39
CA VAL A 336 4.16 -6.52 40.71
C VAL A 336 5.54 -6.74 41.31
N VAL A 337 5.68 -7.76 42.15
CA VAL A 337 7.01 -8.09 42.69
C VAL A 337 7.98 -8.39 41.52
N ALA A 338 7.58 -9.26 40.61
CA ALA A 338 8.40 -9.57 39.45
C ALA A 338 8.95 -8.30 38.81
N ILE A 339 8.08 -7.32 38.60
CA ILE A 339 8.45 -6.10 37.89
C ILE A 339 9.45 -5.28 38.67
N ALA A 340 9.24 -5.23 39.97
CA ALA A 340 10.07 -4.42 40.86
C ALA A 340 11.37 -5.07 41.29
N SER A 341 11.55 -6.35 40.98
CA SER A 341 12.76 -7.07 41.38
C SER A 341 13.86 -7.04 40.30
N ASN A 342 14.09 -5.88 39.72
CA ASN A 342 15.19 -5.66 38.78
C ASN A 342 15.71 -4.23 38.93
N ASN A 343 16.89 -3.97 38.42
CA ASN A 343 17.36 -2.60 38.37
C ASN A 343 16.33 -1.73 37.67
N GLY A 344 16.04 -0.57 38.23
CA GLY A 344 15.01 0.29 37.67
C GLY A 344 13.59 -0.12 37.99
N GLY A 345 13.39 -0.90 39.06
CA GLY A 345 12.06 -1.33 39.47
C GLY A 345 11.08 -0.16 39.52
N LYS A 346 11.49 0.92 40.18
CA LYS A 346 10.64 2.12 40.24
C LYS A 346 10.26 2.59 38.86
N GLN A 347 11.22 2.64 37.95
CA GLN A 347 10.93 3.12 36.62
C GLN A 347 10.00 2.20 35.88
N ALA A 348 10.15 0.91 36.13
CA ALA A 348 9.35 -0.08 35.45
C ALA A 348 7.91 0.00 35.87
N LEU A 349 7.67 0.07 37.18
CA LEU A 349 6.32 0.12 37.70
C LEU A 349 5.62 1.35 37.14
N GLU A 350 6.27 2.49 37.26
CA GLU A 350 5.67 3.74 36.82
C GLU A 350 5.32 3.69 35.34
N THR A 351 6.23 3.17 34.54
CA THR A 351 6.00 3.06 33.12
C THR A 351 4.85 2.11 32.84
N VAL A 352 4.80 1.01 33.57
CA VAL A 352 3.73 0.03 33.38
C VAL A 352 2.39 0.68 33.66
N GLN A 353 2.22 1.15 34.87
CA GLN A 353 1.01 1.87 35.23
C GLN A 353 0.50 2.73 34.07
N ARG A 354 1.37 3.58 33.51
CA ARG A 354 0.90 4.58 32.54
C ARG A 354 0.72 3.96 31.15
N LEU A 355 1.51 2.94 30.83
CA LEU A 355 1.43 2.33 29.51
C LEU A 355 0.56 1.07 29.40
N LEU A 356 0.13 0.49 30.51
CA LEU A 356 -0.65 -0.74 30.42
C LEU A 356 -1.92 -0.52 29.58
N PRO A 357 -2.78 0.43 29.99
CA PRO A 357 -3.96 0.72 29.18
C PRO A 357 -3.64 0.87 27.71
N VAL A 358 -2.63 1.68 27.40
CA VAL A 358 -2.35 2.03 26.03
C VAL A 358 -2.06 0.75 25.25
N LEU A 359 -1.13 -0.05 25.76
CA LEU A 359 -0.67 -1.25 25.07
C LEU A 359 -1.75 -2.30 24.88
N CYS A 360 -2.58 -2.47 25.89
CA CYS A 360 -3.61 -3.49 25.83
C CYS A 360 -4.73 -3.08 24.90
N GLN A 361 -5.10 -1.81 24.95
CA GLN A 361 -6.19 -1.35 24.11
C GLN A 361 -5.74 -1.04 22.67
N ALA A 362 -4.84 -0.07 22.49
CA ALA A 362 -4.48 0.42 21.15
C ALA A 362 -3.68 -0.59 20.33
N HIS A 363 -2.91 -1.45 21.00
CA HIS A 363 -2.04 -2.41 20.29
C HIS A 363 -2.42 -3.87 20.51
N GLY A 364 -3.39 -4.15 21.39
CA GLY A 364 -3.94 -5.49 21.53
C GLY A 364 -3.01 -6.52 22.14
N LEU A 365 -2.50 -6.24 23.33
CA LEU A 365 -1.70 -7.19 24.07
C LEU A 365 -2.43 -7.62 25.31
N THR A 366 -2.16 -8.85 25.75
CA THR A 366 -2.67 -9.32 27.01
C THR A 366 -1.79 -8.70 28.07
N PRO A 367 -2.31 -8.54 29.29
CA PRO A 367 -1.42 -8.10 30.36
C PRO A 367 -0.26 -9.06 30.61
N GLU A 368 -0.51 -10.38 30.57
CA GLU A 368 0.56 -11.37 30.82
C GLU A 368 1.81 -10.98 30.06
N GLN A 369 1.60 -10.60 28.80
CA GLN A 369 2.66 -10.12 27.93
C GLN A 369 3.36 -8.86 28.44
N VAL A 370 2.58 -7.81 28.68
CA VAL A 370 3.15 -6.56 29.15
C VAL A 370 4.01 -6.79 30.38
N VAL A 371 3.53 -7.60 31.32
CA VAL A 371 4.30 -7.87 32.52
C VAL A 371 5.60 -8.61 32.21
N ALA A 372 5.58 -9.52 31.24
CA ALA A 372 6.78 -10.24 30.86
C ALA A 372 7.85 -9.27 30.37
N ILE A 373 7.41 -8.28 29.60
CA ILE A 373 8.31 -7.24 29.11
C ILE A 373 8.88 -6.41 30.25
N ALA A 374 8.01 -6.00 31.16
CA ALA A 374 8.41 -5.20 32.29
C ALA A 374 9.18 -5.98 33.36
N SER A 375 9.09 -7.30 33.37
CA SER A 375 9.74 -8.12 34.42
C SER A 375 11.26 -8.37 34.15
N ASN A 376 11.90 -7.47 33.43
CA ASN A 376 13.31 -7.54 33.19
C ASN A 376 13.94 -6.22 33.50
N GLY A 377 15.27 -6.21 33.64
CA GLY A 377 15.99 -4.97 33.77
C GLY A 377 15.80 -4.15 32.53
N GLY A 378 15.60 -2.85 32.72
CA GLY A 378 15.29 -1.97 31.60
C GLY A 378 13.88 -2.13 31.07
N GLY A 379 12.95 -2.45 31.95
CA GLY A 379 11.58 -2.64 31.55
C GLY A 379 11.02 -1.40 30.89
N LYS A 380 11.24 -0.25 31.54
CA LYS A 380 10.74 1.02 31.03
C LYS A 380 11.17 1.25 29.62
N GLN A 381 12.40 0.84 29.33
CA GLN A 381 12.97 1.04 28.01
C GLN A 381 12.34 0.13 26.94
N ALA A 382 12.08 -1.11 27.33
CA ALA A 382 11.44 -2.06 26.44
C ALA A 382 10.00 -1.69 26.18
N LEU A 383 9.28 -1.35 27.23
CA LEU A 383 7.89 -0.97 27.11
C LEU A 383 7.74 0.18 26.18
N GLU A 384 8.57 1.20 26.36
CA GLU A 384 8.44 2.40 25.56
C GLU A 384 8.81 2.16 24.11
N THR A 385 9.72 1.22 23.90
CA THR A 385 10.19 0.88 22.58
C THR A 385 9.20 -0.03 21.89
N VAL A 386 8.53 -0.89 22.64
CA VAL A 386 7.46 -1.67 22.06
C VAL A 386 6.42 -0.73 21.50
N GLN A 387 5.99 0.23 22.31
CA GLN A 387 4.99 1.17 21.87
C GLN A 387 5.37 1.80 20.54
N ARG A 388 6.55 2.38 20.45
CA ARG A 388 6.99 3.01 19.20
C ARG A 388 7.04 2.01 18.07
N LEU A 389 7.79 0.94 18.27
CA LEU A 389 8.21 0.09 17.18
C LEU A 389 7.30 -1.08 16.84
N LEU A 390 6.27 -1.34 17.64
CA LEU A 390 5.39 -2.47 17.35
C LEU A 390 4.65 -2.31 16.00
N PRO A 391 3.97 -1.18 15.78
CA PRO A 391 3.37 -0.96 14.48
C PRO A 391 4.34 -1.14 13.34
N VAL A 392 5.44 -0.39 13.34
CA VAL A 392 6.32 -0.35 12.17
C VAL A 392 6.99 -1.70 11.92
N LEU A 393 7.22 -2.47 12.98
CA LEU A 393 7.78 -3.81 12.85
C LEU A 393 6.80 -4.78 12.24
N CYS A 394 5.55 -4.67 12.65
CA CYS A 394 4.52 -5.55 12.14
C CYS A 394 4.17 -5.29 10.67
N GLN A 395 4.07 -4.01 10.30
CA GLN A 395 3.79 -3.66 8.92
C GLN A 395 5.07 -3.64 8.07
N ALA A 396 5.82 -2.54 8.12
CA ALA A 396 6.98 -2.34 7.22
C ALA A 396 7.89 -3.57 7.09
N HIS A 397 8.09 -4.30 8.19
CA HIS A 397 9.00 -5.45 8.21
C HIS A 397 8.33 -6.82 8.32
N GLY A 398 7.02 -6.84 8.54
CA GLY A 398 6.25 -8.07 8.39
C GLY A 398 6.49 -9.07 9.50
N LEU A 399 6.30 -8.64 10.73
CA LEU A 399 6.46 -9.50 11.88
C LEU A 399 5.10 -9.63 12.55
N THR A 400 5.06 -10.15 13.75
CA THR A 400 3.78 -10.43 14.39
C THR A 400 3.96 -10.04 15.82
N PRO A 401 2.89 -9.60 16.49
CA PRO A 401 2.99 -9.20 17.89
C PRO A 401 3.66 -10.20 18.84
N GLU A 402 3.34 -11.50 18.74
CA GLU A 402 3.91 -12.47 19.71
C GLU A 402 5.42 -12.48 19.60
N GLN A 403 5.90 -12.31 18.37
CA GLN A 403 7.32 -12.26 18.10
C GLN A 403 7.95 -10.99 18.67
N VAL A 404 7.32 -9.85 18.41
CA VAL A 404 7.82 -8.59 18.94
C VAL A 404 7.89 -8.66 20.46
N VAL A 405 6.92 -9.32 21.08
CA VAL A 405 6.94 -9.50 22.53
C VAL A 405 8.09 -10.42 22.98
N ALA A 406 8.39 -11.41 22.17
CA ALA A 406 9.48 -12.32 22.49
C ALA A 406 10.84 -11.62 22.46
N ILE A 407 11.03 -10.74 21.50
CA ILE A 407 12.26 -9.96 21.42
C ILE A 407 12.39 -9.03 22.61
N ALA A 408 11.30 -8.36 22.93
CA ALA A 408 11.27 -7.38 23.99
C ALA A 408 11.38 -8.00 25.38
N SER A 409 11.06 -9.28 25.51
CA SER A 409 10.97 -9.91 26.83
C SER A 409 12.30 -10.43 27.34
N HIS A 410 13.32 -9.59 27.24
CA HIS A 410 14.66 -9.93 27.67
C HIS A 410 15.42 -8.70 28.07
N ASP A 411 16.48 -8.87 28.85
CA ASP A 411 17.31 -7.73 29.23
C ASP A 411 17.86 -7.13 27.97
N GLY A 412 17.71 -5.82 27.84
CA GLY A 412 18.11 -5.12 26.61
C GLY A 412 17.12 -5.31 25.49
N GLY A 413 15.85 -5.46 25.84
CA GLY A 413 14.81 -5.59 24.86
C GLY A 413 14.89 -4.44 23.88
N LYS A 414 14.98 -3.23 24.41
CA LYS A 414 15.01 -2.07 23.56
C LYS A 414 16.04 -2.18 22.45
N GLN A 415 17.22 -2.66 22.80
CA GLN A 415 18.28 -2.70 21.85
C GLN A 415 17.97 -3.71 20.75
N ALA A 416 17.41 -4.83 21.16
CA ALA A 416 17.10 -5.91 20.25
C ALA A 416 16.08 -5.43 19.25
N LEU A 417 15.01 -4.84 19.76
CA LEU A 417 13.96 -4.30 18.90
C LEU A 417 14.53 -3.34 17.87
N GLU A 418 15.30 -2.37 18.34
CA GLU A 418 15.87 -1.38 17.44
C GLU A 418 16.81 -1.98 16.44
N THR A 419 17.55 -2.98 16.86
CA THR A 419 18.55 -3.57 16.00
C THR A 419 17.91 -4.44 14.94
N VAL A 420 16.83 -5.09 15.30
CA VAL A 420 16.06 -5.85 14.34
C VAL A 420 15.57 -4.92 13.24
N GLN A 421 14.96 -3.83 13.64
CA GLN A 421 14.54 -2.80 12.68
C GLN A 421 15.63 -2.48 11.67
N ARG A 422 16.84 -2.21 12.17
CA ARG A 422 17.96 -1.88 11.29
C ARG A 422 18.37 -3.02 10.38
N LEU A 423 18.43 -4.24 10.89
CA LEU A 423 19.11 -5.30 10.19
C LEU A 423 18.24 -6.35 9.54
N LEU A 424 17.00 -6.47 10.00
CA LEU A 424 16.10 -7.46 9.41
C LEU A 424 16.07 -7.44 7.88
N PRO A 425 16.04 -6.24 7.26
CA PRO A 425 16.10 -6.26 5.80
C PRO A 425 17.42 -6.79 5.23
N VAL A 426 18.52 -6.11 5.52
CA VAL A 426 19.81 -6.51 4.97
C VAL A 426 20.06 -8.00 5.20
N LEU A 427 19.72 -8.49 6.38
CA LEU A 427 19.88 -9.92 6.68
C LEU A 427 19.00 -10.79 5.80
N CYS A 428 17.72 -10.44 5.71
CA CYS A 428 16.79 -11.28 4.98
C CYS A 428 16.99 -11.25 3.47
N GLN A 429 16.91 -10.07 2.86
CA GLN A 429 17.09 -9.99 1.39
C GLN A 429 18.55 -10.20 1.02
N ALA A 430 19.45 -9.38 1.56
CA ALA A 430 20.85 -9.45 1.14
C ALA A 430 21.65 -10.68 1.58
N HIS A 431 21.24 -11.40 2.62
CA HIS A 431 21.95 -12.62 3.05
C HIS A 431 21.10 -13.87 3.20
N GLY A 432 19.84 -13.77 2.82
CA GLY A 432 18.99 -14.96 2.70
C GLY A 432 18.71 -15.65 4.02
N LEU A 433 18.35 -14.88 5.02
CA LEU A 433 17.88 -15.44 6.27
C LEU A 433 16.38 -15.30 6.33
N THR A 434 15.73 -16.22 7.03
CA THR A 434 14.28 -16.16 7.20
C THR A 434 14.00 -15.29 8.42
N PRO A 435 12.92 -14.51 8.38
CA PRO A 435 12.60 -13.73 9.56
C PRO A 435 12.52 -14.55 10.84
N GLN A 436 12.03 -15.80 10.79
CA GLN A 436 11.90 -16.60 12.01
C GLN A 436 13.28 -16.78 12.65
N GLN A 437 14.30 -16.96 11.81
CA GLN A 437 15.68 -17.05 12.26
C GLN A 437 16.12 -15.76 12.97
N VAL A 438 15.96 -14.62 12.28
CA VAL A 438 16.35 -13.32 12.83
C VAL A 438 15.73 -13.06 14.20
N VAL A 439 14.47 -13.42 14.35
CA VAL A 439 13.80 -13.27 15.62
C VAL A 439 14.35 -14.22 16.67
N ALA A 440 14.76 -15.42 16.28
CA ALA A 440 15.27 -16.37 17.24
C ALA A 440 16.60 -15.92 17.80
N ILE A 441 17.46 -15.39 16.93
CA ILE A 441 18.72 -14.81 17.34
C ILE A 441 18.52 -13.70 18.34
N ALA A 442 17.55 -12.84 18.06
CA ALA A 442 17.27 -11.65 18.88
C ALA A 442 16.50 -11.92 20.15
N SER A 443 15.89 -13.10 20.27
CA SER A 443 15.05 -13.40 21.44
C SER A 443 15.88 -13.97 22.58
N ASN A 444 16.91 -13.23 22.95
CA ASN A 444 17.83 -13.63 23.97
C ASN A 444 18.48 -12.38 24.55
N GLY A 445 19.10 -12.50 25.73
CA GLY A 445 20.00 -11.46 26.22
C GLY A 445 21.09 -11.27 25.18
N GLY A 446 21.67 -10.09 25.11
CA GLY A 446 22.68 -9.81 24.10
C GLY A 446 22.24 -10.02 22.68
N GLY A 447 20.95 -9.81 22.42
CA GLY A 447 20.37 -9.98 21.10
C GLY A 447 20.93 -9.02 20.08
N ARG A 448 21.18 -7.78 20.49
CA ARG A 448 21.76 -6.81 19.58
C ARG A 448 23.16 -7.20 19.17
N PRO A 449 24.06 -7.42 20.13
CA PRO A 449 25.37 -7.79 19.66
C PRO A 449 25.36 -9.07 18.82
N ALA A 450 24.46 -10.00 19.13
CA ALA A 450 24.34 -11.22 18.35
C ALA A 450 24.07 -10.86 16.92
N LEU A 451 23.04 -10.07 16.69
CA LEU A 451 22.68 -9.64 15.37
C LEU A 451 23.81 -8.88 14.70
N GLU A 452 24.34 -7.86 15.35
CA GLU A 452 25.44 -7.13 14.76
C GLU A 452 26.60 -8.00 14.36
N SER A 453 26.97 -8.93 15.23
CA SER A 453 28.07 -9.85 14.95
C SER A 453 27.79 -10.70 13.73
N ILE A 454 26.60 -11.27 13.69
CA ILE A 454 26.23 -12.16 12.60
C ILE A 454 26.26 -11.45 11.24
N VAL A 455 25.86 -10.19 11.20
CA VAL A 455 25.95 -9.40 9.99
C VAL A 455 27.40 -9.28 9.57
N ALA A 456 28.22 -8.74 10.46
CA ALA A 456 29.63 -8.49 10.15
C ALA A 456 30.36 -9.74 9.64
N GLN A 457 29.89 -10.92 10.05
CA GLN A 457 30.52 -12.20 9.64
C GLN A 457 30.09 -12.63 8.25
N LEU A 458 28.94 -12.17 7.79
CA LEU A 458 28.47 -12.44 6.42
C LEU A 458 28.89 -11.33 5.46
N SER A 459 28.73 -10.08 5.87
CA SER A 459 28.97 -8.92 4.99
C SER A 459 30.39 -8.83 4.52
N ARG A 460 31.30 -9.19 5.41
CA ARG A 460 32.71 -8.99 5.15
C ARG A 460 33.35 -10.21 5.77
N PRO A 461 33.13 -11.35 5.11
CA PRO A 461 33.33 -12.67 5.70
C PRO A 461 34.63 -12.82 6.50
N ASP A 462 34.54 -12.45 7.79
CA ASP A 462 35.70 -12.33 8.70
C ASP A 462 36.58 -13.61 8.74
N PRO A 463 37.63 -13.68 9.59
CA PRO A 463 38.64 -14.79 9.47
C PRO A 463 38.22 -16.25 9.07
N ALA A 464 37.20 -16.82 9.70
CA ALA A 464 36.78 -18.21 9.38
C ALA A 464 36.15 -18.31 7.97
N LEU A 465 37.00 -18.33 6.93
CA LEU A 465 36.48 -18.35 5.55
C LEU A 465 35.62 -19.58 5.30
N ALA A 466 34.28 -19.40 5.33
CA ALA A 466 33.29 -20.40 4.86
C ALA A 466 33.15 -21.63 5.78
N ALA A 467 33.95 -21.69 6.84
CA ALA A 467 34.03 -22.87 7.70
C ALA A 467 32.64 -23.47 7.98
N LEU A 468 31.79 -22.63 8.58
CA LEU A 468 30.39 -22.98 8.83
C LEU A 468 29.46 -22.29 7.83
N THR A 469 28.36 -22.97 7.48
CA THR A 469 27.35 -22.39 6.63
C THR A 469 26.44 -21.55 7.49
N ASN A 470 25.51 -20.86 6.85
CA ASN A 470 24.74 -19.83 7.53
C ASN A 470 23.77 -20.39 8.54
N ASP A 471 23.18 -21.54 8.27
CA ASP A 471 22.23 -22.10 9.24
C ASP A 471 22.94 -22.45 10.54
N HIS A 472 24.24 -22.70 10.47
CA HIS A 472 25.01 -22.98 11.67
C HIS A 472 25.22 -21.69 12.41
N LEU A 473 25.82 -20.72 11.74
CA LEU A 473 26.01 -19.43 12.37
C LEU A 473 24.78 -18.93 13.11
N VAL A 474 23.62 -19.11 12.55
CA VAL A 474 22.38 -18.76 13.18
C VAL A 474 22.15 -19.63 14.42
N ALA A 475 22.40 -20.93 14.28
CA ALA A 475 22.24 -21.85 15.40
C ALA A 475 23.13 -21.39 16.55
N LEU A 476 24.41 -21.21 16.26
CA LEU A 476 25.38 -20.70 17.21
C LEU A 476 24.92 -19.42 17.80
N ALA A 477 24.60 -18.46 16.95
CA ALA A 477 24.17 -17.16 17.42
C ALA A 477 22.98 -17.23 18.35
N CYS A 478 22.06 -18.17 18.16
CA CYS A 478 20.95 -18.31 19.09
C CYS A 478 21.39 -18.98 20.38
N LEU A 479 22.37 -19.85 20.24
CA LEU A 479 22.89 -20.62 21.34
C LEU A 479 23.67 -19.78 22.31
N GLY A 480 24.46 -18.83 21.82
CA GLY A 480 25.22 -17.92 22.68
C GLY A 480 25.79 -16.71 21.97
N GLY A 481 24.91 -15.96 21.38
CA GLY A 481 25.22 -14.75 20.62
C GLY A 481 26.65 -14.43 20.27
N ARG A 482 27.08 -13.22 20.59
CA ARG A 482 28.36 -12.78 20.14
C ARG A 482 29.49 -13.62 20.75
N PRO A 483 29.41 -13.95 22.05
CA PRO A 483 30.43 -14.81 22.63
C PRO A 483 30.70 -16.06 21.82
N ALA A 484 29.67 -16.79 21.43
CA ALA A 484 29.82 -18.00 20.67
C ALA A 484 30.37 -17.73 19.29
N LEU A 485 29.93 -16.65 18.67
CA LEU A 485 30.47 -16.29 17.35
C LEU A 485 31.92 -15.83 17.42
N ASP A 486 32.25 -15.04 18.43
CA ASP A 486 33.63 -14.61 18.64
C ASP A 486 34.51 -15.80 18.95
N ALA A 487 33.97 -16.74 19.72
CA ALA A 487 34.70 -17.95 20.09
C ALA A 487 34.96 -18.90 18.91
N VAL A 488 34.47 -18.56 17.74
CA VAL A 488 34.66 -19.38 16.56
C VAL A 488 35.75 -18.75 15.71
N LYS A 489 35.68 -17.44 15.47
CA LYS A 489 36.81 -16.72 14.87
C LYS A 489 38.07 -17.15 15.62
N LYS A 490 38.07 -16.96 16.93
CA LYS A 490 39.25 -17.30 17.70
C LYS A 490 39.44 -18.81 17.73
N LEU A 491 39.14 -19.51 16.61
CA LEU A 491 39.63 -20.88 16.37
C LEU A 491 40.25 -21.00 14.97
N GLU A 492 41.08 -20.03 14.58
CA GLU A 492 42.03 -20.19 13.42
C GLU A 492 43.41 -19.49 13.51
N HIS A 493 43.83 -18.98 14.67
CA HIS A 493 45.25 -18.56 14.87
C HIS A 493 46.24 -19.73 14.80
P 5HC B 9 24.72 5.78 49.53
OP1 5HC B 9 23.65 6.15 50.50
OP2 5HC B 9 25.37 4.44 49.76
O5' 5HC B 9 24.13 5.93 48.07
C5' 5HC B 9 23.04 6.81 48.00
C4' 5HC B 9 22.57 6.97 46.59
O4' 5HC B 9 23.66 7.10 45.69
C3' 5HC B 9 21.74 5.79 46.14
O3' 5HC B 9 20.41 6.22 46.00
C2' 5HC B 9 22.31 5.42 44.80
C1' 5HC B 9 23.24 6.55 44.45
N1 5HC B 9 24.41 6.15 43.69
C2 5HC B 9 24.58 6.55 42.36
O2 5HC B 9 23.70 7.22 41.77
N3 5HC B 9 25.69 6.20 41.66
C4 5HC B 9 26.68 5.49 42.24
N4 5HC B 9 27.78 5.14 41.55
C5 5HC B 9 26.50 5.08 43.65
C5M 5HC B 9 27.55 4.28 44.33
O5 5HC B 9 27.69 3.12 43.51
C6 5HC B 9 25.34 5.45 44.31
N MET D 1 2.21 -57.49 -10.71
CA MET D 1 1.35 -56.75 -11.68
C MET D 1 1.79 -56.91 -13.14
N GLN D 2 3.07 -57.31 -13.34
CA GLN D 2 3.89 -56.88 -14.48
C GLN D 2 4.48 -58.04 -15.28
N TRP D 3 4.54 -57.90 -16.62
CA TRP D 3 4.98 -58.99 -17.54
C TRP D 3 6.46 -58.89 -17.96
N SER D 4 7.32 -59.81 -17.50
CA SER D 4 8.81 -59.75 -17.75
C SER D 4 9.67 -60.90 -17.14
N GLY D 5 9.83 -60.93 -15.79
CA GLY D 5 10.59 -61.98 -15.04
C GLY D 5 10.00 -62.42 -13.70
N ALA D 6 10.64 -63.41 -13.04
CA ALA D 6 10.33 -63.81 -11.64
C ALA D 6 11.58 -64.01 -10.71
N ARG D 7 11.25 -64.09 -9.41
CA ARG D 7 12.15 -64.52 -8.26
C ARG D 7 12.41 -63.52 -7.11
N ALA D 8 12.48 -62.27 -7.51
CA ALA D 8 12.79 -61.19 -6.60
C ALA D 8 11.49 -60.80 -5.93
N LEU D 9 10.38 -61.16 -6.58
CA LEU D 9 9.05 -61.07 -5.94
C LEU D 9 9.05 -61.57 -4.51
N GLU D 10 9.88 -62.58 -4.26
CA GLU D 10 10.16 -63.06 -2.92
C GLU D 10 10.61 -61.97 -1.93
N ALA D 11 11.72 -61.30 -2.27
CA ALA D 11 12.21 -60.15 -1.48
C ALA D 11 11.14 -59.05 -1.25
N LEU D 12 10.08 -59.06 -2.06
CA LEU D 12 8.91 -58.18 -1.86
C LEU D 12 7.90 -58.65 -0.82
N LEU D 13 7.72 -59.96 -0.71
CA LEU D 13 6.70 -60.45 0.22
C LEU D 13 7.28 -60.34 1.60
N THR D 14 8.61 -60.51 1.70
CA THR D 14 9.31 -60.33 2.95
C THR D 14 9.00 -58.94 3.49
N VAL D 15 9.32 -57.92 2.68
CA VAL D 15 9.08 -56.51 3.02
C VAL D 15 7.60 -56.22 3.30
N ALA D 16 6.74 -56.68 2.39
CA ALA D 16 5.29 -56.47 2.49
C ALA D 16 4.70 -56.91 3.86
N GLY D 17 5.17 -58.05 4.37
CA GLY D 17 4.69 -58.58 5.65
C GLY D 17 5.20 -57.83 6.86
N GLU D 18 6.48 -57.42 6.80
CA GLU D 18 7.13 -56.63 7.85
C GLU D 18 6.45 -55.28 8.13
N LEU D 19 5.83 -54.69 7.10
CA LEU D 19 5.13 -53.41 7.26
C LEU D 19 3.78 -53.56 7.97
N ARG D 20 3.26 -54.79 8.03
CA ARG D 20 2.12 -55.11 8.90
C ARG D 20 2.61 -55.04 10.37
N GLY D 21 3.92 -55.27 10.54
CA GLY D 21 4.61 -55.14 11.83
C GLY D 21 4.84 -53.77 12.49
N PRO D 22 5.68 -53.75 13.56
CA PRO D 22 5.70 -52.80 14.69
C PRO D 22 6.35 -51.41 14.55
N PRO D 23 6.60 -50.90 13.35
CA PRO D 23 6.59 -49.43 13.37
C PRO D 23 5.27 -48.93 12.88
N LEU D 24 4.69 -49.60 11.88
CA LEU D 24 3.51 -49.11 11.17
C LEU D 24 2.45 -50.23 10.96
N GLN D 25 1.50 -50.37 11.88
CA GLN D 25 0.48 -51.44 11.79
C GLN D 25 -0.34 -51.25 10.49
N LEU D 26 0.15 -51.81 9.38
CA LEU D 26 -0.49 -51.62 8.09
C LEU D 26 -1.40 -52.77 7.73
N ASP D 27 -2.67 -52.46 7.49
CA ASP D 27 -3.57 -53.44 6.91
C ASP D 27 -3.35 -53.54 5.40
N THR D 28 -4.04 -54.48 4.76
CA THR D 28 -3.94 -54.64 3.30
C THR D 28 -4.41 -53.39 2.57
N GLY D 29 -5.61 -52.92 2.92
CA GLY D 29 -6.20 -51.73 2.33
C GLY D 29 -5.19 -50.63 2.05
N GLN D 30 -4.23 -50.47 2.95
CA GLN D 30 -3.23 -49.43 2.79
C GLN D 30 -2.11 -49.90 1.87
N LEU D 31 -1.52 -51.06 2.19
CA LEU D 31 -0.49 -51.67 1.33
C LEU D 31 -0.88 -51.66 -0.13
N LEU D 32 -2.09 -52.12 -0.41
CA LEU D 32 -2.71 -51.93 -1.73
C LEU D 32 -2.57 -50.46 -2.17
N LYS D 33 -3.12 -49.54 -1.37
CA LYS D 33 -3.19 -48.10 -1.73
C LYS D 33 -1.83 -47.54 -2.15
N ILE D 34 -0.81 -47.93 -1.39
CA ILE D 34 0.55 -47.52 -1.65
C ILE D 34 1.03 -48.13 -2.96
N ALA D 35 0.95 -49.45 -3.05
CA ALA D 35 1.36 -50.14 -4.26
C ALA D 35 0.67 -49.50 -5.47
N LYS D 36 -0.66 -49.46 -5.44
CA LYS D 36 -1.48 -48.97 -6.55
C LYS D 36 -1.08 -47.59 -7.09
N ARG D 37 -0.92 -46.58 -6.24
CA ARG D 37 -0.57 -45.25 -6.77
C ARG D 37 0.90 -44.89 -6.54
N GLY D 38 1.58 -45.60 -5.66
CA GLY D 38 2.98 -45.33 -5.38
C GLY D 38 3.96 -46.13 -6.23
N GLY D 39 3.71 -47.42 -6.38
CA GLY D 39 4.61 -48.31 -7.10
C GLY D 39 5.37 -49.16 -6.11
N VAL D 40 6.18 -50.07 -6.62
CA VAL D 40 6.96 -50.93 -5.74
C VAL D 40 8.06 -50.14 -5.02
N THR D 41 8.72 -49.23 -5.74
CA THR D 41 9.76 -48.41 -5.12
C THR D 41 9.17 -47.70 -3.92
N ALA D 42 7.94 -47.17 -4.08
CA ALA D 42 7.23 -46.55 -2.98
C ALA D 42 7.11 -47.49 -1.77
N VAL D 43 6.61 -48.70 -2.01
CA VAL D 43 6.47 -49.70 -0.96
C VAL D 43 7.82 -50.06 -0.34
N GLU D 44 8.81 -50.32 -1.18
CA GLU D 44 10.18 -50.57 -0.72
C GLU D 44 10.70 -49.45 0.16
N ALA D 45 10.54 -48.23 -0.33
CA ALA D 45 10.97 -47.03 0.38
C ALA D 45 10.41 -46.93 1.79
N VAL D 46 9.12 -47.22 1.92
CA VAL D 46 8.49 -47.13 3.23
C VAL D 46 9.24 -48.01 4.20
N HIS D 47 9.31 -49.31 3.88
CA HIS D 47 10.09 -50.26 4.67
C HIS D 47 11.49 -49.72 4.86
N ALA D 48 12.16 -49.42 3.76
CA ALA D 48 13.53 -48.96 3.75
C ALA D 48 13.83 -48.00 4.90
N TRP D 49 13.02 -46.96 5.02
CA TRP D 49 13.20 -46.04 6.11
C TRP D 49 11.88 -45.72 6.79
N ARG D 50 11.35 -46.73 7.48
CA ARG D 50 10.12 -46.57 8.27
C ARG D 50 10.42 -46.06 9.69
N ASN D 51 11.53 -46.49 10.27
CA ASN D 51 11.91 -46.06 11.62
C ASN D 51 12.35 -44.59 11.66
N ALA D 52 13.03 -44.15 10.60
CA ALA D 52 13.42 -42.73 10.44
C ALA D 52 12.21 -41.78 10.46
N LEU D 53 11.07 -42.26 9.95
CA LEU D 53 9.87 -41.44 9.83
C LEU D 53 8.98 -41.38 11.08
N THR D 54 8.99 -42.42 11.91
CA THR D 54 8.01 -42.53 12.99
C THR D 54 8.52 -41.89 14.28
N GLY D 55 9.82 -41.94 14.50
CA GLY D 55 10.41 -41.26 15.63
C GLY D 55 11.28 -40.15 15.11
N ALA D 56 12.42 -39.94 15.78
CA ALA D 56 13.47 -39.03 15.33
C ALA D 56 12.87 -37.60 15.33
N PRO D 57 13.37 -36.67 14.48
CA PRO D 57 12.71 -35.35 14.53
C PRO D 57 11.34 -35.26 13.87
N LEU D 58 10.90 -36.32 13.18
CA LEU D 58 9.73 -36.22 12.29
C LEU D 58 8.43 -36.68 12.94
N ASN D 59 8.51 -37.77 13.71
CA ASN D 59 7.36 -38.29 14.42
C ASN D 59 6.10 -38.24 13.62
N LEU D 60 6.14 -38.82 12.43
CA LEU D 60 4.96 -38.96 11.62
C LEU D 60 4.14 -40.16 12.08
N THR D 61 2.86 -40.13 11.76
CA THR D 61 1.98 -41.25 12.05
C THR D 61 1.88 -42.13 10.82
N PRO D 62 1.60 -43.42 11.03
CA PRO D 62 1.44 -44.33 9.90
C PRO D 62 0.57 -43.74 8.82
N GLU D 63 -0.56 -43.18 9.23
CA GLU D 63 -1.56 -42.75 8.26
C GLU D 63 -0.98 -41.62 7.41
N GLN D 64 -0.09 -40.82 7.99
CA GLN D 64 0.57 -39.76 7.24
C GLN D 64 1.62 -40.30 6.27
N VAL D 65 2.32 -41.32 6.70
CA VAL D 65 3.31 -41.96 5.87
C VAL D 65 2.64 -42.54 4.65
N VAL D 66 1.56 -43.27 4.87
CA VAL D 66 0.77 -43.80 3.78
C VAL D 66 0.40 -42.66 2.84
N ALA D 67 -0.13 -41.58 3.39
CA ALA D 67 -0.64 -40.47 2.57
C ALA D 67 0.42 -39.89 1.65
N ILE D 68 1.63 -39.71 2.16
CA ILE D 68 2.70 -39.15 1.36
C ILE D 68 3.10 -40.15 0.26
N ALA D 69 3.19 -41.41 0.65
CA ALA D 69 3.68 -42.47 -0.22
C ALA D 69 2.76 -42.78 -1.38
N SER D 70 1.45 -42.72 -1.18
CA SER D 70 0.48 -43.18 -2.17
C SER D 70 0.29 -42.19 -3.31
N HIS D 71 1.37 -41.95 -4.05
CA HIS D 71 1.37 -41.01 -5.16
C HIS D 71 2.53 -41.28 -6.11
N ASP D 72 2.40 -40.81 -7.34
CA ASP D 72 3.45 -40.96 -8.33
C ASP D 72 4.69 -40.20 -7.85
N GLY D 73 5.80 -40.90 -7.72
CA GLY D 73 6.99 -40.35 -7.10
C GLY D 73 6.88 -40.26 -5.58
N GLY D 74 6.23 -41.24 -4.98
CA GLY D 74 6.18 -41.34 -3.52
C GLY D 74 7.56 -41.48 -2.91
N LYS D 75 8.40 -42.29 -3.53
CA LYS D 75 9.74 -42.54 -3.02
C LYS D 75 10.47 -41.22 -2.83
N GLN D 76 10.33 -40.35 -3.82
CA GLN D 76 11.03 -39.08 -3.82
C GLN D 76 10.52 -38.20 -2.69
N ALA D 77 9.18 -38.12 -2.60
CA ALA D 77 8.55 -37.32 -1.57
C ALA D 77 8.89 -37.79 -0.15
N LEU D 78 8.93 -39.10 0.07
CA LEU D 78 9.35 -39.64 1.37
C LEU D 78 10.79 -39.26 1.71
N GLU D 79 11.64 -39.36 0.72
CA GLU D 79 13.04 -39.03 0.87
C GLU D 79 13.21 -37.52 1.08
N THR D 80 12.41 -36.73 0.38
CA THR D 80 12.47 -35.26 0.49
C THR D 80 12.00 -34.76 1.83
N VAL D 81 10.88 -35.29 2.30
CA VAL D 81 10.33 -34.87 3.58
C VAL D 81 11.34 -35.06 4.70
N GLN D 82 12.01 -36.21 4.72
CA GLN D 82 13.04 -36.45 5.72
C GLN D 82 13.98 -35.25 5.81
N ARG D 83 14.50 -34.81 4.66
CA ARG D 83 15.40 -33.66 4.62
C ARG D 83 14.73 -32.36 5.05
N LEU D 84 13.63 -32.01 4.41
CA LEU D 84 13.14 -30.63 4.49
C LEU D 84 12.10 -30.32 5.58
N LEU D 85 11.42 -31.31 6.13
CA LEU D 85 10.39 -30.99 7.14
C LEU D 85 10.96 -30.20 8.31
N PRO D 86 12.11 -30.65 8.87
CA PRO D 86 12.63 -29.91 10.02
C PRO D 86 12.88 -28.43 9.67
N VAL D 87 13.47 -28.16 8.52
CA VAL D 87 13.80 -26.78 8.14
C VAL D 87 12.55 -25.98 7.81
N LEU D 88 11.58 -26.58 7.12
CA LEU D 88 10.36 -25.85 6.79
C LEU D 88 9.57 -25.43 8.02
N CYS D 89 9.57 -26.28 9.04
CA CYS D 89 8.86 -25.98 10.28
C CYS D 89 9.58 -24.95 11.16
N GLN D 90 10.91 -24.99 11.15
CA GLN D 90 11.69 -24.09 11.98
C GLN D 90 11.93 -22.75 11.32
N ALA D 91 12.48 -22.81 10.13
CA ALA D 91 12.86 -21.60 9.40
C ALA D 91 11.69 -20.85 8.77
N HIS D 92 10.53 -21.48 8.60
CA HIS D 92 9.39 -20.78 8.04
C HIS D 92 8.09 -21.01 8.81
N GLY D 93 8.20 -21.58 9.99
CA GLY D 93 7.04 -21.70 10.86
C GLY D 93 5.83 -22.35 10.24
N LEU D 94 6.03 -23.39 9.46
CA LEU D 94 4.89 -24.18 8.99
C LEU D 94 4.65 -25.30 9.96
N THR D 95 3.40 -25.72 10.13
CA THR D 95 3.15 -26.95 10.88
C THR D 95 3.51 -28.19 10.02
N PRO D 96 3.84 -29.31 10.68
CA PRO D 96 3.97 -30.57 9.96
C PRO D 96 2.76 -30.92 9.09
N GLN D 97 1.54 -30.80 9.62
CA GLN D 97 0.34 -31.11 8.84
C GLN D 97 0.42 -30.39 7.50
N GLN D 98 0.93 -29.17 7.52
CA GLN D 98 1.11 -28.40 6.31
C GLN D 98 2.16 -28.99 5.40
N VAL D 99 3.28 -29.42 5.96
CA VAL D 99 4.32 -29.99 5.12
C VAL D 99 3.81 -31.29 4.52
N VAL D 100 3.17 -32.11 5.34
CA VAL D 100 2.60 -33.36 4.86
C VAL D 100 1.57 -33.09 3.75
N ALA D 101 0.76 -32.03 3.88
CA ALA D 101 -0.20 -31.68 2.83
C ALA D 101 0.46 -31.40 1.49
N ILE D 102 1.58 -30.70 1.52
CA ILE D 102 2.31 -30.41 0.29
C ILE D 102 2.88 -31.69 -0.29
N ALA D 103 3.42 -32.53 0.58
CA ALA D 103 4.05 -33.76 0.14
C ALA D 103 3.07 -34.78 -0.45
N SER D 104 1.84 -34.77 0.02
CA SER D 104 0.89 -35.80 -0.34
C SER D 104 0.24 -35.49 -1.67
N HIS D 105 1.07 -35.36 -2.71
CA HIS D 105 0.62 -35.21 -4.11
C HIS D 105 1.68 -35.75 -5.08
N ASP D 106 1.31 -35.87 -6.34
CA ASP D 106 2.24 -36.24 -7.39
C ASP D 106 3.28 -35.14 -7.49
N GLY D 107 4.54 -35.53 -7.65
CA GLY D 107 5.62 -34.55 -7.70
C GLY D 107 5.65 -33.70 -6.44
N GLY D 108 5.71 -34.38 -5.28
CA GLY D 108 5.77 -33.73 -3.99
C GLY D 108 7.13 -33.15 -3.78
N LYS D 109 8.14 -33.92 -4.11
CA LYS D 109 9.50 -33.45 -4.05
C LYS D 109 9.59 -32.05 -4.64
N GLN D 110 9.02 -31.88 -5.82
CA GLN D 110 9.15 -30.63 -6.54
C GLN D 110 8.41 -29.50 -5.85
N ALA D 111 7.28 -29.82 -5.22
CA ALA D 111 6.53 -28.84 -4.50
C ALA D 111 7.31 -28.42 -3.24
N LEU D 112 7.72 -29.38 -2.44
CA LEU D 112 8.50 -29.10 -1.22
C LEU D 112 9.74 -28.26 -1.51
N GLU D 113 10.51 -28.64 -2.53
CA GLU D 113 11.73 -27.90 -2.88
C GLU D 113 11.41 -26.50 -3.38
N THR D 114 10.33 -26.39 -4.12
CA THR D 114 9.90 -25.10 -4.62
C THR D 114 9.36 -24.22 -3.50
N VAL D 115 8.70 -24.81 -2.52
CA VAL D 115 8.22 -24.02 -1.39
C VAL D 115 9.38 -23.42 -0.61
N GLN D 116 10.31 -24.26 -0.21
CA GLN D 116 11.53 -23.78 0.44
C GLN D 116 12.15 -22.65 -0.36
N ARG D 117 12.36 -22.89 -1.64
CA ARG D 117 13.06 -21.91 -2.44
C ARG D 117 12.26 -20.61 -2.64
N LEU D 118 10.94 -20.67 -2.64
CA LEU D 118 10.15 -19.47 -2.99
C LEU D 118 9.16 -18.98 -1.95
N LEU D 119 9.01 -19.67 -0.83
CA LEU D 119 8.02 -19.22 0.15
C LEU D 119 8.28 -17.78 0.61
N PRO D 120 9.56 -17.45 0.86
CA PRO D 120 9.82 -16.09 1.33
C PRO D 120 9.42 -15.03 0.32
N VAL D 121 10.05 -15.06 -0.85
CA VAL D 121 9.79 -14.03 -1.88
C VAL D 121 8.30 -13.87 -2.16
N LEU D 122 7.53 -14.93 -2.02
CA LEU D 122 6.10 -14.82 -2.19
C LEU D 122 5.45 -14.12 -1.00
N CYS D 123 5.85 -14.47 0.21
CA CYS D 123 5.30 -13.84 1.40
C CYS D 123 5.81 -12.42 1.57
N GLN D 124 7.13 -12.28 1.54
CA GLN D 124 7.76 -10.97 1.69
C GLN D 124 7.39 -9.99 0.56
N ALA D 125 7.89 -10.29 -0.64
CA ALA D 125 7.88 -9.34 -1.75
C ALA D 125 6.58 -9.33 -2.55
N HIS D 126 5.64 -10.22 -2.23
CA HIS D 126 4.32 -10.16 -2.88
C HIS D 126 3.20 -10.17 -1.86
N GLY D 127 3.55 -10.00 -0.59
CA GLY D 127 2.55 -9.88 0.45
C GLY D 127 1.57 -11.02 0.52
N LEU D 128 2.00 -12.23 0.20
CA LEU D 128 1.18 -13.42 0.39
C LEU D 128 1.32 -13.99 1.79
N THR D 129 0.25 -14.57 2.30
CA THR D 129 0.33 -15.27 3.58
C THR D 129 0.95 -16.63 3.26
N PRO D 130 1.65 -17.24 4.24
CA PRO D 130 2.11 -18.61 4.06
C PRO D 130 0.97 -19.61 3.92
N GLU D 131 -0.17 -19.40 4.57
CA GLU D 131 -1.35 -20.26 4.33
C GLU D 131 -1.65 -20.35 2.83
N GLN D 132 -1.58 -19.21 2.16
CA GLN D 132 -1.90 -19.11 0.75
C GLN D 132 -0.87 -19.83 -0.07
N VAL D 133 0.38 -19.71 0.32
CA VAL D 133 1.44 -20.38 -0.40
C VAL D 133 1.31 -21.88 -0.24
N VAL D 134 0.88 -22.35 0.92
CA VAL D 134 0.67 -23.78 1.10
C VAL D 134 -0.50 -24.24 0.22
N ALA D 135 -1.56 -23.42 0.12
CA ALA D 135 -2.71 -23.72 -0.74
C ALA D 135 -2.30 -23.95 -2.19
N ILE D 136 -1.41 -23.10 -2.68
CA ILE D 136 -0.98 -23.16 -4.05
C ILE D 136 -0.12 -24.40 -4.25
N ALA D 137 0.72 -24.71 -3.27
CA ALA D 137 1.64 -25.83 -3.41
C ALA D 137 0.98 -27.18 -3.19
N SER D 138 -0.20 -27.20 -2.57
CA SER D 138 -0.86 -28.45 -2.19
C SER D 138 -1.74 -29.01 -3.32
N HIS D 139 -1.13 -29.15 -4.50
CA HIS D 139 -1.78 -29.79 -5.64
C HIS D 139 -0.74 -30.40 -6.55
N ASP D 140 -1.20 -31.12 -7.55
CA ASP D 140 -0.30 -31.66 -8.55
C ASP D 140 0.30 -30.51 -9.34
N GLY D 141 1.60 -30.57 -9.53
CA GLY D 141 2.33 -29.51 -10.18
C GLY D 141 2.31 -28.22 -9.38
N GLY D 142 2.59 -28.33 -8.08
CA GLY D 142 2.72 -27.15 -7.24
C GLY D 142 3.90 -26.33 -7.67
N LYS D 143 5.00 -26.99 -7.96
CA LYS D 143 6.19 -26.30 -8.43
C LYS D 143 5.82 -25.35 -9.51
N GLN D 144 4.99 -25.81 -10.44
CA GLN D 144 4.63 -25.00 -11.59
C GLN D 144 3.74 -23.84 -11.22
N ALA D 145 2.75 -24.09 -10.37
CA ALA D 145 1.88 -23.03 -9.89
C ALA D 145 2.68 -21.95 -9.15
N LEU D 146 3.35 -22.36 -8.07
CA LEU D 146 4.27 -21.47 -7.38
C LEU D 146 5.04 -20.58 -8.36
N GLU D 147 5.80 -21.21 -9.26
CA GLU D 147 6.69 -20.48 -10.14
C GLU D 147 5.91 -19.52 -10.99
N THR D 148 4.83 -20.01 -11.59
CA THR D 148 3.98 -19.14 -12.40
C THR D 148 3.44 -17.97 -11.55
N VAL D 149 3.00 -18.23 -10.32
CA VAL D 149 2.43 -17.19 -9.49
C VAL D 149 3.44 -16.09 -9.26
N GLN D 150 4.68 -16.46 -9.03
CA GLN D 150 5.74 -15.49 -8.91
C GLN D 150 5.75 -14.61 -10.14
N ALA D 151 5.86 -15.24 -11.31
CA ALA D 151 6.04 -14.51 -12.56
C ALA D 151 4.88 -13.60 -12.91
N LEU D 152 3.66 -14.07 -12.72
CA LEU D 152 2.50 -13.38 -13.28
C LEU D 152 1.71 -12.49 -12.32
N LEU D 153 1.89 -12.65 -11.02
CA LEU D 153 1.05 -11.93 -10.08
C LEU D 153 1.08 -10.40 -10.28
N PRO D 154 2.29 -9.82 -10.41
CA PRO D 154 2.33 -8.38 -10.64
C PRO D 154 1.56 -7.98 -11.89
N VAL D 155 1.71 -8.76 -12.95
CA VAL D 155 1.07 -8.45 -14.21
C VAL D 155 -0.46 -8.49 -14.04
N LEU D 156 -0.98 -9.57 -13.47
CA LEU D 156 -2.41 -9.76 -13.40
C LEU D 156 -3.10 -8.74 -12.51
N CYS D 157 -2.37 -8.15 -11.58
CA CYS D 157 -2.95 -7.17 -10.69
C CYS D 157 -2.82 -5.77 -11.31
N GLN D 158 -1.63 -5.41 -11.75
CA GLN D 158 -1.45 -4.09 -12.35
C GLN D 158 -2.23 -3.97 -13.66
N ALA D 159 -1.90 -4.84 -14.61
CA ALA D 159 -2.46 -4.75 -15.96
C ALA D 159 -3.95 -5.12 -16.00
N HIS D 160 -4.28 -6.34 -15.58
CA HIS D 160 -5.64 -6.85 -15.75
C HIS D 160 -6.54 -6.60 -14.54
N GLY D 161 -6.02 -5.92 -13.53
CA GLY D 161 -6.83 -5.43 -12.43
C GLY D 161 -7.42 -6.47 -11.50
N LEU D 162 -6.67 -7.53 -11.22
CA LEU D 162 -7.15 -8.57 -10.32
C LEU D 162 -6.62 -8.44 -8.90
N THR D 163 -7.44 -8.83 -7.92
CA THR D 163 -6.97 -8.94 -6.54
C THR D 163 -6.01 -10.14 -6.46
N PRO D 164 -5.07 -10.10 -5.50
CA PRO D 164 -4.27 -11.26 -5.18
C PRO D 164 -5.08 -12.47 -4.71
N GLU D 165 -6.17 -12.24 -3.98
CA GLU D 165 -7.05 -13.32 -3.55
C GLU D 165 -7.49 -14.09 -4.80
N GLN D 166 -7.86 -13.34 -5.84
CA GLN D 166 -8.34 -13.93 -7.09
C GLN D 166 -7.26 -14.73 -7.77
N VAL D 167 -6.04 -14.24 -7.74
CA VAL D 167 -4.94 -14.98 -8.35
C VAL D 167 -4.63 -16.25 -7.59
N VAL D 168 -4.67 -16.19 -6.25
CA VAL D 168 -4.47 -17.38 -5.45
C VAL D 168 -5.52 -18.42 -5.80
N ALA D 169 -6.79 -18.01 -5.82
CA ALA D 169 -7.90 -18.88 -6.17
C ALA D 169 -7.61 -19.69 -7.41
N ILE D 170 -7.13 -19.01 -8.45
CA ILE D 170 -6.81 -19.62 -9.73
C ILE D 170 -5.66 -20.61 -9.59
N ALA D 171 -4.61 -20.22 -8.88
CA ALA D 171 -3.41 -21.03 -8.80
C ALA D 171 -3.61 -22.24 -7.93
N SER D 172 -4.63 -22.19 -7.07
CA SER D 172 -4.86 -23.20 -6.02
C SER D 172 -5.77 -24.31 -6.51
N ASN D 173 -5.37 -24.91 -7.62
CA ASN D 173 -6.02 -26.03 -8.25
C ASN D 173 -4.95 -26.80 -8.99
N GLY D 174 -5.26 -28.01 -9.42
CA GLY D 174 -4.38 -28.74 -10.33
C GLY D 174 -4.27 -28.03 -11.65
N GLY D 175 -3.09 -28.10 -12.25
CA GLY D 175 -2.82 -27.37 -13.50
C GLY D 175 -2.99 -25.85 -13.37
N GLY D 176 -2.53 -25.30 -12.25
CA GLY D 176 -2.74 -23.90 -11.98
C GLY D 176 -1.97 -23.04 -12.95
N LYS D 177 -0.74 -23.44 -13.22
CA LYS D 177 0.10 -22.73 -14.19
C LYS D 177 -0.67 -22.48 -15.48
N GLN D 178 -1.38 -23.50 -15.95
CA GLN D 178 -2.10 -23.38 -17.20
C GLN D 178 -3.21 -22.38 -17.04
N ALA D 179 -3.96 -22.49 -15.95
CA ALA D 179 -5.10 -21.58 -15.75
C ALA D 179 -4.61 -20.14 -15.68
N LEU D 180 -3.52 -19.90 -14.97
CA LEU D 180 -2.98 -18.57 -14.81
C LEU D 180 -2.64 -18.01 -16.18
N GLU D 181 -1.78 -18.71 -16.89
CA GLU D 181 -1.37 -18.29 -18.22
C GLU D 181 -2.59 -18.06 -19.10
N THR D 182 -3.48 -19.03 -19.13
CA THR D 182 -4.65 -18.94 -19.98
C THR D 182 -5.49 -17.70 -19.64
N VAL D 183 -5.61 -17.36 -18.38
CA VAL D 183 -6.35 -16.16 -18.00
C VAL D 183 -5.68 -14.92 -18.53
N GLN D 184 -4.39 -14.83 -18.33
CA GLN D 184 -3.62 -13.70 -18.83
C GLN D 184 -3.91 -13.45 -20.29
N ARG D 185 -3.83 -14.49 -21.11
CA ARG D 185 -4.06 -14.36 -22.54
C ARG D 185 -5.49 -13.95 -22.89
N LEU D 186 -6.48 -14.57 -22.25
CA LEU D 186 -7.86 -14.43 -22.67
C LEU D 186 -8.71 -13.41 -21.92
N LEU D 187 -8.19 -12.84 -20.84
CA LEU D 187 -8.99 -11.94 -20.01
C LEU D 187 -9.45 -10.72 -20.80
N PRO D 188 -8.52 -10.08 -21.54
CA PRO D 188 -8.98 -8.94 -22.37
C PRO D 188 -10.04 -9.34 -23.42
N VAL D 189 -9.74 -10.40 -24.17
CA VAL D 189 -10.63 -10.96 -25.16
C VAL D 189 -12.02 -11.22 -24.54
N LEU D 190 -12.05 -12.04 -23.51
CA LEU D 190 -13.30 -12.49 -22.93
C LEU D 190 -14.14 -11.34 -22.38
N CYS D 191 -13.47 -10.28 -21.92
CA CYS D 191 -14.17 -9.16 -21.29
C CYS D 191 -14.65 -8.16 -22.33
N GLN D 192 -13.73 -7.53 -23.05
CA GLN D 192 -14.13 -6.56 -24.05
C GLN D 192 -15.05 -7.20 -25.11
N ALA D 193 -14.54 -8.24 -25.78
CA ALA D 193 -15.23 -8.85 -26.91
C ALA D 193 -16.51 -9.59 -26.50
N HIS D 194 -16.36 -10.68 -25.75
CA HIS D 194 -17.52 -11.51 -25.41
C HIS D 194 -18.38 -10.96 -24.29
N GLY D 195 -17.98 -9.82 -23.71
CA GLY D 195 -18.83 -9.09 -22.78
C GLY D 195 -18.96 -9.70 -21.40
N LEU D 196 -17.87 -10.24 -20.88
CA LEU D 196 -17.92 -10.84 -19.56
C LEU D 196 -17.29 -9.93 -18.53
N THR D 197 -17.75 -10.05 -17.27
CA THR D 197 -17.09 -9.35 -16.17
C THR D 197 -15.86 -10.16 -15.81
N PRO D 198 -14.77 -9.50 -15.38
CA PRO D 198 -13.59 -10.27 -14.99
C PRO D 198 -13.87 -11.22 -13.81
N GLN D 199 -14.84 -10.89 -12.97
CA GLN D 199 -15.27 -11.81 -11.88
C GLN D 199 -15.74 -13.16 -12.45
N GLN D 200 -16.38 -13.15 -13.61
CA GLN D 200 -16.88 -14.37 -14.23
C GLN D 200 -15.74 -15.17 -14.82
N VAL D 201 -14.73 -14.47 -15.30
CA VAL D 201 -13.58 -15.13 -15.89
C VAL D 201 -12.78 -15.89 -14.82
N VAL D 202 -12.62 -15.28 -13.65
CA VAL D 202 -11.99 -15.96 -12.52
C VAL D 202 -12.81 -17.18 -12.09
N ALA D 203 -14.12 -17.03 -12.01
CA ALA D 203 -14.98 -18.14 -11.62
C ALA D 203 -14.67 -19.38 -12.44
N ILE D 204 -14.51 -19.16 -13.74
CA ILE D 204 -14.26 -20.23 -14.69
C ILE D 204 -12.89 -20.82 -14.50
N ALA D 205 -11.91 -19.96 -14.34
CA ALA D 205 -10.53 -20.39 -14.22
C ALA D 205 -10.21 -21.03 -12.87
N SER D 206 -11.08 -20.80 -11.88
CA SER D 206 -10.87 -21.25 -10.54
C SER D 206 -11.40 -22.66 -10.27
N ASN D 207 -11.35 -23.53 -11.27
CA ASN D 207 -11.45 -24.96 -11.05
C ASN D 207 -10.31 -25.67 -11.74
N GLY D 208 -10.26 -26.99 -11.56
CA GLY D 208 -9.37 -27.86 -12.33
C GLY D 208 -9.73 -27.77 -13.79
N GLY D 209 -8.76 -28.03 -14.67
CA GLY D 209 -8.97 -27.86 -16.11
C GLY D 209 -9.58 -26.51 -16.48
N GLY D 210 -9.24 -25.48 -15.71
CA GLY D 210 -9.72 -24.13 -15.94
C GLY D 210 -9.23 -23.60 -17.27
N LYS D 211 -7.99 -23.94 -17.67
CA LYS D 211 -7.53 -23.61 -19.02
C LYS D 211 -8.53 -24.11 -20.04
N GLN D 212 -8.90 -25.37 -19.93
CA GLN D 212 -9.76 -25.96 -20.91
C GLN D 212 -11.09 -25.23 -20.95
N ALA D 213 -11.64 -24.93 -19.77
CA ALA D 213 -12.92 -24.26 -19.70
C ALA D 213 -12.88 -22.92 -20.40
N LEU D 214 -11.85 -22.14 -20.12
CA LEU D 214 -11.70 -20.79 -20.70
C LEU D 214 -11.64 -20.83 -22.21
N GLU D 215 -10.73 -21.63 -22.73
CA GLU D 215 -10.58 -21.78 -24.17
C GLU D 215 -11.91 -22.14 -24.80
N THR D 216 -12.53 -23.17 -24.24
CA THR D 216 -13.76 -23.71 -24.76
C THR D 216 -14.86 -22.69 -24.74
N VAL D 217 -14.88 -21.84 -23.73
CA VAL D 217 -15.93 -20.82 -23.61
C VAL D 217 -15.81 -19.78 -24.68
N GLN D 218 -14.60 -19.26 -24.84
CA GLN D 218 -14.32 -18.31 -25.92
C GLN D 218 -14.83 -18.85 -27.26
N ARG D 219 -14.48 -20.10 -27.56
CA ARG D 219 -14.96 -20.79 -28.74
C ARG D 219 -16.48 -20.90 -28.79
N LEU D 220 -17.09 -21.46 -27.75
CA LEU D 220 -18.50 -21.86 -27.82
C LEU D 220 -19.49 -20.87 -27.27
N LEU D 221 -19.04 -19.75 -26.73
CA LEU D 221 -19.98 -18.82 -26.09
C LEU D 221 -21.00 -18.21 -27.06
N PRO D 222 -20.54 -17.72 -28.23
CA PRO D 222 -21.49 -17.12 -29.17
C PRO D 222 -22.50 -18.13 -29.68
N VAL D 223 -21.99 -19.31 -30.04
CA VAL D 223 -22.82 -20.42 -30.54
C VAL D 223 -23.99 -20.72 -29.60
N LEU D 224 -23.67 -20.90 -28.32
CA LEU D 224 -24.64 -21.29 -27.31
C LEU D 224 -25.72 -20.24 -27.07
N CYS D 225 -25.31 -18.97 -27.17
CA CYS D 225 -26.27 -17.87 -27.01
C CYS D 225 -27.13 -17.67 -28.28
N GLN D 226 -26.51 -17.70 -29.46
CA GLN D 226 -27.25 -17.53 -30.73
C GLN D 226 -28.09 -18.75 -31.08
N ALA D 227 -27.41 -19.86 -31.37
CA ALA D 227 -28.04 -21.07 -31.89
C ALA D 227 -28.89 -21.82 -30.87
N HIS D 228 -28.60 -21.69 -29.58
CA HIS D 228 -29.36 -22.38 -28.53
C HIS D 228 -29.99 -21.44 -27.49
N GLY D 229 -30.01 -20.15 -27.80
CA GLY D 229 -30.73 -19.15 -26.99
C GLY D 229 -30.46 -19.15 -25.49
N LEU D 230 -29.22 -19.41 -25.10
CA LEU D 230 -28.84 -19.38 -23.67
C LEU D 230 -28.29 -18.02 -23.32
N THR D 231 -28.36 -17.68 -22.03
CA THR D 231 -27.83 -16.42 -21.55
C THR D 231 -26.35 -16.61 -21.26
N PRO D 232 -25.54 -15.54 -21.39
CA PRO D 232 -24.12 -15.70 -21.05
C PRO D 232 -23.91 -16.18 -19.61
N GLN D 233 -24.71 -15.65 -18.69
CA GLN D 233 -24.66 -16.08 -17.30
C GLN D 233 -24.90 -17.62 -17.19
N GLN D 234 -25.78 -18.17 -18.00
CA GLN D 234 -26.00 -19.62 -18.02
C GLN D 234 -24.79 -20.34 -18.57
N VAL D 235 -24.18 -19.76 -19.59
CA VAL D 235 -23.02 -20.38 -20.18
C VAL D 235 -21.88 -20.39 -19.17
N VAL D 236 -21.76 -19.33 -18.37
CA VAL D 236 -20.77 -19.28 -17.30
C VAL D 236 -21.12 -20.29 -16.21
N ALA D 237 -22.38 -20.38 -15.84
CA ALA D 237 -22.80 -21.39 -14.88
C ALA D 237 -22.25 -22.75 -15.25
N ILE D 238 -22.43 -23.11 -16.51
CA ILE D 238 -22.01 -24.41 -17.00
C ILE D 238 -20.50 -24.52 -16.99
N ALA D 239 -19.86 -23.48 -17.48
CA ALA D 239 -18.41 -23.48 -17.62
C ALA D 239 -17.75 -23.58 -16.28
N SER D 240 -18.40 -23.02 -15.26
CA SER D 240 -17.82 -22.95 -13.92
C SER D 240 -17.95 -24.25 -13.15
N GLN D 241 -19.03 -25.00 -13.33
CA GLN D 241 -19.15 -26.30 -12.64
C GLN D 241 -18.77 -27.47 -13.51
N GLY D 242 -19.17 -27.43 -14.78
CA GLY D 242 -18.99 -28.55 -15.70
C GLY D 242 -17.70 -28.49 -16.50
N GLY D 243 -17.23 -27.30 -16.81
CA GLY D 243 -16.04 -27.14 -17.63
C GLY D 243 -16.22 -27.56 -19.09
N LYS D 244 -15.09 -27.76 -19.77
CA LYS D 244 -15.06 -28.04 -21.21
C LYS D 244 -16.03 -29.16 -21.58
N GLN D 245 -15.91 -30.29 -20.92
CA GLN D 245 -16.75 -31.43 -21.24
C GLN D 245 -18.21 -31.05 -21.23
N ALA D 246 -18.63 -30.28 -20.24
CA ALA D 246 -20.04 -29.96 -20.12
C ALA D 246 -20.49 -29.03 -21.23
N LEU D 247 -19.73 -27.98 -21.47
CA LEU D 247 -20.04 -27.06 -22.55
C LEU D 247 -20.18 -27.79 -23.88
N GLU D 248 -19.16 -28.58 -24.22
CA GLU D 248 -19.16 -29.36 -25.45
C GLU D 248 -20.37 -30.27 -25.50
N THR D 249 -20.60 -31.01 -24.42
CA THR D 249 -21.66 -31.98 -24.38
C THR D 249 -23.03 -31.32 -24.40
N VAL D 250 -23.12 -30.10 -23.91
CA VAL D 250 -24.37 -29.37 -23.97
C VAL D 250 -24.75 -29.01 -25.40
N GLN D 251 -23.89 -28.25 -26.07
CA GLN D 251 -24.03 -27.97 -27.52
C GLN D 251 -24.51 -29.18 -28.27
N ARG D 252 -23.83 -30.29 -28.03
CA ARG D 252 -24.11 -31.56 -28.71
C ARG D 252 -25.48 -32.14 -28.37
N LEU D 253 -25.80 -32.24 -27.08
CA LEU D 253 -27.01 -32.94 -26.65
C LEU D 253 -28.20 -32.05 -26.26
N LEU D 254 -28.10 -30.75 -26.44
CA LEU D 254 -29.23 -29.86 -26.11
C LEU D 254 -30.42 -30.04 -27.05
N PRO D 255 -30.20 -29.90 -28.38
CA PRO D 255 -31.35 -30.12 -29.26
C PRO D 255 -31.99 -31.48 -29.03
N VAL D 256 -31.16 -32.51 -28.88
CA VAL D 256 -31.65 -33.88 -28.72
C VAL D 256 -32.53 -34.02 -27.46
N LEU D 257 -32.16 -33.36 -26.38
CA LEU D 257 -32.84 -33.54 -25.09
C LEU D 257 -34.14 -32.74 -24.98
N CYS D 258 -34.34 -31.79 -25.89
CA CYS D 258 -35.53 -30.95 -25.90
C CYS D 258 -36.55 -31.35 -26.99
N GLN D 259 -36.09 -31.81 -28.15
CA GLN D 259 -37.03 -32.38 -29.13
C GLN D 259 -37.54 -33.74 -28.62
N ALA D 260 -36.62 -34.69 -28.48
CA ALA D 260 -36.98 -36.10 -28.28
C ALA D 260 -37.52 -36.35 -26.87
N HIS D 261 -36.75 -35.93 -25.87
CA HIS D 261 -37.10 -36.20 -24.47
C HIS D 261 -37.81 -35.03 -23.80
N GLY D 262 -37.83 -33.88 -24.48
CA GLY D 262 -38.67 -32.75 -24.07
C GLY D 262 -38.41 -32.16 -22.71
N LEU D 263 -37.19 -31.67 -22.50
CA LEU D 263 -36.83 -30.97 -21.26
C LEU D 263 -36.63 -29.49 -21.54
N THR D 264 -36.87 -28.65 -20.54
CA THR D 264 -36.64 -27.20 -20.70
C THR D 264 -35.14 -26.93 -20.66
N PRO D 265 -34.67 -25.98 -21.51
CA PRO D 265 -33.23 -25.69 -21.50
C PRO D 265 -32.75 -25.25 -20.12
N GLN D 266 -33.61 -24.58 -19.37
CA GLN D 266 -33.34 -24.25 -17.97
C GLN D 266 -32.90 -25.50 -17.19
N GLN D 267 -33.54 -26.64 -17.45
CA GLN D 267 -33.20 -27.92 -16.80
C GLN D 267 -31.93 -28.57 -17.28
N VAL D 268 -31.65 -28.41 -18.57
CA VAL D 268 -30.43 -28.96 -19.14
C VAL D 268 -29.23 -28.23 -18.53
N VAL D 269 -29.35 -26.91 -18.33
CA VAL D 269 -28.34 -26.15 -17.62
C VAL D 269 -28.18 -26.71 -16.20
N ALA D 270 -29.28 -26.94 -15.49
CA ALA D 270 -29.19 -27.51 -14.16
C ALA D 270 -28.40 -28.81 -14.11
N ILE D 271 -28.61 -29.68 -15.09
CA ILE D 271 -27.92 -30.98 -15.14
C ILE D 271 -26.43 -30.85 -15.43
N ALA D 272 -26.10 -29.95 -16.35
CA ALA D 272 -24.72 -29.78 -16.81
C ALA D 272 -23.85 -29.02 -15.84
N SER D 273 -24.44 -28.12 -15.05
CA SER D 273 -23.69 -27.26 -14.13
C SER D 273 -23.35 -28.04 -12.84
N ASN D 274 -22.47 -29.02 -12.98
CA ASN D 274 -22.00 -29.87 -11.88
C ASN D 274 -20.78 -30.62 -12.34
N ASN D 275 -20.11 -31.29 -11.42
CA ASN D 275 -18.97 -32.11 -11.81
C ASN D 275 -19.39 -33.36 -12.56
N GLY D 276 -18.81 -33.55 -13.73
CA GLY D 276 -19.18 -34.62 -14.61
C GLY D 276 -20.50 -34.33 -15.25
N GLY D 277 -20.81 -33.05 -15.41
CA GLY D 277 -21.98 -32.63 -16.15
C GLY D 277 -22.12 -33.42 -17.44
N LYS D 278 -21.02 -33.60 -18.19
CA LYS D 278 -21.01 -34.46 -19.35
C LYS D 278 -21.63 -35.81 -19.02
N GLN D 279 -21.06 -36.49 -18.04
CA GLN D 279 -21.52 -37.82 -17.67
C GLN D 279 -22.99 -37.88 -17.33
N ALA D 280 -23.49 -36.84 -16.68
CA ALA D 280 -24.90 -36.77 -16.31
C ALA D 280 -25.79 -36.66 -17.52
N LEU D 281 -25.51 -35.68 -18.34
CA LEU D 281 -26.24 -35.46 -19.58
C LEU D 281 -26.35 -36.73 -20.43
N GLU D 282 -25.22 -37.39 -20.68
CA GLU D 282 -25.22 -38.62 -21.47
C GLU D 282 -25.99 -39.72 -20.83
N THR D 283 -25.95 -39.77 -19.51
CA THR D 283 -26.66 -40.77 -18.79
C THR D 283 -28.16 -40.48 -18.81
N VAL D 284 -28.58 -39.24 -18.59
CA VAL D 284 -30.02 -38.91 -18.71
C VAL D 284 -30.54 -39.02 -20.15
N GLN D 285 -29.68 -38.93 -21.16
CA GLN D 285 -30.13 -39.16 -22.53
C GLN D 285 -30.64 -40.60 -22.65
N ARG D 286 -29.77 -41.57 -22.35
CA ARG D 286 -30.17 -42.95 -22.13
C ARG D 286 -30.98 -42.92 -20.85
N LEU D 287 -31.47 -44.07 -20.42
CA LEU D 287 -31.98 -44.18 -19.04
C LEU D 287 -33.18 -43.31 -18.65
N LEU D 288 -33.34 -42.11 -19.21
CA LEU D 288 -34.58 -41.35 -18.98
C LEU D 288 -35.81 -42.10 -19.48
N PRO D 289 -35.79 -42.59 -20.74
CA PRO D 289 -36.91 -43.43 -21.14
C PRO D 289 -37.21 -44.55 -20.13
N VAL D 290 -36.21 -45.38 -19.85
CA VAL D 290 -36.42 -46.56 -19.00
C VAL D 290 -36.69 -46.17 -17.54
N LEU D 291 -36.32 -44.95 -17.15
CA LEU D 291 -36.67 -44.45 -15.84
C LEU D 291 -38.10 -43.97 -15.73
N CYS D 292 -38.56 -43.15 -16.68
CA CYS D 292 -40.00 -42.82 -16.78
C CYS D 292 -40.73 -44.05 -17.43
N GLN D 293 -40.38 -45.25 -16.97
CA GLN D 293 -41.06 -46.51 -17.31
C GLN D 293 -40.93 -47.57 -16.22
N ALA D 294 -41.73 -48.60 -16.41
CA ALA D 294 -42.06 -49.55 -15.34
C ALA D 294 -43.01 -48.87 -14.32
N HIS D 295 -43.73 -47.87 -14.81
CA HIS D 295 -44.24 -46.72 -14.01
C HIS D 295 -43.05 -45.71 -13.83
N GLY D 296 -42.15 -45.97 -12.90
CA GLY D 296 -41.04 -45.11 -12.79
C GLY D 296 -41.51 -43.69 -12.49
N LEU D 297 -40.54 -42.82 -12.68
CA LEU D 297 -40.54 -41.46 -12.20
C LEU D 297 -40.93 -40.46 -13.28
N THR D 298 -41.32 -39.25 -12.85
CA THR D 298 -41.56 -38.15 -13.76
C THR D 298 -40.23 -37.57 -14.21
N PRO D 299 -40.20 -36.87 -15.36
CA PRO D 299 -38.98 -36.18 -15.78
C PRO D 299 -38.38 -35.27 -14.70
N GLN D 300 -39.21 -34.53 -13.98
CA GLN D 300 -38.75 -33.63 -12.92
C GLN D 300 -37.87 -34.37 -11.93
N GLN D 301 -38.27 -35.59 -11.56
CA GLN D 301 -37.52 -36.41 -10.60
C GLN D 301 -36.20 -36.93 -11.17
N VAL D 302 -36.19 -37.25 -12.44
CA VAL D 302 -34.97 -37.68 -13.07
C VAL D 302 -34.01 -36.51 -13.10
N VAL D 303 -34.51 -35.32 -13.44
CA VAL D 303 -33.70 -34.10 -13.41
C VAL D 303 -33.18 -33.84 -12.00
N ALA D 304 -34.04 -34.00 -11.00
CA ALA D 304 -33.64 -33.80 -9.62
C ALA D 304 -32.47 -34.67 -9.28
N ILE D 305 -32.54 -35.95 -9.64
CA ILE D 305 -31.45 -36.91 -9.35
C ILE D 305 -30.16 -36.56 -10.07
N ALA D 306 -30.28 -36.22 -11.34
CA ALA D 306 -29.14 -35.92 -12.19
C ALA D 306 -28.44 -34.59 -11.88
N SER D 307 -29.14 -33.66 -11.20
CA SER D 307 -28.60 -32.30 -10.95
C SER D 307 -27.73 -32.21 -9.65
N HIS D 308 -26.66 -33.01 -9.63
CA HIS D 308 -25.76 -33.13 -8.52
C HIS D 308 -24.47 -33.75 -8.98
N ASP D 309 -23.39 -33.45 -8.28
CA ASP D 309 -22.12 -34.09 -8.57
C ASP D 309 -22.27 -35.63 -8.55
N GLY D 310 -21.88 -36.27 -9.64
CA GLY D 310 -22.00 -37.71 -9.74
C GLY D 310 -23.39 -38.19 -10.13
N GLY D 311 -24.11 -37.36 -10.89
CA GLY D 311 -25.47 -37.66 -11.28
C GLY D 311 -25.59 -38.96 -12.00
N LYS D 312 -24.59 -39.26 -12.83
CA LYS D 312 -24.52 -40.54 -13.52
C LYS D 312 -24.62 -41.71 -12.57
N GLN D 313 -23.83 -41.65 -11.52
CA GLN D 313 -23.76 -42.74 -10.58
C GLN D 313 -25.08 -42.90 -9.86
N ALA D 314 -25.70 -41.79 -9.51
CA ALA D 314 -27.02 -41.80 -8.91
C ALA D 314 -28.03 -42.48 -9.82
N LEU D 315 -28.07 -42.04 -11.07
CA LEU D 315 -29.05 -42.54 -12.02
C LEU D 315 -28.87 -44.01 -12.26
N GLU D 316 -27.65 -44.43 -12.53
CA GLU D 316 -27.36 -45.85 -12.77
C GLU D 316 -27.71 -46.72 -11.57
N THR D 317 -27.40 -46.22 -10.37
CA THR D 317 -27.74 -46.92 -9.14
C THR D 317 -29.25 -46.93 -8.89
N VAL D 318 -29.96 -45.87 -9.25
CA VAL D 318 -31.41 -45.86 -9.06
C VAL D 318 -32.06 -46.93 -9.94
N GLN D 319 -31.77 -46.89 -11.24
CA GLN D 319 -32.30 -47.88 -12.18
C GLN D 319 -31.97 -49.30 -11.75
N ARG D 320 -30.78 -49.51 -11.19
CA ARG D 320 -30.42 -50.83 -10.72
C ARG D 320 -31.12 -51.24 -9.42
N LEU D 321 -31.23 -50.34 -8.47
CA LEU D 321 -31.77 -50.71 -7.15
C LEU D 321 -33.20 -50.28 -6.84
N LEU D 322 -33.80 -49.46 -7.70
CA LEU D 322 -35.17 -49.01 -7.45
C LEU D 322 -36.13 -50.19 -7.21
N PRO D 323 -36.06 -51.23 -8.06
CA PRO D 323 -36.90 -52.37 -7.77
C PRO D 323 -36.62 -53.01 -6.42
N VAL D 324 -35.44 -53.55 -6.23
CA VAL D 324 -35.14 -54.29 -4.99
C VAL D 324 -35.54 -53.50 -3.79
N LEU D 325 -35.30 -52.19 -3.81
CA LEU D 325 -35.65 -51.33 -2.67
C LEU D 325 -37.15 -51.21 -2.49
N CYS D 326 -37.84 -50.88 -3.57
CA CYS D 326 -39.28 -50.69 -3.51
C CYS D 326 -39.99 -51.96 -3.11
N GLN D 327 -39.58 -53.10 -3.67
CA GLN D 327 -40.28 -54.36 -3.45
C GLN D 327 -39.78 -55.13 -2.21
N ALA D 328 -38.47 -55.39 -2.15
CA ALA D 328 -37.91 -56.20 -1.07
C ALA D 328 -37.83 -55.47 0.28
N HIS D 329 -37.82 -54.14 0.25
CA HIS D 329 -37.77 -53.38 1.49
C HIS D 329 -38.93 -52.41 1.65
N GLY D 330 -39.87 -52.39 0.70
CA GLY D 330 -41.07 -51.57 0.80
C GLY D 330 -40.83 -50.09 0.97
N LEU D 331 -40.37 -49.42 -0.08
CA LEU D 331 -40.23 -47.97 -0.08
C LEU D 331 -40.88 -47.37 -1.31
N THR D 332 -41.54 -46.23 -1.15
CA THR D 332 -42.12 -45.54 -2.29
C THR D 332 -40.99 -44.92 -3.11
N PRO D 333 -41.19 -44.82 -4.43
CA PRO D 333 -40.19 -44.15 -5.27
C PRO D 333 -39.91 -42.73 -4.77
N GLN D 334 -40.95 -42.04 -4.30
CA GLN D 334 -40.83 -40.78 -3.60
C GLN D 334 -39.62 -40.74 -2.66
N GLN D 335 -39.42 -41.81 -1.90
CA GLN D 335 -38.33 -41.91 -0.93
C GLN D 335 -37.00 -42.26 -1.55
N VAL D 336 -37.01 -43.09 -2.56
CA VAL D 336 -35.78 -43.47 -3.21
C VAL D 336 -35.23 -42.25 -3.92
N VAL D 337 -36.10 -41.48 -4.56
CA VAL D 337 -35.67 -40.22 -5.19
C VAL D 337 -35.03 -39.30 -4.15
N ALA D 338 -35.71 -39.10 -3.03
CA ALA D 338 -35.17 -38.30 -1.95
C ALA D 338 -33.72 -38.69 -1.62
N ILE D 339 -33.47 -40.00 -1.51
CA ILE D 339 -32.16 -40.52 -1.14
C ILE D 339 -31.09 -40.24 -2.20
N ALA D 340 -31.48 -40.40 -3.45
CA ALA D 340 -30.58 -40.23 -4.59
C ALA D 340 -30.38 -38.78 -5.06
N SER D 341 -31.16 -37.84 -4.53
CA SER D 341 -31.05 -36.43 -4.95
C SER D 341 -30.09 -35.62 -4.06
N ASN D 342 -28.94 -36.22 -3.74
CA ASN D 342 -27.88 -35.51 -3.04
C ASN D 342 -26.54 -35.99 -3.55
N ASN D 343 -25.48 -35.24 -3.28
CA ASN D 343 -24.14 -35.73 -3.56
C ASN D 343 -23.94 -37.07 -2.89
N GLY D 344 -23.41 -38.02 -3.62
CA GLY D 344 -23.26 -39.37 -3.11
C GLY D 344 -24.53 -40.22 -3.14
N GLY D 345 -25.49 -39.86 -3.97
CA GLY D 345 -26.72 -40.65 -4.11
C GLY D 345 -26.46 -42.14 -4.27
N LYS D 346 -25.57 -42.51 -5.18
CA LYS D 346 -25.18 -43.89 -5.35
C LYS D 346 -24.75 -44.50 -4.04
N GLN D 347 -23.91 -43.80 -3.31
CA GLN D 347 -23.37 -44.35 -2.09
C GLN D 347 -24.47 -44.51 -1.07
N ALA D 348 -25.42 -43.58 -1.07
CA ALA D 348 -26.50 -43.60 -0.10
C ALA D 348 -27.44 -44.79 -0.33
N LEU D 349 -27.85 -44.97 -1.59
CA LEU D 349 -28.75 -46.05 -1.92
C LEU D 349 -28.11 -47.37 -1.52
N GLU D 350 -26.88 -47.58 -1.96
CA GLU D 350 -26.21 -48.82 -1.69
C GLU D 350 -26.11 -49.12 -0.21
N THR D 351 -25.75 -48.09 0.54
CA THR D 351 -25.63 -48.24 1.98
C THR D 351 -26.96 -48.56 2.58
N VAL D 352 -28.01 -47.90 2.10
CA VAL D 352 -29.36 -48.11 2.64
C VAL D 352 -29.77 -49.57 2.43
N GLN D 353 -29.80 -49.98 1.17
CA GLN D 353 -30.07 -51.37 0.84
C GLN D 353 -29.45 -52.34 1.84
N ARG D 354 -28.14 -52.22 2.09
CA ARG D 354 -27.44 -53.21 2.90
C ARG D 354 -27.66 -52.98 4.39
N LEU D 355 -27.87 -51.75 4.80
CA LEU D 355 -28.06 -51.46 6.23
C LEU D 355 -29.53 -51.34 6.72
N LEU D 356 -30.51 -51.30 5.83
CA LEU D 356 -31.89 -51.15 6.27
C LEU D 356 -32.30 -52.30 7.21
N PRO D 357 -32.24 -53.56 6.72
CA PRO D 357 -32.51 -54.69 7.60
C PRO D 357 -31.83 -54.58 8.95
N VAL D 358 -30.52 -54.31 8.94
CA VAL D 358 -29.76 -54.31 10.18
C VAL D 358 -30.34 -53.31 11.17
N LEU D 359 -30.51 -52.07 10.71
CA LEU D 359 -30.96 -50.97 11.56
C LEU D 359 -32.36 -51.18 12.11
N CYS D 360 -33.25 -51.70 11.28
CA CYS D 360 -34.63 -51.89 11.69
C CYS D 360 -34.74 -53.03 12.67
N GLN D 361 -34.02 -54.12 12.43
CA GLN D 361 -34.10 -55.31 13.30
C GLN D 361 -33.27 -55.13 14.56
N ALA D 362 -31.95 -55.04 14.40
CA ALA D 362 -31.04 -55.09 15.55
C ALA D 362 -31.11 -53.84 16.44
N HIS D 363 -31.46 -52.70 15.87
CA HIS D 363 -31.50 -51.43 16.62
C HIS D 363 -32.88 -50.80 16.72
N GLY D 364 -33.87 -51.36 16.04
CA GLY D 364 -35.25 -50.96 16.28
C GLY D 364 -35.62 -49.58 15.80
N LEU D 365 -35.39 -49.34 14.52
CA LEU D 365 -35.83 -48.11 13.89
C LEU D 365 -36.90 -48.38 12.87
N THR D 366 -37.76 -47.41 12.67
CA THR D 366 -38.74 -47.48 11.60
C THR D 366 -38.00 -47.16 10.32
N PRO D 367 -38.49 -47.62 9.16
CA PRO D 367 -37.88 -47.17 7.92
C PRO D 367 -37.94 -45.65 7.73
N GLU D 368 -39.07 -45.03 8.08
CA GLU D 368 -39.23 -43.59 7.89
C GLU D 368 -37.99 -42.88 8.36
N GLN D 369 -37.51 -43.32 9.54
CA GLN D 369 -36.30 -42.80 10.16
C GLN D 369 -35.05 -43.02 9.33
N VAL D 370 -34.80 -44.27 8.98
CA VAL D 370 -33.64 -44.60 8.16
C VAL D 370 -33.57 -43.75 6.88
N VAL D 371 -34.69 -43.58 6.22
CA VAL D 371 -34.73 -42.76 5.01
C VAL D 371 -34.41 -41.30 5.27
N ALA D 372 -34.88 -40.79 6.40
CA ALA D 372 -34.60 -39.41 6.77
C ALA D 372 -33.11 -39.20 6.93
N ILE D 373 -32.43 -40.18 7.52
CA ILE D 373 -30.98 -40.15 7.67
C ILE D 373 -30.28 -40.19 6.30
N ALA D 374 -30.72 -41.10 5.44
CA ALA D 374 -30.17 -41.25 4.11
C ALA D 374 -30.56 -40.16 3.13
N SER D 375 -31.61 -39.39 3.40
CA SER D 375 -32.06 -38.33 2.48
C SER D 375 -31.27 -37.01 2.56
N ASN D 376 -30.02 -37.09 2.99
CA ASN D 376 -29.14 -35.95 3.03
C ASN D 376 -27.84 -36.25 2.35
N GLY D 377 -27.07 -35.21 2.03
CA GLY D 377 -25.70 -35.39 1.58
C GLY D 377 -24.91 -36.10 2.67
N GLY D 378 -24.08 -37.05 2.27
CA GLY D 378 -23.34 -37.86 3.23
C GLY D 378 -24.20 -38.87 3.96
N GLY D 379 -25.22 -39.38 3.29
CA GLY D 379 -26.09 -40.36 3.90
C GLY D 379 -25.35 -41.61 4.34
N LYS D 380 -24.50 -42.13 3.46
CA LYS D 380 -23.75 -43.32 3.76
C LYS D 380 -22.98 -43.17 5.05
N GLN D 381 -22.46 -41.96 5.26
CA GLN D 381 -21.62 -41.70 6.42
C GLN D 381 -22.44 -41.65 7.71
N ALA D 382 -23.62 -41.05 7.64
CA ALA D 382 -24.51 -40.98 8.77
C ALA D 382 -25.04 -42.35 9.14
N LEU D 383 -25.49 -43.09 8.14
CA LEU D 383 -26.03 -44.42 8.38
C LEU D 383 -25.02 -45.30 9.07
N GLU D 384 -23.81 -45.28 8.57
CA GLU D 384 -22.78 -46.15 9.12
C GLU D 384 -22.37 -45.72 10.51
N THR D 385 -22.48 -44.42 10.78
CA THR D 385 -22.12 -43.88 12.09
C THR D 385 -23.24 -44.09 13.08
N VAL D 386 -24.47 -44.07 12.62
CA VAL D 386 -25.58 -44.42 13.49
C VAL D 386 -25.35 -45.85 13.99
N GLN D 387 -25.08 -46.76 13.07
CA GLN D 387 -24.88 -48.14 13.42
C GLN D 387 -23.85 -48.27 14.53
N ARG D 388 -22.68 -47.67 14.34
CA ARG D 388 -21.64 -47.74 15.36
C ARG D 388 -22.09 -47.12 16.67
N LEU D 389 -22.48 -45.87 16.58
CA LEU D 389 -22.59 -45.04 17.76
C LEU D 389 -23.94 -45.05 18.45
N LEU D 390 -24.95 -45.67 17.88
CA LEU D 390 -26.27 -45.66 18.49
C LEU D 390 -26.27 -46.35 19.88
N PRO D 391 -25.77 -47.59 19.96
CA PRO D 391 -25.64 -48.21 21.27
C PRO D 391 -24.89 -47.35 22.29
N VAL D 392 -23.65 -46.96 21.97
CA VAL D 392 -22.81 -46.31 22.99
C VAL D 392 -23.37 -44.95 23.40
N LEU D 393 -24.08 -44.29 22.50
CA LEU D 393 -24.73 -43.01 22.83
C LEU D 393 -25.91 -43.18 23.75
N CYS D 394 -26.68 -44.23 23.51
CA CYS D 394 -27.84 -44.53 24.34
C CYS D 394 -27.48 -44.98 25.75
N GLN D 395 -26.49 -45.85 25.87
CA GLN D 395 -26.03 -46.29 27.19
C GLN D 395 -25.04 -45.32 27.82
N ALA D 396 -23.76 -45.41 27.45
CA ALA D 396 -22.69 -44.62 28.10
C ALA D 396 -23.04 -43.16 28.36
N HIS D 397 -23.76 -42.53 27.42
CA HIS D 397 -24.08 -41.10 27.50
C HIS D 397 -25.55 -40.78 27.76
N GLY D 398 -26.41 -41.79 27.69
CA GLY D 398 -27.79 -41.66 28.16
C GLY D 398 -28.75 -40.93 27.23
N LEU D 399 -28.76 -41.32 25.97
CA LEU D 399 -29.64 -40.71 24.97
C LEU D 399 -30.68 -41.67 24.47
N THR D 400 -31.68 -41.18 23.75
CA THR D 400 -32.75 -42.03 23.26
C THR D 400 -32.56 -42.13 21.76
N PRO D 401 -33.03 -43.23 21.17
CA PRO D 401 -32.96 -43.37 19.71
C PRO D 401 -33.53 -42.20 18.90
N GLU D 402 -34.67 -41.65 19.30
CA GLU D 402 -35.30 -40.60 18.47
C GLU D 402 -34.37 -39.42 18.37
N GLN D 403 -33.63 -39.18 19.46
CA GLN D 403 -32.67 -38.10 19.53
C GLN D 403 -31.49 -38.38 18.63
N VAL D 404 -30.95 -39.57 18.72
CA VAL D 404 -29.82 -39.94 17.88
C VAL D 404 -30.20 -39.81 16.40
N VAL D 405 -31.43 -40.17 16.06
CA VAL D 405 -31.90 -39.99 14.69
C VAL D 405 -32.01 -38.51 14.30
N ALA D 406 -32.39 -37.69 15.24
CA ALA D 406 -32.52 -36.28 14.98
C ALA D 406 -31.18 -35.65 14.68
N ILE D 407 -30.14 -36.06 15.41
CA ILE D 407 -28.79 -35.57 15.16
C ILE D 407 -28.30 -36.02 13.80
N ALA D 408 -28.51 -37.28 13.51
CA ALA D 408 -28.07 -37.87 12.27
C ALA D 408 -28.81 -37.36 11.04
N SER D 409 -30.01 -36.81 11.21
CA SER D 409 -30.86 -36.48 10.06
C SER D 409 -30.57 -35.11 9.48
N HIS D 410 -29.29 -34.85 9.25
CA HIS D 410 -28.85 -33.58 8.72
C HIS D 410 -27.55 -33.75 7.96
N ASP D 411 -27.24 -32.79 7.10
CA ASP D 411 -25.97 -32.82 6.42
C ASP D 411 -24.87 -32.79 7.46
N GLY D 412 -23.93 -33.73 7.33
CA GLY D 412 -22.86 -33.87 8.30
C GLY D 412 -23.31 -34.56 9.54
N GLY D 413 -24.27 -35.46 9.40
CA GLY D 413 -24.77 -36.21 10.54
C GLY D 413 -23.63 -36.90 11.27
N LYS D 414 -22.78 -37.55 10.50
CA LYS D 414 -21.67 -38.27 11.09
C LYS D 414 -20.88 -37.41 12.04
N GLN D 415 -20.60 -36.18 11.62
CA GLN D 415 -19.76 -35.31 12.39
C GLN D 415 -20.45 -34.93 13.70
N ALA D 416 -21.76 -34.67 13.61
CA ALA D 416 -22.54 -34.27 14.76
C ALA D 416 -22.53 -35.38 15.78
N LEU D 417 -22.85 -36.58 15.33
CA LEU D 417 -22.86 -37.76 16.20
C LEU D 417 -21.54 -37.92 16.91
N GLU D 418 -20.47 -37.91 16.16
CA GLU D 418 -19.17 -38.09 16.73
C GLU D 418 -18.81 -36.99 17.68
N THR D 419 -19.21 -35.77 17.37
CA THR D 419 -18.82 -34.64 18.18
C THR D 419 -19.61 -34.61 19.46
N VAL D 420 -20.85 -35.04 19.41
CA VAL D 420 -21.65 -35.20 20.61
C VAL D 420 -20.95 -36.17 21.55
N GLN D 421 -20.59 -37.34 21.03
CA GLN D 421 -19.82 -38.32 21.80
C GLN D 421 -18.66 -37.66 22.54
N ARG D 422 -17.87 -36.85 21.85
CA ARG D 422 -16.74 -36.16 22.47
C ARG D 422 -17.12 -35.17 23.52
N LEU D 423 -18.14 -34.36 23.26
CA LEU D 423 -18.36 -33.15 24.06
C LEU D 423 -19.52 -33.20 25.02
N LEU D 424 -20.46 -34.11 24.80
CA LEU D 424 -21.59 -34.23 25.71
C LEU D 424 -21.19 -34.28 27.19
N PRO D 425 -20.14 -35.03 27.54
CA PRO D 425 -19.77 -35.00 28.95
C PRO D 425 -19.24 -33.63 29.41
N VAL D 426 -18.14 -33.18 28.82
CA VAL D 426 -17.54 -31.91 29.26
C VAL D 426 -18.59 -30.80 29.31
N LEU D 427 -19.46 -30.76 28.32
CA LEU D 427 -20.52 -29.76 28.29
C LEU D 427 -21.49 -29.92 29.45
N CYS D 428 -21.97 -31.14 29.66
CA CYS D 428 -22.98 -31.38 30.66
C CYS D 428 -22.45 -31.24 32.08
N GLN D 429 -21.44 -32.03 32.43
CA GLN D 429 -20.92 -31.94 33.79
C GLN D 429 -20.10 -30.67 33.99
N ALA D 430 -19.09 -30.45 33.18
CA ALA D 430 -18.19 -29.31 33.42
C ALA D 430 -18.77 -27.91 33.13
N HIS D 431 -19.83 -27.80 32.33
CA HIS D 431 -20.44 -26.48 32.04
C HIS D 431 -21.93 -26.39 32.29
N GLY D 432 -22.52 -27.46 32.82
CA GLY D 432 -23.89 -27.40 33.30
C GLY D 432 -24.92 -27.19 32.22
N LEU D 433 -24.81 -27.95 31.13
CA LEU D 433 -25.83 -27.96 30.10
C LEU D 433 -26.62 -29.23 30.21
N THR D 434 -27.88 -29.17 29.81
CA THR D 434 -28.73 -30.34 29.87
C THR D 434 -28.53 -31.09 28.57
N PRO D 435 -28.56 -32.42 28.61
CA PRO D 435 -28.48 -33.14 27.36
C PRO D 435 -29.48 -32.69 26.30
N GLN D 436 -30.70 -32.30 26.69
CA GLN D 436 -31.71 -31.92 25.69
C GLN D 436 -31.17 -30.72 24.89
N GLN D 437 -30.48 -29.83 25.59
CA GLN D 437 -29.86 -28.66 24.96
C GLN D 437 -28.80 -29.09 23.95
N VAL D 438 -27.86 -29.92 24.39
CA VAL D 438 -26.78 -30.41 23.55
C VAL D 438 -27.29 -31.03 22.28
N VAL D 439 -28.37 -31.80 22.39
CA VAL D 439 -28.96 -32.41 21.22
C VAL D 439 -29.62 -31.39 20.31
N ALA D 440 -30.18 -30.34 20.88
CA ALA D 440 -30.86 -29.34 20.08
C ALA D 440 -29.88 -28.54 19.25
N ILE D 441 -28.74 -28.21 19.85
CA ILE D 441 -27.64 -27.58 19.16
C ILE D 441 -27.16 -28.41 17.97
N ALA D 442 -27.00 -29.72 18.22
CA ALA D 442 -26.47 -30.63 17.24
C ALA D 442 -27.46 -31.05 16.17
N SER D 443 -28.75 -30.82 16.38
CA SER D 443 -29.77 -31.27 15.43
C SER D 443 -30.01 -30.28 14.30
N ASN D 444 -28.92 -29.92 13.63
CA ASN D 444 -28.91 -28.93 12.57
C ASN D 444 -27.72 -29.16 11.69
N GLY D 445 -27.73 -28.57 10.49
CA GLY D 445 -26.51 -28.46 9.69
C GLY D 445 -25.46 -27.73 10.50
N GLY D 446 -24.20 -27.97 10.23
CA GLY D 446 -23.12 -27.41 11.02
C GLY D 446 -23.19 -27.67 12.51
N GLY D 447 -23.73 -28.83 12.89
CA GLY D 447 -23.88 -29.20 14.28
C GLY D 447 -22.57 -29.34 14.99
N ARG D 448 -21.57 -29.90 14.31
CA ARG D 448 -20.26 -30.06 14.90
C ARG D 448 -19.59 -28.73 15.19
N PRO D 449 -19.42 -27.90 14.18
CA PRO D 449 -18.87 -26.64 14.53
C PRO D 449 -19.67 -25.85 15.57
N ALA D 450 -20.99 -25.99 15.58
CA ALA D 450 -21.83 -25.34 16.60
C ALA D 450 -21.35 -25.78 17.98
N LEU D 451 -21.29 -27.09 18.18
CA LEU D 451 -20.83 -27.64 19.43
C LEU D 451 -19.43 -27.21 19.74
N GLU D 452 -18.50 -27.40 18.84
CA GLU D 452 -17.14 -27.00 19.13
C GLU D 452 -17.04 -25.56 19.52
N SER D 453 -17.75 -24.69 18.81
CA SER D 453 -17.74 -23.24 19.09
C SER D 453 -18.23 -22.97 20.46
N ILE D 454 -19.36 -23.58 20.80
CA ILE D 454 -20.01 -23.32 22.07
C ILE D 454 -19.09 -23.74 23.23
N VAL D 455 -18.33 -24.81 23.06
CA VAL D 455 -17.37 -25.23 24.08
C VAL D 455 -16.31 -24.18 24.25
N ALA D 456 -15.64 -23.84 23.17
CA ALA D 456 -14.56 -22.85 23.20
C ALA D 456 -14.96 -21.52 23.81
N GLN D 457 -16.24 -21.18 23.74
CA GLN D 457 -16.74 -19.92 24.30
C GLN D 457 -16.91 -19.98 25.80
N LEU D 458 -17.22 -21.17 26.32
CA LEU D 458 -17.37 -21.38 27.76
C LEU D 458 -16.03 -21.71 28.42
N SER D 459 -15.25 -22.58 27.80
CA SER D 459 -14.00 -23.07 28.38
C SER D 459 -13.00 -21.93 28.59
N ARG D 460 -13.05 -20.96 27.69
CA ARG D 460 -12.23 -19.77 27.80
C ARG D 460 -12.92 -18.62 27.05
N PRO D 461 -13.82 -17.89 27.75
CA PRO D 461 -14.51 -16.76 27.16
C PRO D 461 -13.45 -15.86 26.52
N ASP D 462 -13.28 -16.01 25.21
CA ASP D 462 -12.13 -15.44 24.45
C ASP D 462 -11.76 -13.93 24.72
N PRO D 463 -11.23 -13.20 23.69
CA PRO D 463 -11.38 -11.76 23.94
C PRO D 463 -12.94 -11.43 23.95
N ALA D 464 -13.78 -12.50 24.06
CA ALA D 464 -15.26 -12.47 24.15
C ALA D 464 -15.85 -13.18 25.41
N LEU D 465 -16.27 -12.44 26.45
CA LEU D 465 -16.80 -12.96 27.73
C LEU D 465 -18.17 -12.42 28.32
N ALA D 466 -19.01 -13.35 28.84
CA ALA D 466 -20.10 -13.06 29.84
C ALA D 466 -21.33 -12.30 29.35
N ALA D 467 -21.18 -11.54 28.26
CA ALA D 467 -22.22 -10.66 27.76
C ALA D 467 -23.60 -11.35 27.84
N LEU D 468 -23.68 -12.53 27.23
CA LEU D 468 -24.86 -13.40 27.26
C LEU D 468 -24.65 -14.58 28.25
N THR D 469 -25.73 -15.01 28.89
CA THR D 469 -25.69 -16.17 29.74
C THR D 469 -25.80 -17.40 28.89
N ASN D 470 -25.66 -18.56 29.52
CA ASN D 470 -25.50 -19.81 28.78
C ASN D 470 -26.73 -20.24 28.03
N ASP D 471 -27.90 -20.00 28.60
CA ASP D 471 -29.11 -20.42 27.91
C ASP D 471 -29.30 -19.64 26.63
N HIS D 472 -28.72 -18.43 26.54
CA HIS D 472 -28.78 -17.65 25.31
C HIS D 472 -27.83 -18.29 24.33
N LEU D 473 -26.57 -18.40 24.71
CA LEU D 473 -25.60 -19.06 23.88
C LEU D 473 -26.12 -20.49 23.96
N VAL D 474 -26.94 -20.90 23.06
CA VAL D 474 -27.50 -22.29 23.20
C VAL D 474 -28.64 -22.00 22.34
N ALA D 475 -29.44 -21.01 22.75
CA ALA D 475 -30.51 -20.54 21.89
C ALA D 475 -29.92 -20.11 20.55
N LEU D 476 -28.94 -19.22 20.63
CA LEU D 476 -28.20 -18.76 19.44
C LEU D 476 -27.65 -19.92 18.66
N ALA D 477 -26.89 -20.77 19.34
CA ALA D 477 -26.25 -21.87 18.69
C ALA D 477 -27.23 -22.76 17.97
N CYS D 478 -28.44 -22.90 18.48
CA CYS D 478 -29.46 -23.70 17.79
C CYS D 478 -30.04 -22.94 16.63
N LEU D 479 -30.09 -21.63 16.80
CA LEU D 479 -30.67 -20.77 15.81
C LEU D 479 -29.79 -20.68 14.55
N GLY D 480 -28.49 -20.68 14.72
CA GLY D 480 -27.57 -20.73 13.60
C GLY D 480 -26.28 -21.05 14.25
N GLY D 481 -25.59 -22.12 13.96
CA GLY D 481 -24.53 -22.51 14.88
C GLY D 481 -23.36 -21.56 14.99
N ARG D 482 -22.25 -21.94 14.38
CA ARG D 482 -21.04 -21.20 14.55
C ARG D 482 -21.17 -19.81 13.97
N PRO D 483 -21.78 -19.67 12.79
CA PRO D 483 -22.01 -18.34 12.25
C PRO D 483 -22.61 -17.37 13.25
N ALA D 484 -23.69 -17.76 13.93
CA ALA D 484 -24.35 -16.90 14.90
C ALA D 484 -23.50 -16.63 16.11
N LEU D 485 -22.77 -17.63 16.58
CA LEU D 485 -21.85 -17.41 17.69
C LEU D 485 -20.66 -16.53 17.32
N ASP D 486 -20.13 -16.73 16.11
CA ASP D 486 -19.02 -15.92 15.64
C ASP D 486 -19.50 -14.51 15.43
N ALA D 487 -20.72 -14.36 14.94
CA ALA D 487 -21.32 -13.05 14.69
C ALA D 487 -21.60 -12.26 15.97
N VAL D 488 -21.34 -12.85 17.11
CA VAL D 488 -21.59 -12.19 18.38
C VAL D 488 -20.25 -11.69 18.91
N LYS D 489 -19.22 -12.54 18.91
CA LYS D 489 -17.88 -12.04 19.20
C LYS D 489 -17.64 -10.80 18.34
N LYS D 490 -17.79 -10.97 17.02
CA LYS D 490 -17.50 -9.89 16.09
C LYS D 490 -18.63 -8.89 15.97
N LEU D 491 -19.35 -8.64 17.08
CA LEU D 491 -20.02 -7.35 17.31
C LEU D 491 -19.87 -6.90 18.76
N GLU D 492 -18.72 -7.15 19.37
CA GLU D 492 -18.56 -6.81 20.80
C GLU D 492 -17.11 -6.80 21.34
N HIS D 493 -17.02 -6.27 22.56
CA HIS D 493 -15.94 -6.47 23.55
C HIS D 493 -14.99 -5.27 23.75
P 5HC E 9 -15.97 -35.27 -17.12
OP1 5HC E 9 -16.69 -36.13 -18.05
OP2 5HC E 9 -16.54 -33.89 -17.10
O5' 5HC E 9 -15.87 -35.88 -15.67
C5' 5HC E 9 -15.91 -37.27 -15.61
C4' 5HC E 9 -15.76 -37.76 -14.20
O4' 5HC E 9 -14.76 -37.05 -13.53
C3' 5HC E 9 -17.03 -37.59 -13.41
O3' 5HC E 9 -17.57 -38.87 -13.17
C2' 5HC E 9 -16.63 -36.94 -12.12
C1' 5HC E 9 -15.13 -37.01 -12.15
N1 5HC E 9 -14.47 -35.89 -11.49
C2 5HC E 9 -13.73 -36.08 -10.28
O2 5HC E 9 -13.65 -37.22 -9.74
N3 5HC E 9 -13.13 -35.01 -9.73
C4 5HC E 9 -13.19 -33.80 -10.30
N4 5HC E 9 -12.58 -32.78 -9.73
C5 5HC E 9 -13.93 -33.60 -11.54
C5M 5HC E 9 -14.02 -32.27 -12.21
O5 5HC E 9 -14.53 -31.37 -11.24
C6 5HC E 9 -14.55 -34.69 -12.08
N MET G 1 -44.42 43.62 -1.79
CA MET G 1 -43.38 44.45 -1.14
C MET G 1 -42.81 45.39 -2.20
N GLN G 2 -42.05 44.80 -3.11
CA GLN G 2 -41.22 45.55 -4.10
C GLN G 2 -42.07 46.04 -5.36
N TRP G 3 -41.76 45.72 -6.64
CA TRP G 3 -42.67 46.08 -7.81
C TRP G 3 -42.79 45.01 -8.99
N SER G 4 -43.95 45.08 -9.68
CA SER G 4 -44.42 44.10 -10.74
C SER G 4 -45.93 44.32 -11.01
N GLY G 5 -46.70 44.39 -9.93
CA GLY G 5 -48.16 44.49 -9.98
C GLY G 5 -48.59 45.67 -9.12
N ALA G 6 -49.85 46.09 -9.28
CA ALA G 6 -50.35 47.36 -8.72
C ALA G 6 -51.29 47.02 -7.56
N ARG G 7 -51.01 47.60 -6.38
CA ARG G 7 -51.93 47.57 -5.23
C ARG G 7 -52.21 46.23 -4.60
N ALA G 8 -51.33 45.22 -4.72
CA ALA G 8 -51.72 43.91 -4.29
C ALA G 8 -50.81 43.24 -3.24
N LEU G 9 -49.88 43.98 -2.62
CA LEU G 9 -49.43 43.56 -1.29
C LEU G 9 -50.61 43.53 -0.27
N GLU G 10 -51.69 44.30 -0.52
CA GLU G 10 -52.92 44.36 0.32
C GLU G 10 -53.63 43.00 0.41
N ALA G 11 -54.18 42.53 -0.72
CA ALA G 11 -54.73 41.17 -0.85
C ALA G 11 -53.73 40.06 -0.48
N LEU G 12 -52.43 40.36 -0.53
CA LEU G 12 -51.34 39.42 -0.27
C LEU G 12 -50.79 39.42 1.20
N LEU G 13 -51.28 40.32 2.08
CA LEU G 13 -51.15 40.12 3.54
C LEU G 13 -52.41 39.73 4.29
N THR G 14 -53.57 40.01 3.68
CA THR G 14 -54.82 39.38 4.14
C THR G 14 -54.56 37.88 4.22
N VAL G 15 -54.07 37.35 3.10
CA VAL G 15 -53.72 35.94 2.97
C VAL G 15 -52.70 35.46 4.02
N ALA G 16 -51.61 36.20 4.17
CA ALA G 16 -50.57 35.84 5.12
C ALA G 16 -51.07 35.57 6.56
N GLY G 17 -52.01 36.39 7.02
CA GLY G 17 -52.53 36.27 8.39
C GLY G 17 -53.46 35.08 8.55
N GLU G 18 -54.27 34.85 7.53
CA GLU G 18 -55.21 33.72 7.49
C GLU G 18 -54.53 32.34 7.61
N LEU G 19 -53.31 32.23 7.11
CA LEU G 19 -52.56 30.97 7.17
C LEU G 19 -52.04 30.67 8.56
N ARG G 20 -51.98 31.70 9.40
CA ARG G 20 -51.75 31.51 10.84
C ARG G 20 -53.00 30.86 11.45
N GLY G 21 -54.15 31.15 10.81
CA GLY G 21 -55.48 30.63 11.14
C GLY G 21 -55.82 29.21 10.68
N PRO G 22 -57.14 28.81 10.78
CA PRO G 22 -57.66 27.39 11.03
C PRO G 22 -57.75 26.28 9.92
N PRO G 23 -56.78 26.21 9.03
CA PRO G 23 -56.49 24.87 8.57
C PRO G 23 -55.10 24.49 8.98
N LEU G 24 -54.16 25.45 9.05
CA LEU G 24 -52.72 25.10 9.08
C LEU G 24 -51.83 25.49 10.28
N GLN G 25 -52.17 26.54 11.02
CA GLN G 25 -51.36 26.92 12.22
C GLN G 25 -49.90 27.20 11.93
N LEU G 26 -49.70 28.21 11.09
CA LEU G 26 -48.37 28.53 10.62
C LEU G 26 -47.76 29.68 11.44
N ASP G 27 -46.59 29.40 12.04
CA ASP G 27 -45.82 30.46 12.68
C ASP G 27 -45.07 31.22 11.59
N THR G 28 -44.39 32.29 12.01
CA THR G 28 -43.64 33.13 11.06
C THR G 28 -42.54 32.32 10.41
N GLY G 29 -41.75 31.65 11.25
CA GLY G 29 -40.65 30.81 10.78
C GLY G 29 -40.97 30.06 9.50
N GLN G 30 -42.21 29.58 9.38
CA GLN G 30 -42.60 28.81 8.20
C GLN G 30 -43.00 29.74 7.08
N LEU G 31 -43.90 30.67 7.35
CA LEU G 31 -44.30 31.67 6.37
C LEU G 31 -43.10 32.29 5.67
N LEU G 32 -42.14 32.74 6.48
CA LEU G 32 -40.84 33.14 5.96
C LEU G 32 -40.30 32.05 5.01
N LYS G 33 -40.15 30.82 5.51
CA LYS G 33 -39.54 29.72 4.77
C LYS G 33 -40.15 29.53 3.39
N ILE G 34 -41.47 29.62 3.33
CA ILE G 34 -42.21 29.47 2.10
C ILE G 34 -41.92 30.65 1.20
N ALA G 35 -42.12 31.86 1.71
CA ALA G 35 -41.85 33.06 0.93
C ALA G 35 -40.44 33.00 0.36
N LYS G 36 -39.46 32.86 1.25
CA LYS G 36 -38.03 32.83 0.90
C LYS G 36 -37.66 31.88 -0.25
N ARG G 37 -38.07 30.62 -0.22
CA ARG G 37 -37.67 29.73 -1.31
C ARG G 37 -38.82 29.45 -2.30
N GLY G 38 -40.06 29.73 -1.91
CA GLY G 38 -41.20 29.45 -2.74
C GLY G 38 -41.56 30.60 -3.63
N GLY G 39 -41.62 31.80 -3.05
CA GLY G 39 -42.09 32.99 -3.75
C GLY G 39 -43.49 33.34 -3.30
N VAL G 40 -44.04 34.43 -3.82
CA VAL G 40 -45.38 34.87 -3.44
C VAL G 40 -46.43 33.92 -3.99
N THR G 41 -46.25 33.47 -5.24
CA THR G 41 -47.20 32.55 -5.84
C THR G 41 -47.33 31.33 -4.95
N ALA G 42 -46.20 30.85 -4.44
CA ALA G 42 -46.18 29.74 -3.49
C ALA G 42 -47.05 30.02 -2.27
N VAL G 43 -46.83 31.16 -1.65
CA VAL G 43 -47.63 31.56 -0.49
C VAL G 43 -49.11 31.70 -0.83
N GLU G 44 -49.40 32.38 -1.94
CA GLU G 44 -50.77 32.51 -2.43
C GLU G 44 -51.41 31.16 -2.64
N ALA G 45 -50.68 30.28 -3.32
CA ALA G 45 -51.15 28.93 -3.62
C ALA G 45 -51.57 28.16 -2.37
N VAL G 46 -50.77 28.26 -1.32
CA VAL G 46 -51.07 27.53 -0.11
C VAL G 46 -52.44 27.92 0.37
N HIS G 47 -52.61 29.21 0.64
CA HIS G 47 -53.92 29.75 0.99
C HIS G 47 -54.99 29.31 -0.02
N ALA G 48 -54.72 29.62 -1.29
CA ALA G 48 -55.63 29.31 -2.39
C ALA G 48 -56.31 27.97 -2.19
N TRP G 49 -55.51 26.93 -2.00
CA TRP G 49 -56.08 25.61 -1.80
C TRP G 49 -55.45 24.90 -0.62
N ARG G 50 -55.73 25.43 0.56
CA ARG G 50 -55.26 24.85 1.81
C ARG G 50 -56.21 23.77 2.31
N ASN G 51 -57.51 23.98 2.12
CA ASN G 51 -58.51 23.02 2.56
C ASN G 51 -58.51 21.75 1.72
N ALA G 52 -58.26 21.90 0.41
CA ALA G 52 -58.07 20.76 -0.49
C ALA G 52 -56.95 19.81 -0.04
N LEU G 53 -55.90 20.36 0.56
CA LEU G 53 -54.72 19.58 0.96
C LEU G 53 -54.80 18.90 2.32
N THR G 54 -55.59 19.46 3.24
CA THR G 54 -55.57 18.97 4.63
C THR G 54 -56.60 17.86 4.88
N GLY G 55 -57.73 17.92 4.18
CA GLY G 55 -58.70 16.85 4.24
C GLY G 55 -58.75 16.19 2.88
N ALA G 56 -59.97 15.79 2.49
CA ALA G 56 -60.23 15.27 1.14
C ALA G 56 -59.43 13.97 1.01
N PRO G 57 -59.06 13.56 -0.24
CA PRO G 57 -58.27 12.31 -0.27
C PRO G 57 -56.81 12.42 0.17
N LEU G 58 -56.30 13.64 0.42
CA LEU G 58 -54.86 13.86 0.59
C LEU G 58 -54.41 13.88 2.04
N ASN G 59 -55.20 14.51 2.90
CA ASN G 59 -54.93 14.54 4.33
C ASN G 59 -53.47 14.74 4.65
N LEU G 60 -52.92 15.79 4.07
CA LEU G 60 -51.55 16.18 4.39
C LEU G 60 -51.52 16.97 5.68
N THR G 61 -50.35 16.98 6.31
CA THR G 61 -50.15 17.76 7.52
C THR G 61 -49.54 19.11 7.14
N PRO G 62 -49.79 20.13 7.95
CA PRO G 62 -49.18 21.44 7.70
C PRO G 62 -47.69 21.35 7.37
N GLU G 63 -46.95 20.57 8.16
CA GLU G 63 -45.52 20.51 8.04
C GLU G 63 -45.15 19.95 6.67
N GLN G 64 -45.97 19.05 6.14
CA GLN G 64 -45.77 18.51 4.79
C GLN G 64 -46.09 19.51 3.70
N VAL G 65 -47.14 20.30 3.92
CA VAL G 65 -47.52 21.33 2.97
C VAL G 65 -46.44 22.38 2.86
N VAL G 66 -45.94 22.80 4.00
CA VAL G 66 -44.79 23.69 4.02
C VAL G 66 -43.64 23.08 3.21
N ALA G 67 -43.31 21.82 3.50
CA ALA G 67 -42.18 21.18 2.89
C ALA G 67 -42.25 21.17 1.39
N ILE G 68 -43.42 20.90 0.84
CA ILE G 68 -43.58 20.86 -0.61
C ILE G 68 -43.49 22.25 -1.19
N ALA G 69 -44.12 23.19 -0.51
CA ALA G 69 -44.19 24.56 -0.98
C ALA G 69 -42.84 25.30 -1.02
N SER G 70 -41.97 25.07 -0.04
CA SER G 70 -40.76 25.86 0.14
C SER G 70 -39.66 25.51 -0.84
N HIS G 71 -39.95 25.71 -2.12
CA HIS G 71 -39.03 25.37 -3.18
C HIS G 71 -39.39 26.11 -4.46
N ASP G 72 -38.41 26.23 -5.35
CA ASP G 72 -38.63 26.92 -6.61
C ASP G 72 -39.64 26.11 -7.41
N GLY G 73 -40.73 26.77 -7.77
CA GLY G 73 -41.87 26.09 -8.38
C GLY G 73 -42.71 25.32 -7.38
N GLY G 74 -42.85 25.86 -6.18
CA GLY G 74 -43.73 25.29 -5.16
C GLY G 74 -45.18 25.23 -5.62
N LYS G 75 -45.63 26.30 -6.27
CA LYS G 75 -47.01 26.39 -6.72
C LYS G 75 -47.33 25.19 -7.60
N GLN G 76 -46.39 24.88 -8.49
CA GLN G 76 -46.58 23.79 -9.45
C GLN G 76 -46.65 22.46 -8.73
N ALA G 77 -45.72 22.25 -7.81
CA ALA G 77 -45.67 21.02 -7.04
C ALA G 77 -46.90 20.80 -6.17
N LEU G 78 -47.41 21.86 -5.55
CA LEU G 78 -48.67 21.78 -4.80
C LEU G 78 -49.83 21.39 -5.69
N GLU G 79 -49.89 22.02 -6.86
CA GLU G 79 -50.94 21.76 -7.82
C GLU G 79 -50.80 20.34 -8.38
N THR G 80 -49.57 19.91 -8.63
CA THR G 80 -49.31 18.58 -9.17
C THR G 80 -49.66 17.48 -8.18
N VAL G 81 -49.25 17.64 -6.93
CA VAL G 81 -49.54 16.64 -5.91
C VAL G 81 -51.03 16.38 -5.79
N GLN G 82 -51.82 17.44 -5.75
CA GLN G 82 -53.28 17.30 -5.73
C GLN G 82 -53.74 16.28 -6.78
N ARG G 83 -53.31 16.46 -8.02
CA ARG G 83 -53.63 15.52 -9.10
C ARG G 83 -53.08 14.11 -8.87
N LEU G 84 -51.77 14.00 -8.67
CA LEU G 84 -51.09 12.71 -8.83
C LEU G 84 -50.91 11.86 -7.59
N LEU G 85 -51.00 12.43 -6.40
CA LEU G 85 -50.79 11.60 -5.20
C LEU G 85 -51.76 10.42 -5.14
N PRO G 86 -53.06 10.66 -5.36
CA PRO G 86 -53.97 9.51 -5.28
C PRO G 86 -53.59 8.38 -6.23
N VAL G 87 -53.25 8.72 -7.47
CA VAL G 87 -52.90 7.69 -8.48
C VAL G 87 -51.55 7.01 -8.16
N LEU G 88 -50.56 7.79 -7.74
CA LEU G 88 -49.28 7.20 -7.43
C LEU G 88 -49.37 6.21 -6.29
N CYS G 89 -50.22 6.49 -5.30
CA CYS G 89 -50.36 5.61 -4.15
C CYS G 89 -51.15 4.35 -4.47
N GLN G 90 -52.15 4.47 -5.33
CA GLN G 90 -53.01 3.33 -5.63
C GLN G 90 -52.43 2.49 -6.76
N ALA G 91 -52.11 3.14 -7.87
CA ALA G 91 -51.63 2.45 -9.07
C ALA G 91 -50.18 1.96 -8.99
N HIS G 92 -49.38 2.51 -8.08
CA HIS G 92 -48.01 2.05 -7.95
C HIS G 92 -47.60 1.79 -6.51
N GLY G 93 -48.55 1.76 -5.59
CA GLY G 93 -48.29 1.38 -4.22
C GLY G 93 -47.18 2.15 -3.53
N LEU G 94 -47.12 3.46 -3.76
CA LEU G 94 -46.18 4.29 -3.00
C LEU G 94 -46.89 4.84 -1.78
N THR G 95 -46.19 5.04 -0.67
CA THR G 95 -46.78 5.76 0.45
C THR G 95 -46.82 7.26 0.16
N PRO G 96 -47.76 7.99 0.78
CA PRO G 96 -47.72 9.46 0.73
C PRO G 96 -46.37 10.09 1.14
N GLN G 97 -45.77 9.66 2.26
CA GLN G 97 -44.46 10.17 2.64
C GLN G 97 -43.50 10.13 1.45
N GLN G 98 -43.57 9.06 0.66
CA GLN G 98 -42.77 8.95 -0.52
C GLN G 98 -43.13 9.97 -1.59
N VAL G 99 -44.42 10.18 -1.82
CA VAL G 99 -44.82 11.15 -2.83
C VAL G 99 -44.39 12.53 -2.37
N VAL G 100 -44.62 12.83 -1.10
CA VAL G 100 -44.20 14.11 -0.54
C VAL G 100 -42.69 14.31 -0.67
N ALA G 101 -41.91 13.25 -0.45
CA ALA G 101 -40.47 13.33 -0.60
C ALA G 101 -40.08 13.75 -1.99
N ILE G 102 -40.73 13.20 -2.98
CA ILE G 102 -40.42 13.56 -4.36
C ILE G 102 -40.80 15.02 -4.62
N ALA G 103 -41.96 15.41 -4.11
CA ALA G 103 -42.49 16.75 -4.34
C ALA G 103 -41.65 17.84 -3.67
N SER G 104 -41.01 17.52 -2.55
CA SER G 104 -40.33 18.51 -1.75
C SER G 104 -38.93 18.83 -2.29
N HIS G 105 -38.86 19.25 -3.56
CA HIS G 105 -37.65 19.71 -4.18
C HIS G 105 -37.94 20.69 -5.28
N ASP G 106 -36.90 21.34 -5.80
CA ASP G 106 -37.04 22.22 -6.96
C ASP G 106 -37.46 21.36 -8.14
N GLY G 107 -38.40 21.87 -8.92
CA GLY G 107 -38.91 21.13 -10.04
C GLY G 107 -39.50 19.80 -9.59
N GLY G 108 -40.42 19.90 -8.63
CA GLY G 108 -41.13 18.73 -8.11
C GLY G 108 -42.14 18.22 -9.11
N LYS G 109 -42.90 19.14 -9.70
CA LYS G 109 -43.83 18.81 -10.76
C LYS G 109 -43.14 17.86 -11.74
N GLN G 110 -41.94 18.20 -12.17
CA GLN G 110 -41.24 17.44 -13.18
C GLN G 110 -40.83 16.07 -12.68
N ALA G 111 -40.49 15.98 -11.40
CA ALA G 111 -40.13 14.70 -10.81
C ALA G 111 -41.35 13.81 -10.67
N LEU G 112 -42.41 14.31 -10.07
CA LEU G 112 -43.69 13.59 -9.98
C LEU G 112 -44.22 13.10 -11.33
N GLU G 113 -44.27 13.97 -12.35
CA GLU G 113 -44.75 13.58 -13.65
C GLU G 113 -43.84 12.55 -14.29
N THR G 114 -42.53 12.72 -14.10
CA THR G 114 -41.57 11.76 -14.63
C THR G 114 -41.66 10.42 -13.91
N VAL G 115 -41.94 10.43 -12.61
CA VAL G 115 -42.09 9.19 -11.88
C VAL G 115 -43.28 8.40 -12.43
N GLN G 116 -44.44 9.03 -12.48
CA GLN G 116 -45.62 8.41 -13.08
C GLN G 116 -45.29 7.85 -14.44
N ARG G 117 -44.68 8.68 -15.29
CA ARG G 117 -44.41 8.26 -16.65
C ARG G 117 -43.38 7.13 -16.75
N LEU G 118 -42.41 7.05 -15.83
CA LEU G 118 -41.31 6.09 -15.98
C LEU G 118 -41.14 5.10 -14.85
N LEU G 119 -41.91 5.18 -13.79
CA LEU G 119 -41.71 4.26 -12.68
C LEU G 119 -41.86 2.79 -13.13
N PRO G 120 -42.88 2.49 -13.96
CA PRO G 120 -43.04 1.10 -14.39
C PRO G 120 -41.83 0.58 -15.18
N VAL G 121 -41.53 1.22 -16.32
CA VAL G 121 -40.44 0.76 -17.17
C VAL G 121 -39.13 0.58 -16.39
N LEU G 122 -38.91 1.39 -15.38
CA LEU G 122 -37.72 1.24 -14.55
C LEU G 122 -37.84 0.03 -13.61
N CYS G 123 -39.01 -0.17 -13.02
CA CYS G 123 -39.23 -1.35 -12.18
C CYS G 123 -39.34 -2.63 -13.01
N GLN G 124 -40.23 -2.61 -13.99
CA GLN G 124 -40.45 -3.80 -14.81
C GLN G 124 -39.25 -4.18 -15.65
N ALA G 125 -38.92 -3.32 -16.63
CA ALA G 125 -37.96 -3.64 -17.66
C ALA G 125 -36.51 -3.39 -17.27
N HIS G 126 -36.24 -2.85 -16.07
CA HIS G 126 -34.86 -2.77 -15.58
C HIS G 126 -34.72 -3.34 -14.17
N GLY G 127 -35.75 -4.03 -13.70
CA GLY G 127 -35.69 -4.74 -12.45
C GLY G 127 -35.34 -3.88 -11.27
N LEU G 128 -35.75 -2.61 -11.30
CA LEU G 128 -35.54 -1.72 -10.15
C LEU G 128 -36.67 -1.83 -9.15
N THR G 129 -36.37 -1.66 -7.87
CA THR G 129 -37.42 -1.58 -6.86
C THR G 129 -37.99 -0.17 -6.96
N PRO G 130 -39.25 0.00 -6.55
CA PRO G 130 -39.78 1.36 -6.46
C PRO G 130 -39.09 2.22 -5.38
N GLU G 131 -38.62 1.61 -4.29
CA GLU G 131 -37.83 2.36 -3.29
C GLU G 131 -36.70 3.09 -3.96
N GLN G 132 -36.04 2.38 -4.87
CA GLN G 132 -34.90 2.92 -5.58
C GLN G 132 -35.30 4.03 -6.50
N VAL G 133 -36.42 3.85 -7.17
CA VAL G 133 -36.88 4.88 -8.09
C VAL G 133 -37.27 6.15 -7.33
N VAL G 134 -37.80 6.01 -6.12
CA VAL G 134 -38.07 7.19 -5.31
C VAL G 134 -36.79 7.89 -4.88
N ALA G 135 -35.77 7.09 -4.53
CA ALA G 135 -34.46 7.63 -4.16
C ALA G 135 -33.88 8.50 -5.25
N ILE G 136 -34.00 8.05 -6.48
CA ILE G 136 -33.48 8.79 -7.60
C ILE G 136 -34.29 10.04 -7.86
N ALA G 137 -35.60 9.96 -7.73
CA ALA G 137 -36.45 11.11 -8.00
C ALA G 137 -36.43 12.16 -6.90
N SER G 138 -35.97 11.78 -5.70
CA SER G 138 -36.04 12.67 -4.54
C SER G 138 -34.84 13.59 -4.44
N HIS G 139 -34.57 14.30 -5.53
CA HIS G 139 -33.56 15.33 -5.55
C HIS G 139 -33.90 16.37 -6.61
N ASP G 140 -33.09 17.43 -6.65
CA ASP G 140 -33.26 18.43 -7.68
C ASP G 140 -32.90 17.79 -9.01
N GLY G 141 -33.76 18.06 -9.99
CA GLY G 141 -33.58 17.49 -11.30
C GLY G 141 -33.74 15.99 -11.27
N GLY G 142 -34.80 15.54 -10.60
CA GLY G 142 -35.13 14.12 -10.59
C GLY G 142 -35.50 13.68 -12.00
N LYS G 143 -36.31 14.50 -12.67
CA LYS G 143 -36.69 14.22 -14.03
C LYS G 143 -35.46 13.84 -14.83
N GLN G 144 -34.37 14.59 -14.67
CA GLN G 144 -33.15 14.34 -15.44
C GLN G 144 -32.48 13.05 -15.02
N ALA G 145 -32.39 12.80 -13.72
CA ALA G 145 -31.77 11.56 -13.23
C ALA G 145 -32.56 10.36 -13.74
N LEU G 146 -33.85 10.32 -13.42
CA LEU G 146 -34.73 9.30 -13.94
C LEU G 146 -34.45 9.02 -15.40
N GLU G 147 -34.59 10.04 -16.23
CA GLU G 147 -34.44 9.89 -17.66
C GLU G 147 -33.07 9.35 -18.01
N THR G 148 -32.02 9.94 -17.45
CA THR G 148 -30.66 9.44 -17.68
C THR G 148 -30.52 7.98 -17.24
N VAL G 149 -31.07 7.62 -16.09
CA VAL G 149 -30.94 6.26 -15.59
C VAL G 149 -31.54 5.29 -16.59
N GLN G 150 -32.69 5.65 -17.14
CA GLN G 150 -33.29 4.83 -18.19
C GLN G 150 -32.28 4.60 -19.31
N ALA G 151 -31.76 5.69 -19.85
CA ALA G 151 -30.87 5.65 -21.00
C ALA G 151 -29.57 4.86 -20.76
N LEU G 152 -28.93 5.06 -19.61
CA LEU G 152 -27.56 4.59 -19.42
C LEU G 152 -27.41 3.30 -18.63
N LEU G 153 -28.44 2.87 -17.90
CA LEU G 153 -28.28 1.70 -17.03
C LEU G 153 -27.80 0.44 -17.77
N PRO G 154 -28.44 0.11 -18.91
CA PRO G 154 -27.95 -1.05 -19.64
C PRO G 154 -26.46 -0.93 -19.99
N VAL G 155 -26.06 0.26 -20.41
CA VAL G 155 -24.69 0.48 -20.87
C VAL G 155 -23.73 0.27 -19.71
N LEU G 156 -24.00 0.92 -18.60
CA LEU G 156 -23.08 0.91 -17.46
C LEU G 156 -22.93 -0.47 -16.83
N CYS G 157 -23.92 -1.33 -17.02
CA CYS G 157 -23.85 -2.66 -16.49
C CYS G 157 -23.20 -3.63 -17.47
N GLN G 158 -23.66 -3.64 -18.71
CA GLN G 158 -23.05 -4.50 -19.74
C GLN G 158 -21.61 -4.11 -20.02
N ALA G 159 -21.43 -2.87 -20.47
CA ALA G 159 -20.12 -2.39 -20.91
C ALA G 159 -19.13 -2.21 -19.75
N HIS G 160 -19.47 -1.36 -18.79
CA HIS G 160 -18.52 -0.97 -17.76
C HIS G 160 -18.63 -1.83 -16.50
N GLY G 161 -19.50 -2.83 -16.52
CA GLY G 161 -19.53 -3.86 -15.48
C GLY G 161 -19.99 -3.42 -14.11
N LEU G 162 -20.97 -2.53 -14.05
CA LEU G 162 -21.45 -2.05 -12.75
C LEU G 162 -22.73 -2.72 -12.33
N THR G 163 -22.88 -2.90 -11.02
CA THR G 163 -24.14 -3.38 -10.48
C THR G 163 -25.17 -2.27 -10.65
N PRO G 164 -26.46 -2.63 -10.72
CA PRO G 164 -27.55 -1.65 -10.64
C PRO G 164 -27.58 -0.87 -9.33
N GLU G 165 -27.22 -1.51 -8.21
CA GLU G 165 -27.13 -0.83 -6.92
C GLU G 165 -26.20 0.38 -7.08
N GLN G 166 -25.06 0.14 -7.72
CA GLN G 166 -24.06 1.17 -7.92
C GLN G 166 -24.57 2.29 -8.78
N VAL G 167 -25.33 1.96 -9.81
CA VAL G 167 -25.89 2.99 -10.66
C VAL G 167 -26.93 3.82 -9.93
N VAL G 168 -27.74 3.18 -9.11
CA VAL G 168 -28.70 3.91 -8.30
C VAL G 168 -27.97 4.89 -7.39
N ALA G 169 -26.97 4.39 -6.67
CA ALA G 169 -26.18 5.22 -5.77
C ALA G 169 -25.76 6.55 -6.42
N ILE G 170 -25.24 6.45 -7.65
CA ILE G 170 -24.79 7.60 -8.41
C ILE G 170 -25.92 8.52 -8.81
N ALA G 171 -27.03 7.96 -9.26
CA ALA G 171 -28.16 8.78 -9.69
C ALA G 171 -28.89 9.46 -8.55
N SER G 172 -28.72 8.92 -7.34
CA SER G 172 -29.47 9.33 -6.15
C SER G 172 -28.79 10.46 -5.38
N ASN G 173 -28.49 11.53 -6.12
CA ASN G 173 -27.88 12.76 -5.64
C ASN G 173 -28.34 13.88 -6.54
N GLY G 174 -28.14 15.12 -6.13
CA GLY G 174 -28.38 16.25 -7.02
C GLY G 174 -27.41 16.24 -8.17
N GLY G 175 -27.88 16.68 -9.34
CA GLY G 175 -27.06 16.61 -10.55
C GLY G 175 -26.63 15.19 -10.92
N GLY G 176 -27.56 14.23 -10.77
CA GLY G 176 -27.27 12.82 -10.97
C GLY G 176 -26.99 12.55 -12.41
N LYS G 177 -27.79 13.15 -13.28
CA LYS G 177 -27.56 13.04 -14.73
C LYS G 177 -26.11 13.30 -15.07
N GLN G 178 -25.53 14.35 -14.48
CA GLN G 178 -24.15 14.70 -14.76
C GLN G 178 -23.22 13.60 -14.28
N ALA G 179 -23.42 13.14 -13.06
CA ALA G 179 -22.52 12.16 -12.48
C ALA G 179 -22.55 10.89 -13.29
N LEU G 180 -23.75 10.48 -13.72
CA LEU G 180 -23.90 9.28 -14.52
C LEU G 180 -23.10 9.42 -15.80
N GLU G 181 -23.43 10.45 -16.59
CA GLU G 181 -22.73 10.70 -17.82
C GLU G 181 -21.23 10.75 -17.58
N THR G 182 -20.79 11.54 -16.61
CA THR G 182 -19.37 11.71 -16.37
C THR G 182 -18.69 10.37 -16.05
N VAL G 183 -19.37 9.50 -15.32
CA VAL G 183 -18.81 8.19 -14.99
C VAL G 183 -18.63 7.37 -16.26
N GLN G 184 -19.67 7.33 -17.09
CA GLN G 184 -19.60 6.66 -18.38
C GLN G 184 -18.34 7.05 -19.12
N ARG G 185 -18.09 8.35 -19.24
CA ARG G 185 -16.93 8.82 -20.00
C ARG G 185 -15.59 8.45 -19.37
N LEU G 186 -15.48 8.61 -18.06
CA LEU G 186 -14.17 8.53 -17.40
C LEU G 186 -13.86 7.20 -16.71
N LEU G 187 -14.82 6.28 -16.63
CA LEU G 187 -14.59 5.04 -15.93
C LEU G 187 -13.41 4.25 -16.57
N PRO G 188 -13.40 4.12 -17.91
CA PRO G 188 -12.27 3.36 -18.50
C PRO G 188 -10.93 4.06 -18.21
N VAL G 189 -10.90 5.35 -18.47
CA VAL G 189 -9.72 6.18 -18.25
C VAL G 189 -9.22 5.98 -16.83
N LEU G 190 -10.09 6.26 -15.88
CA LEU G 190 -9.71 6.27 -14.48
C LEU G 190 -9.22 4.92 -13.98
N CYS G 191 -9.74 3.85 -14.57
CA CYS G 191 -9.39 2.51 -14.11
C CYS G 191 -8.14 1.98 -14.77
N GLN G 192 -8.17 1.81 -16.09
CA GLN G 192 -6.99 1.31 -16.79
C GLN G 192 -5.79 2.23 -16.54
N ALA G 193 -5.95 3.49 -16.91
CA ALA G 193 -4.84 4.46 -16.88
C ALA G 193 -4.39 4.81 -15.46
N HIS G 194 -5.24 5.51 -14.71
CA HIS G 194 -4.86 6.00 -13.39
C HIS G 194 -4.87 4.92 -12.30
N GLY G 195 -5.25 3.70 -12.65
CA GLY G 195 -5.10 2.55 -11.77
C GLY G 195 -6.07 2.52 -10.59
N LEU G 196 -7.32 2.89 -10.84
CA LEU G 196 -8.31 2.84 -9.79
C LEU G 196 -9.21 1.63 -9.95
N THR G 197 -9.76 1.14 -8.84
CA THR G 197 -10.80 0.12 -8.88
C THR G 197 -12.10 0.84 -9.24
N PRO G 198 -12.97 0.18 -10.02
CA PRO G 198 -14.26 0.84 -10.32
C PRO G 198 -15.08 1.17 -9.05
N GLN G 199 -14.90 0.41 -7.98
CA GLN G 199 -15.53 0.72 -6.70
C GLN G 199 -15.17 2.12 -6.20
N GLN G 200 -13.92 2.53 -6.43
CA GLN G 200 -13.47 3.84 -5.99
C GLN G 200 -14.06 4.92 -6.85
N VAL G 201 -14.28 4.61 -8.13
CA VAL G 201 -14.84 5.58 -9.03
C VAL G 201 -16.29 5.90 -8.66
N VAL G 202 -17.04 4.86 -8.30
CA VAL G 202 -18.40 5.04 -7.82
C VAL G 202 -18.41 5.87 -6.53
N ALA G 203 -17.50 5.57 -5.60
CA ALA G 203 -17.43 6.30 -4.33
C ALA G 203 -17.39 7.78 -4.59
N ILE G 204 -16.59 8.16 -5.57
CA ILE G 204 -16.38 9.56 -5.92
C ILE G 204 -17.62 10.14 -6.57
N ALA G 205 -18.23 9.40 -7.48
CA ALA G 205 -19.38 9.90 -8.21
C ALA G 205 -20.65 9.93 -7.39
N SER G 206 -20.63 9.20 -6.26
CA SER G 206 -21.81 9.02 -5.44
C SER G 206 -21.96 10.10 -4.37
N ASN G 207 -21.54 11.33 -4.69
CA ASN G 207 -21.96 12.52 -3.95
C ASN G 207 -22.46 13.57 -4.90
N GLY G 208 -22.95 14.67 -4.33
CA GLY G 208 -23.28 15.87 -5.09
C GLY G 208 -22.02 16.41 -5.75
N GLY G 209 -22.18 17.12 -6.87
CA GLY G 209 -21.03 17.55 -7.63
C GLY G 209 -20.02 16.44 -7.92
N GLY G 210 -20.52 15.21 -8.08
CA GLY G 210 -19.68 14.07 -8.41
C GLY G 210 -19.00 14.23 -9.75
N LYS G 211 -19.70 14.82 -10.72
CA LYS G 211 -19.07 15.16 -11.99
C LYS G 211 -17.80 15.96 -11.75
N GLN G 212 -17.91 17.00 -10.94
CA GLN G 212 -16.78 17.87 -10.69
C GLN G 212 -15.64 17.10 -10.05
N ALA G 213 -15.95 16.28 -9.06
CA ALA G 213 -14.92 15.51 -8.38
C ALA G 213 -14.17 14.61 -9.35
N LEU G 214 -14.90 13.88 -10.19
CA LEU G 214 -14.31 12.95 -11.14
C LEU G 214 -13.36 13.64 -12.07
N GLU G 215 -13.85 14.68 -12.74
CA GLU G 215 -13.04 15.46 -13.67
C GLU G 215 -11.76 15.92 -13.00
N THR G 216 -11.93 16.52 -11.82
CA THR G 216 -10.83 17.07 -11.07
C THR G 216 -9.82 16.02 -10.64
N VAL G 217 -10.28 14.83 -10.33
CA VAL G 217 -9.38 13.75 -9.91
C VAL G 217 -8.50 13.30 -11.05
N GLN G 218 -9.13 13.04 -12.18
CA GLN G 218 -8.39 12.68 -13.39
C GLN G 218 -7.25 13.67 -13.62
N ARG G 219 -7.61 14.95 -13.58
CA ARG G 219 -6.62 16.01 -13.72
C ARG G 219 -5.53 15.95 -12.64
N LEU G 220 -5.93 15.95 -11.37
CA LEU G 220 -4.97 16.18 -10.27
C LEU G 220 -4.42 14.95 -9.59
N LEU G 221 -4.85 13.76 -10.00
CA LEU G 221 -4.40 12.55 -9.31
C LEU G 221 -2.88 12.30 -9.40
N PRO G 222 -2.32 12.37 -10.63
CA PRO G 222 -0.87 12.16 -10.75
C PRO G 222 -0.06 13.18 -9.95
N VAL G 223 -0.44 14.44 -10.09
CA VAL G 223 0.21 15.56 -9.40
C VAL G 223 0.35 15.29 -7.90
N LEU G 224 -0.78 14.94 -7.29
CA LEU G 224 -0.86 14.76 -5.84
C LEU G 224 -0.03 13.59 -5.35
N CYS G 225 0.07 12.55 -6.16
CA CYS G 225 0.88 11.40 -5.81
C CYS G 225 2.36 11.65 -6.05
N GLN G 226 2.72 12.25 -7.19
CA GLN G 226 4.13 12.55 -7.49
C GLN G 226 4.65 13.71 -6.64
N ALA G 227 4.10 14.90 -6.87
CA ALA G 227 4.63 16.14 -6.30
C ALA G 227 4.39 16.28 -4.81
N HIS G 228 3.36 15.63 -4.29
CA HIS G 228 3.05 15.73 -2.86
C HIS G 228 3.04 14.38 -2.15
N GLY G 229 3.56 13.35 -2.80
CA GLY G 229 3.73 12.02 -2.20
C GLY G 229 2.54 11.41 -1.48
N LEU G 230 1.33 11.62 -2.01
CA LEU G 230 0.11 11.03 -1.43
C LEU G 230 -0.20 9.70 -2.10
N THR G 231 -0.91 8.84 -1.40
CA THR G 231 -1.31 7.55 -1.97
C THR G 231 -2.59 7.78 -2.76
N PRO G 232 -2.83 6.98 -3.82
CA PRO G 232 -4.11 7.14 -4.53
C PRO G 232 -5.33 6.97 -3.61
N GLN G 233 -5.26 6.01 -2.70
CA GLN G 233 -6.33 5.79 -1.74
C GLN G 233 -6.59 7.08 -0.91
N GLN G 234 -5.54 7.85 -0.59
CA GLN G 234 -5.73 9.14 0.08
C GLN G 234 -6.37 10.17 -0.84
N VAL G 235 -5.99 10.16 -2.11
CA VAL G 235 -6.57 11.08 -3.06
C VAL G 235 -8.06 10.79 -3.22
N VAL G 236 -8.43 9.50 -3.22
CA VAL G 236 -9.84 9.11 -3.28
C VAL G 236 -10.57 9.49 -2.00
N ALA G 237 -9.96 9.26 -0.83
CA ALA G 237 -10.54 9.73 0.42
C ALA G 237 -10.97 11.19 0.30
N ILE G 238 -10.09 12.03 -0.20
CA ILE G 238 -10.37 13.46 -0.34
C ILE G 238 -11.45 13.70 -1.35
N ALA G 239 -11.33 13.06 -2.48
CA ALA G 239 -12.25 13.29 -3.57
C ALA G 239 -13.64 12.87 -3.20
N SER G 240 -13.74 11.85 -2.34
CA SER G 240 -15.05 11.30 -1.96
C SER G 240 -15.78 12.14 -0.94
N GLN G 241 -15.07 12.76 0.00
CA GLN G 241 -15.73 13.63 0.99
C GLN G 241 -15.69 15.10 0.63
N GLY G 242 -14.54 15.57 0.13
CA GLY G 242 -14.32 16.98 -0.13
C GLY G 242 -14.67 17.42 -1.54
N GLY G 243 -14.51 16.52 -2.50
CA GLY G 243 -14.78 16.85 -3.89
C GLY G 243 -13.77 17.81 -4.49
N LYS G 244 -14.16 18.41 -5.59
CA LYS G 244 -13.30 19.28 -6.37
C LYS G 244 -12.61 20.36 -5.52
N GLN G 245 -13.39 21.12 -4.75
CA GLN G 245 -12.84 22.19 -3.93
C GLN G 245 -11.74 21.69 -3.02
N ALA G 246 -11.94 20.54 -2.43
CA ALA G 246 -10.94 20.02 -1.48
C ALA G 246 -9.66 19.60 -2.21
N LEU G 247 -9.80 18.84 -3.29
CA LEU G 247 -8.63 18.45 -4.08
C LEU G 247 -7.83 19.67 -4.51
N GLU G 248 -8.50 20.63 -5.13
CA GLU G 248 -7.84 21.86 -5.58
C GLU G 248 -7.16 22.57 -4.44
N THR G 249 -7.89 22.76 -3.36
CA THR G 249 -7.38 23.49 -2.22
C THR G 249 -6.24 22.74 -1.53
N VAL G 250 -6.24 21.42 -1.60
CA VAL G 250 -5.16 20.63 -1.01
C VAL G 250 -3.85 20.90 -1.75
N GLN G 251 -3.85 20.60 -3.04
CA GLN G 251 -2.73 20.94 -3.92
C GLN G 251 -2.15 22.31 -3.57
N ARG G 252 -3.03 23.29 -3.49
CA ARG G 252 -2.66 24.68 -3.23
C ARG G 252 -2.06 24.90 -1.84
N LEU G 253 -2.71 24.39 -0.80
CA LEU G 253 -2.30 24.70 0.57
C LEU G 253 -1.53 23.62 1.31
N LEU G 254 -1.19 22.52 0.63
CA LEU G 254 -0.42 21.44 1.28
C LEU G 254 1.01 21.89 1.63
N PRO G 255 1.77 22.36 0.62
CA PRO G 255 3.12 22.80 0.98
C PRO G 255 3.10 23.86 2.09
N VAL G 256 2.17 24.82 1.99
CA VAL G 256 2.08 25.91 2.96
C VAL G 256 1.83 25.39 4.38
N LEU G 257 0.99 24.37 4.52
CA LEU G 257 0.58 23.89 5.85
C LEU G 257 1.60 22.98 6.53
N CYS G 258 2.57 22.52 5.75
CA CYS G 258 3.61 21.63 6.26
C CYS G 258 4.96 22.33 6.48
N GLN G 259 5.32 23.30 5.64
CA GLN G 259 6.51 24.15 5.91
C GLN G 259 6.24 25.09 7.08
N ALA G 260 5.26 25.98 6.89
CA ALA G 260 5.02 27.09 7.81
C ALA G 260 4.39 26.65 9.14
N HIS G 261 3.27 25.94 9.05
CA HIS G 261 2.52 25.52 10.23
C HIS G 261 2.85 24.10 10.67
N GLY G 262 3.59 23.37 9.84
CA GLY G 262 4.17 22.08 10.24
C GLY G 262 3.20 21.00 10.66
N LEU G 263 2.32 20.60 9.76
CA LEU G 263 1.41 19.46 9.99
C LEU G 263 1.83 18.29 9.12
N THR G 264 1.52 17.07 9.58
CA THR G 264 1.79 15.88 8.77
C THR G 264 0.77 15.78 7.63
N PRO G 265 1.22 15.33 6.44
CA PRO G 265 0.28 15.27 5.31
C PRO G 265 -0.88 14.33 5.63
N GLN G 266 -0.61 13.30 6.43
CA GLN G 266 -1.65 12.44 6.98
C GLN G 266 -2.79 13.28 7.59
N GLN G 267 -2.43 14.33 8.33
CA GLN G 267 -3.41 15.23 8.96
C GLN G 267 -4.12 16.15 8.00
N VAL G 268 -3.43 16.60 6.97
CA VAL G 268 -4.03 17.48 5.98
C VAL G 268 -5.10 16.71 5.22
N VAL G 269 -4.84 15.43 4.96
CA VAL G 269 -5.86 14.56 4.40
C VAL G 269 -7.08 14.48 5.33
N ALA G 270 -6.85 14.25 6.61
CA ALA G 270 -7.93 14.17 7.57
C ALA G 270 -8.81 15.41 7.54
N ILE G 271 -8.20 16.60 7.42
CA ILE G 271 -8.94 17.86 7.39
C ILE G 271 -9.76 18.06 6.12
N ALA G 272 -9.14 17.71 4.99
CA ALA G 272 -9.78 17.92 3.69
C ALA G 272 -10.89 16.91 3.38
N SER G 273 -10.81 15.70 3.94
CA SER G 273 -11.76 14.62 3.65
C SER G 273 -13.03 14.79 4.46
N ASN G 274 -13.78 15.83 4.12
CA ASN G 274 -15.04 16.17 4.77
C ASN G 274 -15.77 17.20 3.94
N ASN G 275 -17.02 17.48 4.27
CA ASN G 275 -17.76 18.48 3.54
C ASN G 275 -17.26 19.87 3.84
N GLY G 276 -16.95 20.63 2.80
CA GLY G 276 -16.34 21.95 2.95
C GLY G 276 -14.90 21.80 3.40
N GLY G 277 -14.27 20.69 3.01
CA GLY G 277 -12.84 20.51 3.23
C GLY G 277 -12.05 21.76 2.87
N LYS G 278 -12.39 22.37 1.74
CA LYS G 278 -11.80 23.63 1.36
C LYS G 278 -11.88 24.61 2.52
N GLN G 279 -13.09 24.88 2.96
CA GLN G 279 -13.31 25.87 4.00
C GLN G 279 -12.52 25.59 5.23
N ALA G 280 -12.37 24.30 5.57
CA ALA G 280 -11.66 23.93 6.77
C ALA G 280 -10.17 24.25 6.63
N LEU G 281 -9.59 23.76 5.55
CA LEU G 281 -8.19 24.01 5.25
C LEU G 281 -7.84 25.50 5.30
N GLU G 282 -8.62 26.33 4.61
CA GLU G 282 -8.37 27.77 4.61
C GLU G 282 -8.51 28.40 5.98
N THR G 283 -9.45 27.88 6.77
CA THR G 283 -9.66 28.36 8.11
C THR G 283 -8.53 27.94 9.03
N VAL G 284 -8.10 26.68 8.95
CA VAL G 284 -6.95 26.24 9.75
C VAL G 284 -5.61 26.84 9.30
N GLN G 285 -5.53 27.33 8.07
CA GLN G 285 -4.34 28.11 7.64
C GLN G 285 -4.23 29.38 8.50
N ARG G 286 -5.26 30.23 8.45
CA ARG G 286 -5.41 31.29 9.44
C ARG G 286 -5.72 30.60 10.76
N LEU G 287 -5.94 31.37 11.80
CA LEU G 287 -6.56 30.82 13.03
C LEU G 287 -5.79 29.72 13.78
N LEU G 288 -5.02 28.88 13.10
CA LEU G 288 -4.16 27.93 13.81
C LEU G 288 -3.15 28.67 14.67
N PRO G 289 -2.47 29.68 14.10
CA PRO G 289 -1.59 30.44 14.98
C PRO G 289 -2.33 30.95 16.22
N VAL G 290 -3.42 31.69 16.00
CA VAL G 290 -4.12 32.34 17.12
C VAL G 290 -4.81 31.32 18.03
N LEU G 291 -5.01 30.11 17.55
CA LEU G 291 -5.53 29.03 18.41
C LEU G 291 -4.47 28.36 19.29
N CYS G 292 -3.32 27.98 18.73
CA CYS G 292 -2.18 27.48 19.55
C CYS G 292 -1.36 28.60 20.16
N GLN G 293 -1.53 29.76 19.55
CA GLN G 293 -1.00 31.01 20.01
C GLN G 293 -2.24 31.46 20.77
N ALA G 294 -2.17 32.63 21.43
CA ALA G 294 -3.36 33.21 22.10
C ALA G 294 -4.01 32.09 22.92
N HIS G 295 -3.15 31.25 23.53
CA HIS G 295 -3.57 30.11 24.36
C HIS G 295 -4.35 29.06 23.69
N GLY G 296 -4.88 28.23 24.56
CA GLY G 296 -5.49 27.04 24.16
C GLY G 296 -4.48 26.01 23.72
N LEU G 297 -4.66 25.63 22.47
CA LEU G 297 -4.61 24.24 22.13
C LEU G 297 -3.36 23.79 21.39
N THR G 298 -3.09 22.49 21.46
CA THR G 298 -2.06 21.86 20.65
C THR G 298 -2.56 21.70 19.22
N PRO G 299 -1.63 21.59 18.24
CA PRO G 299 -2.04 21.36 16.86
C PRO G 299 -2.97 20.16 16.71
N GLN G 300 -2.70 19.07 17.45
CA GLN G 300 -3.53 17.86 17.39
C GLN G 300 -5.00 18.18 17.64
N GLN G 301 -5.26 19.04 18.63
CA GLN G 301 -6.63 19.44 18.96
C GLN G 301 -7.27 20.33 17.91
N VAL G 302 -6.49 21.20 17.29
CA VAL G 302 -7.01 22.03 16.21
C VAL G 302 -7.38 21.13 15.04
N VAL G 303 -6.52 20.17 14.72
CA VAL G 303 -6.81 19.17 13.70
C VAL G 303 -8.07 18.37 14.05
N ALA G 304 -8.17 17.97 15.31
CA ALA G 304 -9.35 17.23 15.77
C ALA G 304 -10.62 18.01 15.46
N ILE G 305 -10.61 19.29 15.80
CA ILE G 305 -11.77 20.15 15.62
C ILE G 305 -12.11 20.31 14.14
N ALA G 306 -11.09 20.57 13.34
CA ALA G 306 -11.26 20.82 11.91
C ALA G 306 -11.67 19.58 11.08
N SER G 307 -11.44 18.39 11.61
CA SER G 307 -11.65 17.13 10.86
C SER G 307 -13.08 16.60 10.98
N HIS G 308 -14.02 17.43 10.56
CA HIS G 308 -15.44 17.14 10.63
C HIS G 308 -16.20 18.05 9.68
N ASP G 309 -17.37 17.61 9.25
CA ASP G 309 -18.21 18.44 8.41
C ASP G 309 -18.51 19.79 9.10
N GLY G 310 -18.20 20.88 8.41
CA GLY G 310 -18.35 22.22 9.00
C GLY G 310 -17.23 22.63 9.94
N GLY G 311 -16.02 22.15 9.66
CA GLY G 311 -14.86 22.41 10.52
C GLY G 311 -14.58 23.89 10.69
N LYS G 312 -14.78 24.66 9.63
CA LYS G 312 -14.67 26.12 9.67
C LYS G 312 -15.51 26.71 10.77
N GLN G 313 -16.77 26.29 10.82
CA GLN G 313 -17.70 26.84 11.77
C GLN G 313 -17.31 26.49 13.18
N ALA G 314 -16.85 25.27 13.38
CA ALA G 314 -16.35 24.84 14.68
C ALA G 314 -15.18 25.71 15.13
N LEU G 315 -14.20 25.85 14.25
CA LEU G 315 -13.01 26.61 14.56
C LEU G 315 -13.33 28.06 14.88
N GLU G 316 -14.09 28.71 14.01
CA GLU G 316 -14.47 30.11 14.24
C GLU G 316 -15.25 30.29 15.54
N THR G 317 -16.15 29.36 15.83
CA THR G 317 -16.90 29.38 17.08
C THR G 317 -16.03 29.08 18.30
N VAL G 318 -15.05 28.20 18.18
CA VAL G 318 -14.14 27.92 19.31
C VAL G 318 -13.38 29.17 19.69
N GLN G 319 -12.69 29.75 18.72
CA GLN G 319 -11.91 30.96 18.94
C GLN G 319 -12.79 32.06 19.56
N ARG G 320 -14.03 32.16 19.13
CA ARG G 320 -14.91 33.19 19.66
C ARG G 320 -15.40 32.88 21.07
N LEU G 321 -15.76 31.63 21.34
CA LEU G 321 -16.39 31.30 22.62
C LEU G 321 -15.49 30.59 23.65
N LEU G 322 -14.29 30.18 23.25
CA LEU G 322 -13.41 29.50 24.18
C LEU G 322 -13.17 30.30 25.47
N PRO G 323 -12.86 31.60 25.36
CA PRO G 323 -12.76 32.39 26.59
C PRO G 323 -14.05 32.39 27.42
N VAL G 324 -15.14 32.95 26.89
CA VAL G 324 -16.37 33.07 27.67
C VAL G 324 -16.78 31.77 28.35
N LEU G 325 -16.61 30.64 27.65
CA LEU G 325 -16.92 29.33 28.23
C LEU G 325 -15.96 28.94 29.35
N CYS G 326 -14.66 29.06 29.09
CA CYS G 326 -13.65 28.68 30.07
C CYS G 326 -13.75 29.55 31.31
N GLN G 327 -13.95 30.86 31.13
CA GLN G 327 -13.93 31.81 32.24
C GLN G 327 -15.30 31.98 32.90
N ALA G 328 -16.31 32.34 32.11
CA ALA G 328 -17.63 32.66 32.67
C ALA G 328 -18.42 31.43 33.10
N HIS G 329 -18.08 30.26 32.58
CA HIS G 329 -18.75 29.02 32.98
C HIS G 329 -17.82 27.96 33.53
N GLY G 330 -16.52 28.26 33.63
CA GLY G 330 -15.56 27.33 34.22
C GLY G 330 -15.47 25.95 33.56
N LEU G 331 -14.91 25.90 32.35
CA LEU G 331 -14.66 24.64 31.66
C LEU G 331 -13.22 24.58 31.17
N THR G 332 -12.58 23.42 31.29
CA THR G 332 -11.23 23.25 30.75
C THR G 332 -11.32 23.23 29.23
N PRO G 333 -10.27 23.72 28.54
CA PRO G 333 -10.23 23.60 27.07
C PRO G 333 -10.42 22.15 26.59
N GLN G 334 -9.85 21.20 27.33
CA GLN G 334 -10.09 19.77 27.17
C GLN G 334 -11.56 19.46 26.85
N GLN G 335 -12.47 20.09 27.58
CA GLN G 335 -13.90 19.88 27.41
C GLN G 335 -14.50 20.66 26.24
N VAL G 336 -14.00 21.87 25.99
CA VAL G 336 -14.52 22.66 24.89
C VAL G 336 -14.12 21.97 23.60
N VAL G 337 -12.89 21.47 23.53
CA VAL G 337 -12.48 20.69 22.35
C VAL G 337 -13.42 19.50 22.14
N ALA G 338 -13.64 18.71 23.21
CA ALA G 338 -14.55 17.57 23.14
C ALA G 338 -15.86 17.94 22.47
N ILE G 339 -16.42 19.07 22.89
CA ILE G 339 -17.70 19.53 22.35
C ILE G 339 -17.65 19.90 20.88
N ALA G 340 -16.57 20.57 20.49
CA ALA G 340 -16.41 21.06 19.13
C ALA G 340 -15.89 20.01 18.12
N SER G 341 -15.47 18.85 18.61
CA SER G 341 -14.93 17.80 17.74
C SER G 341 -15.99 16.81 17.27
N ASN G 342 -17.15 17.34 16.87
CA ASN G 342 -18.19 16.54 16.23
C ASN G 342 -18.88 17.37 15.17
N ASN G 343 -19.63 16.72 14.29
CA ASN G 343 -20.50 17.46 13.39
C ASN G 343 -21.40 18.40 14.20
N GLY G 344 -21.50 19.65 13.75
CA GLY G 344 -22.28 20.63 14.46
C GLY G 344 -21.60 21.26 15.66
N GLY G 345 -20.28 21.19 15.69
CA GLY G 345 -19.50 21.75 16.82
C GLY G 345 -19.94 23.17 17.15
N LYS G 346 -20.03 24.01 16.14
CA LYS G 346 -20.52 25.36 16.32
C LYS G 346 -21.87 25.38 17.02
N GLN G 347 -22.78 24.54 16.58
CA GLN G 347 -24.11 24.54 17.16
C GLN G 347 -24.07 24.07 18.61
N ALA G 348 -23.19 23.11 18.89
CA ALA G 348 -23.09 22.54 20.23
C ALA G 348 -22.56 23.54 21.23
N LEU G 349 -21.49 24.21 20.86
CA LEU G 349 -20.90 25.21 21.72
C LEU G 349 -21.94 26.29 22.04
N GLU G 350 -22.55 26.86 21.00
CA GLU G 350 -23.53 27.92 21.19
C GLU G 350 -24.69 27.51 22.09
N THR G 351 -25.20 26.31 21.87
CA THR G 351 -26.28 25.79 22.69
C THR G 351 -25.83 25.60 24.12
N VAL G 352 -24.61 25.09 24.31
CA VAL G 352 -24.09 24.86 25.66
C VAL G 352 -24.01 26.18 26.41
N GLN G 353 -23.24 27.11 25.88
CA GLN G 353 -23.18 28.45 26.42
C GLN G 353 -24.54 28.91 26.96
N ARG G 354 -25.58 28.85 26.13
CA ARG G 354 -26.86 29.45 26.53
C ARG G 354 -27.67 28.54 27.48
N LEU G 355 -27.50 27.23 27.35
CA LEU G 355 -28.24 26.28 28.19
C LEU G 355 -27.54 25.77 29.45
N LEU G 356 -26.23 26.01 29.58
CA LEU G 356 -25.53 25.50 30.76
C LEU G 356 -26.17 26.02 32.07
N PRO G 357 -26.23 27.36 32.23
CA PRO G 357 -26.93 27.89 33.39
C PRO G 357 -28.28 27.25 33.66
N VAL G 358 -29.11 27.18 32.64
CA VAL G 358 -30.46 26.72 32.83
C VAL G 358 -30.46 25.32 33.40
N LEU G 359 -29.72 24.43 32.75
CA LEU G 359 -29.72 23.00 33.11
C LEU G 359 -29.17 22.73 34.49
N CYS G 360 -28.12 23.46 34.85
CA CYS G 360 -27.49 23.26 36.14
C CYS G 360 -28.35 23.81 37.26
N GLN G 361 -28.98 24.97 37.04
CA GLN G 361 -29.82 25.60 38.06
C GLN G 361 -31.20 24.94 38.13
N ALA G 362 -31.99 25.10 37.08
CA ALA G 362 -33.40 24.74 37.13
C ALA G 362 -33.64 23.23 37.18
N HIS G 363 -32.72 22.43 36.63
CA HIS G 363 -32.88 20.97 36.58
C HIS G 363 -31.85 20.19 37.40
N GLY G 364 -30.84 20.86 37.95
CA GLY G 364 -29.93 20.24 38.89
C GLY G 364 -28.99 19.20 38.30
N LEU G 365 -28.23 19.61 37.30
CA LEU G 365 -27.20 18.76 36.73
C LEU G 365 -25.84 19.33 37.03
N THR G 366 -24.86 18.46 37.11
CA THR G 366 -23.48 18.91 37.20
C THR G 366 -23.07 19.33 35.81
N PRO G 367 -22.09 20.25 35.67
CA PRO G 367 -21.52 20.48 34.35
C PRO G 367 -20.99 19.21 33.67
N GLU G 368 -20.27 18.36 34.42
CA GLU G 368 -19.64 17.15 33.83
C GLU G 368 -20.67 16.46 32.96
N GLN G 369 -21.90 16.36 33.48
CA GLN G 369 -23.02 15.77 32.76
C GLN G 369 -23.39 16.52 31.50
N VAL G 370 -23.63 17.81 31.62
CA VAL G 370 -23.97 18.63 30.46
C VAL G 370 -22.92 18.47 29.35
N VAL G 371 -21.65 18.51 29.69
CA VAL G 371 -20.61 18.36 28.68
C VAL G 371 -20.64 16.98 28.01
N ALA G 372 -20.96 15.94 28.78
CA ALA G 372 -21.05 14.59 28.24
C ALA G 372 -22.15 14.51 27.19
N ILE G 373 -23.26 15.19 27.45
CA ILE G 373 -24.34 15.30 26.47
C ILE G 373 -23.90 16.06 25.23
N ALA G 374 -23.26 17.20 25.43
CA ALA G 374 -22.81 18.02 24.33
C ALA G 374 -21.62 17.44 23.56
N SER G 375 -20.89 16.48 24.16
CA SER G 375 -19.66 15.94 23.53
C SER G 375 -19.93 14.84 22.49
N ASN G 376 -21.11 14.89 21.89
CA ASN G 376 -21.47 13.98 20.83
C ASN G 376 -22.00 14.75 19.63
N GLY G 377 -22.06 14.10 18.48
CA GLY G 377 -22.76 14.65 17.34
C GLY G 377 -24.20 14.90 17.70
N GLY G 378 -24.72 16.03 17.26
CA GLY G 378 -26.10 16.43 17.59
C GLY G 378 -26.25 16.89 19.02
N GLY G 379 -25.22 17.50 19.55
CA GLY G 379 -25.26 17.93 20.94
C GLY G 379 -26.38 18.91 21.20
N LYS G 380 -26.51 19.90 20.31
CA LYS G 380 -27.55 20.90 20.42
C LYS G 380 -28.91 20.26 20.55
N GLN G 381 -29.10 19.17 19.82
CA GLN G 381 -30.37 18.53 19.80
C GLN G 381 -30.66 17.77 21.07
N ALA G 382 -29.64 17.13 21.64
CA ALA G 382 -29.77 16.39 22.89
C ALA G 382 -29.98 17.33 24.04
N LEU G 383 -29.19 18.38 24.08
CA LEU G 383 -29.33 19.37 25.12
C LEU G 383 -30.72 19.94 25.17
N GLU G 384 -31.23 20.34 24.01
CA GLU G 384 -32.53 20.98 23.97
C GLU G 384 -33.62 19.99 24.32
N THR G 385 -33.39 18.72 24.02
CA THR G 385 -34.38 17.68 24.27
C THR G 385 -34.34 17.26 25.73
N VAL G 386 -33.16 17.29 26.33
CA VAL G 386 -33.06 17.07 27.76
C VAL G 386 -33.91 18.09 28.49
N GLN G 387 -33.71 19.35 28.15
CA GLN G 387 -34.47 20.43 28.77
C GLN G 387 -35.98 20.18 28.73
N ARG G 388 -36.52 19.91 27.56
CA ARG G 388 -37.94 19.62 27.43
C ARG G 388 -38.34 18.41 28.23
N LEU G 389 -37.69 17.30 27.94
CA LEU G 389 -38.20 16.00 28.34
C LEU G 389 -37.73 15.49 29.69
N LEU G 390 -36.78 16.16 30.33
CA LEU G 390 -36.29 15.69 31.62
C LEU G 390 -37.39 15.64 32.69
N PRO G 391 -38.11 16.76 32.91
CA PRO G 391 -39.24 16.71 33.82
C PRO G 391 -40.25 15.60 33.52
N VAL G 392 -40.80 15.57 32.32
CA VAL G 392 -41.89 14.64 32.02
C VAL G 392 -41.44 13.17 32.08
N LEU G 393 -40.17 12.91 31.77
CA LEU G 393 -39.63 11.55 31.88
C LEU G 393 -39.45 11.10 33.31
N CYS G 394 -39.00 12.01 34.16
CA CYS G 394 -38.83 11.72 35.57
C CYS G 394 -40.15 11.50 36.28
N GLN G 395 -41.13 12.33 36.01
CA GLN G 395 -42.43 12.18 36.66
C GLN G 395 -43.31 11.17 35.91
N ALA G 396 -43.98 11.60 34.84
CA ALA G 396 -44.99 10.77 34.14
C ALA G 396 -44.55 9.32 33.90
N HIS G 397 -43.27 9.10 33.60
CA HIS G 397 -42.74 7.78 33.29
C HIS G 397 -41.83 7.17 34.36
N GLY G 398 -41.44 7.96 35.36
CA GLY G 398 -40.75 7.43 36.53
C GLY G 398 -39.29 7.08 36.33
N LEU G 399 -38.53 8.01 35.80
CA LEU G 399 -37.08 7.84 35.61
C LEU G 399 -36.26 8.79 36.44
N THR G 400 -34.97 8.57 36.52
CA THR G 400 -34.11 9.41 37.36
C THR G 400 -33.27 10.23 36.41
N PRO G 401 -32.85 11.43 36.83
CA PRO G 401 -31.92 12.23 36.05
C PRO G 401 -30.68 11.52 35.51
N GLU G 402 -30.02 10.69 36.32
CA GLU G 402 -28.76 10.07 35.85
C GLU G 402 -29.03 9.18 34.65
N GLN G 403 -30.20 8.54 34.66
CA GLN G 403 -30.64 7.69 33.58
C GLN G 403 -30.94 8.51 32.33
N VAL G 404 -31.68 9.60 32.50
CA VAL G 404 -31.98 10.48 31.39
C VAL G 404 -30.68 11.00 30.77
N VAL G 405 -29.69 11.33 31.59
CA VAL G 405 -28.40 11.76 31.08
C VAL G 405 -27.69 10.62 30.30
N ALA G 406 -27.86 9.38 30.75
CA ALA G 406 -27.22 8.25 30.12
C ALA G 406 -27.80 8.02 28.73
N ILE G 407 -29.11 8.19 28.58
CA ILE G 407 -29.75 8.06 27.27
C ILE G 407 -29.28 9.15 26.36
N ALA G 408 -29.24 10.37 26.87
CA ALA G 408 -28.88 11.54 26.10
C ALA G 408 -27.42 11.58 25.73
N SER G 409 -26.58 10.86 26.45
CA SER G 409 -25.13 10.97 26.25
C SER G 409 -24.59 10.06 25.14
N HIS G 410 -25.24 10.10 24.00
CA HIS G 410 -24.88 9.30 22.84
C HIS G 410 -25.30 10.00 21.56
N ASP G 411 -24.69 9.63 20.45
CA ASP G 411 -25.12 10.13 19.17
C ASP G 411 -26.57 9.77 18.97
N GLY G 412 -27.37 10.77 18.60
CA GLY G 412 -28.80 10.58 18.47
C GLY G 412 -29.51 10.54 19.80
N GLY G 413 -28.99 11.26 20.78
CA GLY G 413 -29.60 11.32 22.10
C GLY G 413 -31.04 11.73 21.98
N LYS G 414 -31.29 12.78 21.20
CA LYS G 414 -32.62 13.32 21.05
C LYS G 414 -33.60 12.22 20.68
N GLN G 415 -33.21 11.37 19.74
CA GLN G 415 -34.11 10.38 19.22
C GLN G 415 -34.41 9.37 20.28
N ALA G 416 -33.39 8.99 21.04
CA ALA G 416 -33.52 7.99 22.09
C ALA G 416 -34.48 8.47 23.15
N LEU G 417 -34.24 9.69 23.62
CA LEU G 417 -35.11 10.32 24.60
C LEU G 417 -36.57 10.31 24.14
N GLU G 418 -36.80 10.81 22.93
CA GLU G 418 -38.13 10.88 22.42
C GLU G 418 -38.76 9.52 22.25
N THR G 419 -37.96 8.54 21.86
CA THR G 419 -38.49 7.22 21.58
C THR G 419 -38.81 6.48 22.85
N VAL G 420 -38.02 6.74 23.88
CA VAL G 420 -38.33 6.20 25.20
C VAL G 420 -39.69 6.70 25.66
N GLN G 421 -39.88 8.02 25.58
CA GLN G 421 -41.16 8.60 25.88
C GLN G 421 -42.30 7.85 25.23
N ARG G 422 -42.19 7.59 23.94
CA ARG G 422 -43.24 6.89 23.20
C ARG G 422 -43.45 5.46 23.65
N LEU G 423 -42.36 4.74 23.88
CA LEU G 423 -42.45 3.29 24.00
C LEU G 423 -42.30 2.72 25.39
N LEU G 424 -41.72 3.49 26.31
CA LEU G 424 -41.57 2.99 27.68
C LEU G 424 -42.86 2.40 28.27
N PRO G 425 -44.03 3.04 28.06
CA PRO G 425 -45.25 2.42 28.58
C PRO G 425 -45.58 1.10 27.90
N VAL G 426 -45.85 1.13 26.60
CA VAL G 426 -46.24 -0.08 25.89
C VAL G 426 -45.27 -1.23 26.18
N LEU G 427 -43.98 -0.93 26.22
CA LEU G 427 -42.98 -1.95 26.52
C LEU G 427 -43.13 -2.49 27.93
N CYS G 428 -43.24 -1.59 28.90
CA CYS G 428 -43.27 -1.99 30.30
C CYS G 428 -44.57 -2.70 30.68
N GLN G 429 -45.70 -2.01 30.52
CA GLN G 429 -46.96 -2.64 30.88
C GLN G 429 -47.33 -3.73 29.88
N ALA G 430 -47.44 -3.39 28.60
CA ALA G 430 -47.96 -4.36 27.61
C ALA G 430 -47.03 -5.54 27.26
N HIS G 431 -45.73 -5.43 27.50
CA HIS G 431 -44.80 -6.54 27.23
C HIS G 431 -43.89 -6.94 28.40
N GLY G 432 -44.10 -6.35 29.56
CA GLY G 432 -43.47 -6.83 30.77
C GLY G 432 -41.97 -6.66 30.78
N LEU G 433 -41.51 -5.48 30.39
CA LEU G 433 -40.10 -5.16 30.53
C LEU G 433 -39.93 -4.25 31.72
N THR G 434 -38.76 -4.30 32.34
CA THR G 434 -38.46 -3.42 33.48
C THR G 434 -37.88 -2.12 32.90
N PRO G 435 -38.20 -0.98 33.51
CA PRO G 435 -37.60 0.26 33.02
C PRO G 435 -36.08 0.21 32.93
N GLN G 436 -35.39 -0.47 33.85
CA GLN G 436 -33.93 -0.47 33.78
C GLN G 436 -33.47 -1.08 32.48
N GLN G 437 -34.20 -2.12 32.03
CA GLN G 437 -33.94 -2.74 30.73
C GLN G 437 -34.12 -1.74 29.59
N VAL G 438 -35.28 -1.09 29.54
CA VAL G 438 -35.58 -0.12 28.50
C VAL G 438 -34.51 0.97 28.40
N VAL G 439 -34.03 1.44 29.53
CA VAL G 439 -32.96 2.44 29.55
C VAL G 439 -31.64 1.86 29.08
N ALA G 440 -31.38 0.58 29.36
CA ALA G 440 -30.13 -0.02 28.92
C ALA G 440 -30.07 -0.16 27.40
N ILE G 441 -31.19 -0.57 26.81
CA ILE G 441 -31.33 -0.65 25.37
C ILE G 441 -31.06 0.69 24.71
N ALA G 442 -31.64 1.73 25.28
CA ALA G 442 -31.57 3.07 24.73
C ALA G 442 -30.25 3.78 24.98
N SER G 443 -29.46 3.28 25.92
CA SER G 443 -28.23 3.97 26.31
C SER G 443 -27.07 3.54 25.41
N ASN G 444 -27.29 3.70 24.11
CA ASN G 444 -26.32 3.36 23.09
C ASN G 444 -26.61 4.18 21.84
N GLY G 445 -25.65 4.22 20.92
CA GLY G 445 -25.93 4.71 19.58
C GLY G 445 -27.03 3.88 18.99
N GLY G 446 -27.78 4.44 18.05
CA GLY G 446 -28.91 3.71 17.49
C GLY G 446 -29.95 3.20 18.49
N GLY G 447 -30.10 3.94 19.58
CA GLY G 447 -31.02 3.57 20.64
C GLY G 447 -32.46 3.58 20.18
N ARG G 448 -32.81 4.53 19.34
CA ARG G 448 -34.15 4.57 18.84
C ARG G 448 -34.45 3.35 17.98
N PRO G 449 -33.65 3.11 16.95
CA PRO G 449 -34.03 1.96 16.17
C PRO G 449 -34.02 0.68 16.99
N ALA G 450 -33.15 0.60 17.99
CA ALA G 450 -33.10 -0.56 18.88
C ALA G 450 -34.48 -0.76 19.51
N LEU G 451 -34.97 0.29 20.15
CA LEU G 451 -36.27 0.28 20.77
C LEU G 451 -37.37 -0.02 19.79
N GLU G 452 -37.44 0.71 18.71
CA GLU G 452 -38.46 0.42 17.72
C GLU G 452 -38.47 -1.02 17.24
N SER G 453 -37.28 -1.54 16.96
CA SER G 453 -37.14 -2.94 16.51
C SER G 453 -37.65 -3.91 17.54
N ILE G 454 -37.24 -3.70 18.79
CA ILE G 454 -37.61 -4.61 19.87
C ILE G 454 -39.13 -4.65 20.10
N VAL G 455 -39.80 -3.52 19.94
CA VAL G 455 -41.25 -3.49 20.00
C VAL G 455 -41.85 -4.34 18.90
N ALA G 456 -41.50 -4.03 17.65
CA ALA G 456 -42.06 -4.72 16.48
C ALA G 456 -41.91 -6.25 16.56
N GLN G 457 -40.88 -6.72 17.26
CA GLN G 457 -40.63 -8.15 17.41
C GLN G 457 -41.58 -8.79 18.41
N LEU G 458 -41.99 -8.01 19.41
CA LEU G 458 -42.89 -8.52 20.45
C LEU G 458 -44.34 -8.33 20.06
N SER G 459 -44.66 -7.15 19.54
CA SER G 459 -46.04 -6.83 19.17
C SER G 459 -46.61 -7.83 18.16
N ARG G 460 -45.74 -8.34 17.27
CA ARG G 460 -46.09 -9.48 16.38
C ARG G 460 -44.91 -10.46 16.16
N PRO G 461 -44.83 -11.53 17.00
CA PRO G 461 -43.70 -12.46 16.99
C PRO G 461 -43.29 -12.90 15.58
N ASP G 462 -42.33 -12.18 15.01
CA ASP G 462 -41.91 -12.34 13.59
C ASP G 462 -41.45 -13.77 13.26
N PRO G 463 -40.88 -14.02 12.05
CA PRO G 463 -40.50 -15.43 11.73
C PRO G 463 -39.79 -16.16 12.85
N ALA G 464 -38.75 -15.55 13.43
CA ALA G 464 -38.12 -16.07 14.67
C ALA G 464 -39.01 -15.71 15.87
N LEU G 465 -40.17 -16.36 15.89
CA LEU G 465 -41.09 -16.26 17.01
C LEU G 465 -40.48 -17.15 18.07
N ALA G 466 -40.39 -16.61 19.28
CA ALA G 466 -40.18 -17.41 20.50
C ALA G 466 -38.80 -18.05 20.65
N ALA G 467 -38.06 -18.21 19.55
CA ALA G 467 -36.75 -18.85 19.55
C ALA G 467 -35.97 -18.38 20.78
N LEU G 468 -35.87 -17.05 20.89
CA LEU G 468 -35.32 -16.40 22.05
C LEU G 468 -36.43 -15.80 22.92
N THR G 469 -36.22 -15.87 24.23
CA THR G 469 -37.13 -15.27 25.18
C THR G 469 -36.76 -13.80 25.28
N ASN G 470 -37.56 -13.06 26.03
CA ASN G 470 -37.47 -11.62 26.03
C ASN G 470 -36.20 -11.09 26.66
N ASP G 471 -35.72 -11.72 27.72
CA ASP G 471 -34.52 -11.23 28.37
C ASP G 471 -33.34 -11.33 27.42
N HIS G 472 -33.41 -12.25 26.45
CA HIS G 472 -32.33 -12.36 25.46
C HIS G 472 -32.48 -11.18 24.51
N LEU G 473 -33.64 -11.05 23.90
CA LEU G 473 -33.83 -9.95 22.95
C LEU G 473 -33.35 -8.63 23.48
N VAL G 474 -33.56 -8.40 24.76
CA VAL G 474 -33.06 -7.22 25.43
C VAL G 474 -31.54 -7.25 25.51
N ALA G 475 -30.99 -8.40 25.88
CA ALA G 475 -29.53 -8.54 25.93
C ALA G 475 -28.93 -8.22 24.58
N LEU G 476 -29.43 -8.89 23.54
CA LEU G 476 -29.04 -8.61 22.14
C LEU G 476 -29.19 -7.15 21.79
N ALA G 477 -30.38 -6.62 22.00
CA ALA G 477 -30.65 -5.24 21.66
C ALA G 477 -29.67 -4.29 22.32
N CYS G 478 -29.22 -4.58 23.52
CA CYS G 478 -28.24 -3.71 24.18
C CYS G 478 -26.87 -3.92 23.56
N LEU G 479 -26.64 -5.14 23.14
CA LEU G 479 -25.34 -5.54 22.62
C LEU G 479 -25.06 -4.95 21.23
N GLY G 480 -26.09 -4.84 20.40
CA GLY G 480 -25.96 -4.23 19.08
C GLY G 480 -27.28 -3.90 18.40
N GLY G 481 -28.07 -3.11 19.08
CA GLY G 481 -29.40 -2.71 18.64
C GLY G 481 -30.05 -3.39 17.46
N ARG G 482 -30.49 -2.60 16.50
CA ARG G 482 -31.25 -3.13 15.39
C ARG G 482 -30.43 -4.08 14.54
N PRO G 483 -29.16 -3.76 14.27
CA PRO G 483 -28.34 -4.70 13.54
C PRO G 483 -28.36 -6.12 14.08
N ALA G 484 -28.17 -6.26 15.40
CA ALA G 484 -28.17 -7.57 16.05
C ALA G 484 -29.54 -8.24 16.03
N LEU G 485 -30.60 -7.46 16.19
CA LEU G 485 -31.94 -8.00 16.07
C LEU G 485 -32.31 -8.39 14.62
N ASP G 486 -31.90 -7.58 13.66
CA ASP G 486 -32.12 -7.91 12.24
C ASP G 486 -31.30 -9.12 11.84
N ALA G 487 -30.10 -9.21 12.38
CA ALA G 487 -29.23 -10.35 12.11
C ALA G 487 -29.73 -11.67 12.70
N VAL G 488 -30.84 -11.62 13.44
CA VAL G 488 -31.40 -12.80 14.05
C VAL G 488 -32.56 -13.29 13.21
N LYS G 489 -33.47 -12.39 12.82
CA LYS G 489 -34.43 -12.74 11.78
C LYS G 489 -33.66 -13.44 10.66
N LYS G 490 -32.63 -12.78 10.13
CA LYS G 490 -31.81 -13.37 9.04
C LYS G 490 -30.82 -14.53 9.33
N LEU G 491 -30.93 -15.18 10.49
CA LEU G 491 -30.27 -16.49 10.75
C LEU G 491 -31.28 -17.43 11.37
N GLU G 492 -32.50 -17.24 10.92
CA GLU G 492 -33.61 -18.11 11.16
C GLU G 492 -34.27 -18.46 9.79
N HIS G 493 -34.38 -17.47 8.88
CA HIS G 493 -34.98 -17.61 7.49
C HIS G 493 -34.68 -19.00 6.93
P 5HC H 9 -17.14 23.88 -0.56
OP1 5HC H 9 -16.19 25.00 -0.27
OP2 5HC H 9 -16.42 22.57 -0.66
O5' 5HC H 9 -18.31 23.83 0.47
C5' 5HC H 9 -18.66 25.07 1.05
C4' 5HC H 9 -19.83 24.92 1.97
O4' 5HC H 9 -20.81 24.07 1.41
C3' 5HC H 9 -19.43 24.32 3.29
O3' 5HC H 9 -19.57 25.32 4.27
C2' 5HC H 9 -20.40 23.20 3.54
C1' 5HC H 9 -21.48 23.40 2.48
N1 5HC H 9 -22.08 22.15 2.00
C2 5HC H 9 -23.43 21.84 2.27
O2 5HC H 9 -24.11 22.60 2.97
N3 5HC H 9 -24.00 20.72 1.81
C4 5HC H 9 -23.26 19.89 1.08
N4 5HC H 9 -23.80 18.76 0.61
C5 5HC H 9 -21.86 20.20 0.77
C5M 5HC H 9 -21.02 19.28 -0.06
O5 5HC H 9 -21.05 18.03 0.62
C6 5HC H 9 -21.32 21.35 1.26
N MET J 1 32.72 -9.14 -26.04
CA MET J 1 33.53 -9.95 -25.12
C MET J 1 34.92 -10.14 -25.71
N GLN J 2 35.90 -10.37 -24.84
CA GLN J 2 37.31 -10.37 -25.23
C GLN J 2 38.23 -10.66 -24.03
N TRP J 3 37.72 -10.56 -22.79
CA TRP J 3 38.56 -10.69 -21.59
C TRP J 3 37.99 -11.39 -20.30
N SER J 4 38.52 -12.60 -20.01
CA SER J 4 38.70 -13.19 -18.62
C SER J 4 38.90 -14.75 -18.55
N GLY J 5 37.84 -15.50 -18.90
CA GLY J 5 37.90 -16.95 -19.13
C GLY J 5 36.99 -17.31 -20.30
N ALA J 6 37.14 -18.51 -20.87
CA ALA J 6 36.44 -18.82 -22.16
C ALA J 6 34.98 -19.35 -21.98
N ARG J 7 34.71 -20.63 -22.28
CA ARG J 7 33.47 -21.26 -21.81
C ARG J 7 32.26 -20.56 -22.44
N ALA J 8 31.31 -20.12 -21.61
CA ALA J 8 30.11 -19.39 -22.05
C ALA J 8 30.14 -19.01 -23.57
N LEU J 9 29.96 -17.76 -23.99
CA LEU J 9 29.79 -17.38 -25.42
C LEU J 9 28.65 -18.12 -26.10
N GLU J 10 28.71 -19.45 -26.00
CA GLU J 10 27.71 -20.32 -26.62
C GLU J 10 26.32 -19.75 -26.37
N ALA J 11 26.02 -19.49 -25.08
CA ALA J 11 24.74 -18.88 -24.69
C ALA J 11 24.45 -17.52 -25.38
N LEU J 12 25.47 -16.83 -25.88
CA LEU J 12 25.28 -15.57 -26.61
C LEU J 12 24.96 -15.72 -28.09
N LEU J 13 25.53 -16.74 -28.70
CA LEU J 13 25.32 -16.89 -30.12
C LEU J 13 23.93 -17.48 -30.26
N THR J 14 23.52 -18.28 -29.28
CA THR J 14 22.17 -18.84 -29.23
C THR J 14 21.19 -17.69 -29.30
N VAL J 15 21.29 -16.76 -28.35
CA VAL J 15 20.44 -15.55 -28.28
C VAL J 15 20.53 -14.74 -29.56
N ALA J 16 21.73 -14.44 -30.00
CA ALA J 16 21.99 -13.63 -31.19
C ALA J 16 21.25 -14.17 -32.45
N GLY J 17 21.22 -15.50 -32.60
CA GLY J 17 20.60 -16.15 -33.75
C GLY J 17 19.10 -16.13 -33.67
N GLU J 18 18.56 -16.35 -32.47
CA GLU J 18 17.12 -16.34 -32.20
C GLU J 18 16.44 -15.00 -32.53
N LEU J 19 17.19 -13.90 -32.40
CA LEU J 19 16.66 -12.58 -32.70
C LEU J 19 16.52 -12.35 -34.21
N ARG J 20 17.22 -13.17 -34.99
CA ARG J 20 17.00 -13.21 -36.45
C ARG J 20 15.64 -13.88 -36.70
N GLY J 21 15.26 -14.75 -35.76
CA GLY J 21 14.00 -15.49 -35.75
C GLY J 21 12.72 -14.70 -35.43
N PRO J 22 11.58 -15.42 -35.35
CA PRO J 22 10.23 -14.89 -35.65
C PRO J 22 9.60 -13.75 -34.84
N PRO J 23 10.01 -13.46 -33.59
CA PRO J 23 9.34 -12.21 -33.18
C PRO J 23 9.81 -10.97 -33.95
N LEU J 24 11.12 -10.84 -34.23
CA LEU J 24 11.69 -9.55 -34.70
C LEU J 24 12.32 -9.43 -36.09
N GLN J 25 12.83 -10.52 -36.68
CA GLN J 25 13.42 -10.48 -38.06
C GLN J 25 14.57 -9.45 -38.17
N LEU J 26 15.62 -9.71 -37.40
CA LEU J 26 16.74 -8.79 -37.30
C LEU J 26 17.87 -9.23 -38.22
N ASP J 27 18.26 -8.35 -39.14
CA ASP J 27 19.45 -8.58 -39.95
C ASP J 27 20.68 -8.24 -39.09
N THR J 28 21.86 -8.47 -39.64
CA THR J 28 23.09 -8.18 -38.93
C THR J 28 23.21 -6.69 -38.63
N GLY J 29 23.02 -5.89 -39.67
CA GLY J 29 23.10 -4.43 -39.58
C GLY J 29 22.51 -3.88 -38.30
N GLN J 30 21.42 -4.49 -37.85
CA GLN J 30 20.77 -4.05 -36.64
C GLN J 30 21.44 -4.63 -35.40
N LEU J 31 21.58 -5.96 -35.37
CA LEU J 31 22.29 -6.63 -34.27
C LEU J 31 23.60 -5.93 -33.94
N LEU J 32 24.39 -5.68 -34.97
CA LEU J 32 25.56 -4.82 -34.84
C LEU J 32 25.16 -3.53 -34.11
N LYS J 33 24.21 -2.79 -34.68
CA LYS J 33 23.84 -1.45 -34.17
C LYS J 33 23.53 -1.46 -32.67
N ILE J 34 22.82 -2.50 -32.26
CA ILE J 34 22.43 -2.67 -30.87
C ILE J 34 23.65 -2.96 -30.03
N ALA J 35 24.39 -3.99 -30.43
CA ALA J 35 25.62 -4.34 -29.74
C ALA J 35 26.50 -3.09 -29.62
N LYS J 36 26.84 -2.46 -30.75
CA LYS J 36 27.73 -1.26 -30.81
C LYS J 36 27.38 -0.09 -29.86
N ARG J 37 26.13 0.37 -29.80
CA ARG J 37 25.82 1.47 -28.89
C ARG J 37 25.04 1.04 -27.64
N GLY J 38 24.48 -0.17 -27.65
CA GLY J 38 23.72 -0.68 -26.50
C GLY J 38 24.51 -1.50 -25.50
N GLY J 39 25.32 -2.42 -25.99
CA GLY J 39 26.11 -3.31 -25.13
C GLY J 39 25.49 -4.69 -25.15
N VAL J 40 26.11 -5.64 -24.48
CA VAL J 40 25.60 -7.01 -24.47
C VAL J 40 24.31 -7.09 -23.68
N THR J 41 24.26 -6.38 -22.54
CA THR J 41 23.05 -6.37 -21.72
C THR J 41 21.88 -5.91 -22.59
N ALA J 42 22.11 -4.88 -23.41
CA ALA J 42 21.11 -4.40 -24.37
C ALA J 42 20.62 -5.52 -25.27
N VAL J 43 21.56 -6.23 -25.89
CA VAL J 43 21.22 -7.35 -26.75
C VAL J 43 20.49 -8.47 -25.99
N GLU J 44 21.03 -8.84 -24.83
CA GLU J 44 20.39 -9.83 -23.97
C GLU J 44 18.98 -9.41 -23.63
N ALA J 45 18.81 -8.15 -23.22
CA ALA J 45 17.51 -7.59 -22.84
C ALA J 45 16.48 -7.72 -23.94
N VAL J 46 16.89 -7.45 -25.17
CA VAL J 46 15.95 -7.53 -26.28
C VAL J 46 15.36 -8.93 -26.32
N HIS J 47 16.22 -9.93 -26.46
CA HIS J 47 15.82 -11.33 -26.44
C HIS J 47 14.98 -11.59 -25.20
N ALA J 48 15.57 -11.27 -24.04
CA ALA J 48 14.94 -11.50 -22.72
C ALA J 48 13.45 -11.23 -22.77
N TRP J 49 13.07 -10.04 -23.25
CA TRP J 49 11.67 -9.70 -23.32
C TRP J 49 11.34 -9.08 -24.66
N ARG J 50 11.41 -9.91 -25.70
CA ARG J 50 11.05 -9.50 -27.06
C ARG J 50 9.56 -9.66 -27.30
N ASN J 51 8.98 -10.72 -26.75
CA ASN J 51 7.56 -10.99 -26.94
C ASN J 51 6.68 -9.98 -26.21
N ALA J 52 7.14 -9.56 -25.03
CA ALA J 52 6.46 -8.53 -24.26
C ALA J 52 6.33 -7.21 -25.04
N LEU J 53 7.31 -6.93 -25.89
CA LEU J 53 7.35 -5.67 -26.63
C LEU J 53 6.56 -5.64 -27.94
N THR J 54 6.40 -6.80 -28.58
CA THR J 54 5.85 -6.81 -29.94
C THR J 54 4.34 -6.97 -29.94
N GLY J 55 3.80 -7.68 -28.96
CA GLY J 55 2.37 -7.78 -28.79
C GLY J 55 2.02 -7.08 -27.50
N ALA J 56 1.02 -7.65 -26.80
CA ALA J 56 0.64 -7.18 -25.46
C ALA J 56 0.11 -5.74 -25.61
N PRO J 57 0.18 -4.91 -24.54
CA PRO J 57 -0.32 -3.54 -24.79
C PRO J 57 0.59 -2.61 -25.61
N LEU J 58 1.82 -3.04 -25.93
CA LEU J 58 2.83 -2.14 -26.50
C LEU J 58 2.93 -2.16 -28.02
N ASN J 59 2.81 -3.34 -28.60
CA ASN J 59 2.79 -3.52 -30.04
C ASN J 59 3.77 -2.63 -30.73
N LEU J 60 5.02 -2.71 -30.28
CA LEU J 60 6.11 -2.01 -30.94
C LEU J 60 6.54 -2.79 -32.18
N THR J 61 7.16 -2.07 -33.11
CA THR J 61 7.73 -2.70 -34.28
C THR J 61 9.20 -2.98 -34.03
N PRO J 62 9.76 -3.99 -34.69
CA PRO J 62 11.18 -4.30 -34.57
C PRO J 62 12.05 -3.04 -34.66
N GLU J 63 11.77 -2.20 -35.65
CA GLU J 63 12.60 -1.05 -35.94
C GLU J 63 12.60 -0.07 -34.75
N GLN J 64 11.47 -0.01 -34.04
CA GLN J 64 11.37 0.81 -32.85
C GLN J 64 12.13 0.22 -31.68
N VAL J 65 12.08 -1.09 -31.56
CA VAL J 65 12.77 -1.79 -30.49
C VAL J 65 14.25 -1.55 -30.64
N VAL J 66 14.72 -1.74 -31.86
CA VAL J 66 16.11 -1.45 -32.16
C VAL J 66 16.42 -0.04 -31.72
N ALA J 67 15.59 0.92 -32.14
CA ALA J 67 15.88 2.32 -31.91
C ALA J 67 16.04 2.64 -30.45
N ILE J 68 15.18 2.08 -29.61
CA ILE J 68 15.26 2.35 -28.19
C ILE J 68 16.51 1.70 -27.61
N ALA J 69 16.79 0.47 -28.05
CA ALA J 69 17.88 -0.34 -27.50
C ALA J 69 19.26 0.22 -27.84
N SER J 70 19.43 0.78 -29.04
CA SER J 70 20.76 1.16 -29.54
C SER J 70 21.26 2.47 -28.92
N HIS J 71 21.45 2.44 -27.59
CA HIS J 71 21.90 3.60 -26.82
C HIS J 71 22.47 3.18 -25.48
N ASP J 72 23.28 4.04 -24.89
CA ASP J 72 23.86 3.77 -23.59
C ASP J 72 22.72 3.70 -22.59
N GLY J 73 22.65 2.56 -21.89
CA GLY J 73 21.54 2.29 -20.99
C GLY J 73 20.28 1.89 -21.75
N GLY J 74 20.47 1.15 -22.84
CA GLY J 74 19.34 0.60 -23.59
C GLY J 74 18.50 -0.33 -22.74
N LYS J 75 19.16 -1.18 -21.96
CA LYS J 75 18.46 -2.13 -21.12
C LYS J 75 17.45 -1.41 -20.24
N GLN J 76 17.87 -0.29 -19.67
CA GLN J 76 17.04 0.48 -18.74
C GLN J 76 15.85 1.05 -19.46
N ALA J 77 16.12 1.66 -20.62
CA ALA J 77 15.07 2.27 -21.42
C ALA J 77 14.03 1.23 -21.91
N LEU J 78 14.48 0.04 -22.32
CA LEU J 78 13.55 -1.04 -22.69
C LEU J 78 12.67 -1.46 -21.52
N GLU J 79 13.30 -1.59 -20.37
CA GLU J 79 12.61 -1.99 -19.16
C GLU J 79 11.65 -0.89 -18.73
N THR J 80 12.08 0.36 -18.86
CA THR J 80 11.24 1.49 -18.48
C THR J 80 10.00 1.64 -19.38
N VAL J 81 10.21 1.55 -20.68
CA VAL J 81 9.11 1.70 -21.63
C VAL J 81 8.00 0.73 -21.33
N GLN J 82 8.36 -0.53 -21.08
CA GLN J 82 7.37 -1.54 -20.74
C GLN J 82 6.43 -0.98 -19.66
N ARG J 83 7.02 -0.48 -18.58
CA ARG J 83 6.22 0.08 -17.48
C ARG J 83 5.41 1.30 -17.92
N LEU J 84 6.06 2.32 -18.49
CA LEU J 84 5.46 3.64 -18.57
C LEU J 84 4.72 3.99 -19.85
N LEU J 85 4.95 3.28 -20.95
CA LEU J 85 4.26 3.66 -22.19
C LEU J 85 2.73 3.63 -22.06
N PRO J 86 2.18 2.55 -21.51
CA PRO J 86 0.73 2.53 -21.37
C PRO J 86 0.18 3.75 -20.61
N VAL J 87 0.81 4.10 -19.48
CA VAL J 87 0.34 5.22 -18.67
C VAL J 87 0.56 6.57 -19.37
N LEU J 88 1.70 6.75 -20.00
CA LEU J 88 1.97 8.02 -20.69
C LEU J 88 1.00 8.29 -21.84
N CYS J 89 0.60 7.23 -22.53
CA CYS J 89 -0.36 7.36 -23.62
C CYS J 89 -1.80 7.57 -23.15
N GLN J 90 -2.18 6.94 -22.05
CA GLN J 90 -3.54 7.05 -21.57
C GLN J 90 -3.75 8.27 -20.70
N ALA J 91 -2.90 8.40 -19.68
CA ALA J 91 -3.03 9.46 -18.68
C ALA J 91 -2.57 10.82 -19.17
N HIS J 92 -1.78 10.88 -20.24
CA HIS J 92 -1.35 12.18 -20.76
C HIS J 92 -1.49 12.32 -22.26
N GLY J 93 -2.20 11.38 -22.88
CA GLY J 93 -2.51 11.47 -24.31
C GLY J 93 -1.33 11.69 -25.24
N LEU J 94 -0.21 11.03 -24.97
CA LEU J 94 0.91 11.06 -25.89
C LEU J 94 0.77 9.88 -26.86
N THR J 95 1.21 10.03 -28.11
CA THR J 95 1.29 8.89 -29.01
C THR J 95 2.50 8.02 -28.64
N PRO J 96 2.45 6.73 -29.00
CA PRO J 96 3.62 5.87 -28.86
C PRO J 96 4.85 6.40 -29.57
N GLN J 97 4.72 6.86 -30.82
CA GLN J 97 5.85 7.46 -31.53
C GLN J 97 6.56 8.50 -30.64
N GLN J 98 5.77 9.27 -29.90
CA GLN J 98 6.32 10.24 -28.97
C GLN J 98 7.05 9.60 -27.81
N VAL J 99 6.48 8.55 -27.23
CA VAL J 99 7.16 7.90 -26.11
C VAL J 99 8.45 7.28 -26.61
N VAL J 100 8.38 6.61 -27.75
CA VAL J 100 9.57 6.01 -28.34
C VAL J 100 10.63 7.07 -28.61
N ALA J 101 10.23 8.25 -29.07
CA ALA J 101 11.16 9.35 -29.32
C ALA J 101 11.92 9.74 -28.07
N ILE J 102 11.22 9.81 -26.95
CA ILE J 102 11.86 10.15 -25.71
C ILE J 102 12.82 9.02 -25.28
N ALA J 103 12.39 7.78 -25.44
CA ALA J 103 13.17 6.61 -25.04
C ALA J 103 14.44 6.42 -25.86
N SER J 104 14.41 6.83 -27.12
CA SER J 104 15.51 6.54 -28.03
C SER J 104 16.67 7.56 -27.88
N HIS J 105 17.19 7.67 -26.67
CA HIS J 105 18.37 8.48 -26.38
C HIS J 105 19.14 7.88 -25.21
N ASP J 106 20.35 8.37 -24.98
CA ASP J 106 21.13 8.00 -23.81
C ASP J 106 20.36 8.50 -22.57
N GLY J 107 20.31 7.65 -21.54
CA GLY J 107 19.54 8.01 -20.35
C GLY J 107 18.08 8.28 -20.67
N GLY J 108 17.47 7.29 -21.33
CA GLY J 108 16.06 7.36 -21.71
C GLY J 108 15.19 7.14 -20.50
N LYS J 109 15.56 6.17 -19.69
CA LYS J 109 14.89 5.92 -18.43
C LYS J 109 14.66 7.25 -17.72
N GLN J 110 15.70 8.06 -17.62
CA GLN J 110 15.63 9.30 -16.84
C GLN J 110 14.70 10.31 -17.48
N ALA J 111 14.67 10.32 -18.80
CA ALA J 111 13.78 11.23 -19.51
C ALA J 111 12.34 10.78 -19.32
N LEU J 112 12.05 9.52 -19.59
CA LEU J 112 10.71 8.98 -19.41
C LEU J 112 10.16 9.21 -17.98
N GLU J 113 10.97 8.89 -16.97
CA GLU J 113 10.54 9.08 -15.58
C GLU J 113 10.34 10.54 -15.26
N THR J 114 11.20 11.39 -15.79
CA THR J 114 11.08 12.82 -15.58
C THR J 114 9.88 13.38 -16.32
N VAL J 115 9.54 12.85 -17.48
CA VAL J 115 8.37 13.32 -18.20
C VAL J 115 7.11 13.02 -17.40
N GLN J 116 6.93 11.76 -17.02
CA GLN J 116 5.82 11.37 -16.17
C GLN J 116 5.75 12.32 -14.97
N ARG J 117 6.87 12.48 -14.28
CA ARG J 117 6.86 13.25 -13.04
C ARG J 117 6.58 14.74 -13.27
N LEU J 118 6.97 15.29 -14.41
CA LEU J 118 6.86 16.75 -14.61
C LEU J 118 6.01 17.21 -15.77
N LEU J 119 5.47 16.31 -16.60
CA LEU J 119 4.73 16.77 -17.77
C LEU J 119 3.52 17.64 -17.36
N PRO J 120 2.79 17.23 -16.32
CA PRO J 120 1.66 18.07 -15.91
C PRO J 120 2.08 19.49 -15.50
N VAL J 121 2.89 19.60 -14.45
CA VAL J 121 3.26 20.92 -13.92
C VAL J 121 3.77 21.84 -15.03
N LEU J 122 4.42 21.27 -16.02
CA LEU J 122 4.89 22.09 -17.13
C LEU J 122 3.74 22.52 -18.03
N CYS J 123 2.82 21.60 -18.31
CA CYS J 123 1.67 21.93 -19.13
C CYS J 123 0.66 22.80 -18.37
N GLN J 124 0.25 22.33 -17.19
CA GLN J 124 -0.69 22.99 -16.27
C GLN J 124 -0.19 24.39 -15.87
N ALA J 125 0.82 24.39 -15.00
CA ALA J 125 1.24 25.58 -14.28
C ALA J 125 2.23 26.46 -15.05
N HIS J 126 2.67 26.05 -16.24
CA HIS J 126 3.51 26.93 -17.07
C HIS J 126 2.96 27.06 -18.49
N GLY J 127 1.75 26.57 -18.70
CA GLY J 127 1.08 26.73 -19.99
C GLY J 127 1.86 26.21 -21.17
N LEU J 128 2.64 25.15 -20.99
CA LEU J 128 3.33 24.49 -22.10
C LEU J 128 2.43 23.46 -22.76
N THR J 129 2.61 23.27 -24.05
CA THR J 129 1.94 22.19 -24.75
C THR J 129 2.73 20.92 -24.45
N PRO J 130 2.06 19.77 -24.47
CA PRO J 130 2.82 18.52 -24.38
C PRO J 130 3.76 18.27 -25.56
N GLU J 131 3.42 18.73 -26.77
CA GLU J 131 4.33 18.65 -27.92
C GLU J 131 5.69 19.26 -27.56
N GLN J 132 5.64 20.40 -26.88
CA GLN J 132 6.83 21.12 -26.46
C GLN J 132 7.58 20.36 -25.41
N VAL J 133 6.86 19.76 -24.47
CA VAL J 133 7.52 19.00 -23.43
C VAL J 133 8.21 17.76 -24.01
N VAL J 134 7.64 17.16 -25.03
CA VAL J 134 8.30 16.05 -25.69
C VAL J 134 9.58 16.53 -26.37
N ALA J 135 9.51 17.69 -27.00
CA ALA J 135 10.65 18.27 -27.70
C ALA J 135 11.83 18.44 -26.76
N ILE J 136 11.56 18.92 -25.56
CA ILE J 136 12.60 19.14 -24.58
C ILE J 136 13.15 17.81 -24.08
N ALA J 137 12.30 16.82 -23.88
CA ALA J 137 12.73 15.54 -23.35
C ALA J 137 13.41 14.65 -24.38
N SER J 138 13.23 14.95 -25.67
CA SER J 138 13.76 14.08 -26.72
C SER J 138 15.22 14.41 -27.10
N HIS J 139 16.09 14.44 -26.09
CA HIS J 139 17.52 14.62 -26.28
C HIS J 139 18.28 13.95 -25.14
N ASP J 140 19.60 13.92 -25.26
CA ASP J 140 20.45 13.39 -24.21
C ASP J 140 20.36 14.37 -23.04
N GLY J 141 20.18 13.81 -21.84
CA GLY J 141 19.95 14.62 -20.67
C GLY J 141 18.63 15.40 -20.72
N GLY J 142 17.56 14.73 -21.11
CA GLY J 142 16.24 15.34 -21.09
C GLY J 142 15.85 15.65 -19.65
N LYS J 143 16.12 14.70 -18.76
CA LYS J 143 15.84 14.90 -17.34
C LYS J 143 16.35 16.26 -16.91
N GLN J 144 17.57 16.60 -17.32
CA GLN J 144 18.18 17.86 -16.91
C GLN J 144 17.50 19.06 -17.53
N ALA J 145 17.21 18.99 -18.83
CA ALA J 145 16.53 20.09 -19.49
C ALA J 145 15.17 20.32 -18.84
N LEU J 146 14.33 19.29 -18.84
CA LEU J 146 13.07 19.35 -18.14
C LEU J 146 13.18 20.08 -16.81
N GLU J 147 14.02 19.54 -15.93
CA GLU J 147 14.14 20.09 -14.59
C GLU J 147 14.57 21.55 -14.63
N THR J 148 15.60 21.86 -15.40
CA THR J 148 16.02 23.25 -15.57
C THR J 148 14.89 24.15 -16.10
N VAL J 149 14.14 23.67 -17.09
CA VAL J 149 13.06 24.47 -17.66
C VAL J 149 12.03 24.83 -16.59
N GLN J 150 11.72 23.87 -15.74
CA GLN J 150 10.85 24.14 -14.61
C GLN J 150 11.40 25.32 -13.83
N ALA J 151 12.65 25.19 -13.38
CA ALA J 151 13.26 26.17 -12.48
C ALA J 151 13.35 27.58 -13.07
N LEU J 152 13.75 27.68 -14.33
CA LEU J 152 14.14 28.98 -14.87
C LEU J 152 13.11 29.70 -15.71
N LEU J 153 12.09 29.00 -16.20
CA LEU J 153 11.16 29.60 -17.16
C LEU J 153 10.52 30.89 -16.63
N PRO J 154 10.01 30.88 -15.38
CA PRO J 154 9.47 32.12 -14.85
C PRO J 154 10.49 33.26 -14.88
N VAL J 155 11.73 32.95 -14.51
CA VAL J 155 12.77 33.96 -14.41
C VAL J 155 13.05 34.57 -15.80
N LEU J 156 13.27 33.70 -16.77
CA LEU J 156 13.68 34.15 -18.10
C LEU J 156 12.58 34.96 -18.81
N CYS J 157 11.32 34.75 -18.43
CA CYS J 157 10.22 35.51 -19.02
C CYS J 157 9.95 36.81 -18.27
N GLN J 158 9.83 36.74 -16.95
CA GLN J 158 9.62 37.96 -16.16
C GLN J 158 10.81 38.89 -16.23
N ALA J 159 11.97 38.40 -15.77
CA ALA J 159 13.17 39.22 -15.65
C ALA J 159 13.76 39.61 -17.01
N HIS J 160 14.12 38.61 -17.82
CA HIS J 160 14.87 38.87 -19.04
C HIS J 160 13.97 39.02 -20.27
N GLY J 161 12.66 38.95 -20.08
CA GLY J 161 11.70 39.31 -21.12
C GLY J 161 11.62 38.38 -22.32
N LEU J 162 11.75 37.08 -22.09
CA LEU J 162 11.68 36.11 -23.19
C LEU J 162 10.34 35.43 -23.31
N THR J 163 9.95 35.10 -24.54
CA THR J 163 8.76 34.30 -24.76
C THR J 163 9.06 32.88 -24.29
N PRO J 164 8.02 32.14 -23.91
CA PRO J 164 8.16 30.70 -23.66
C PRO J 164 8.61 29.91 -24.88
N GLU J 165 8.16 30.33 -26.07
CA GLU J 165 8.59 29.71 -27.33
C GLU J 165 10.12 29.73 -27.38
N GLN J 166 10.68 30.89 -27.06
CA GLN J 166 12.12 31.07 -27.06
C GLN J 166 12.82 30.18 -26.05
N VAL J 167 12.22 30.03 -24.87
CA VAL J 167 12.83 29.17 -23.87
C VAL J 167 12.79 27.70 -24.28
N VAL J 168 11.69 27.28 -24.89
CA VAL J 168 11.60 25.92 -25.37
C VAL J 168 12.70 25.68 -26.40
N ALA J 169 12.81 26.59 -27.37
CA ALA J 169 13.84 26.51 -28.41
C ALA J 169 15.21 26.19 -27.84
N ILE J 170 15.58 26.91 -26.78
CA ILE J 170 16.87 26.74 -26.11
C ILE J 170 16.97 25.39 -25.41
N ALA J 171 15.92 24.97 -24.73
CA ALA J 171 15.96 23.71 -23.97
C ALA J 171 15.94 22.48 -24.86
N SER J 172 15.47 22.67 -26.09
CA SER J 172 15.21 21.56 -27.02
C SER J 172 16.42 21.24 -27.88
N ASN J 173 17.54 21.00 -27.20
CA ASN J 173 18.82 20.60 -27.77
C ASN J 173 19.56 19.78 -26.71
N GLY J 174 20.61 19.08 -27.11
CA GLY J 174 21.46 18.39 -26.14
C GLY J 174 22.15 19.43 -25.28
N GLY J 175 22.38 19.09 -24.02
CA GLY J 175 22.96 20.04 -23.07
C GLY J 175 22.12 21.30 -22.91
N GLY J 176 20.80 21.13 -22.85
CA GLY J 176 19.86 22.25 -22.79
C GLY J 176 19.98 22.97 -21.47
N LYS J 177 20.10 22.19 -20.39
CA LYS J 177 20.34 22.75 -19.07
C LYS J 177 21.45 23.81 -19.11
N GLN J 178 22.55 23.48 -19.78
CA GLN J 178 23.69 24.38 -19.85
C GLN J 178 23.32 25.64 -20.60
N ALA J 179 22.69 25.48 -21.74
CA ALA J 179 22.35 26.64 -22.55
C ALA J 179 21.43 27.57 -21.79
N LEU J 180 20.46 26.99 -21.09
CA LEU J 180 19.50 27.79 -20.34
C LEU J 180 20.24 28.61 -19.33
N GLU J 181 20.97 27.91 -18.46
CA GLU J 181 21.73 28.58 -17.41
C GLU J 181 22.63 29.64 -18.01
N THR J 182 23.39 29.26 -19.02
CA THR J 182 24.33 30.18 -19.63
C THR J 182 23.63 31.44 -20.17
N VAL J 183 22.43 31.28 -20.73
CA VAL J 183 21.70 32.45 -21.22
C VAL J 183 21.31 33.37 -20.07
N GLN J 184 20.76 32.78 -19.02
CA GLN J 184 20.41 33.53 -17.84
C GLN J 184 21.56 34.44 -17.43
N ARG J 185 22.76 33.86 -17.31
CA ARG J 185 23.91 34.62 -16.83
C ARG J 185 24.34 35.73 -17.79
N LEU J 186 24.38 35.43 -19.08
CA LEU J 186 25.01 36.31 -20.04
C LEU J 186 24.07 37.22 -20.83
N LEU J 187 22.76 37.03 -20.69
CA LEU J 187 21.81 37.81 -21.48
C LEU J 187 21.96 39.34 -21.19
N PRO J 188 22.02 39.72 -19.90
CA PRO J 188 22.17 41.15 -19.64
C PRO J 188 23.48 41.68 -20.21
N VAL J 189 24.56 40.97 -19.92
CA VAL J 189 25.89 41.32 -20.40
C VAL J 189 25.86 41.51 -21.91
N LEU J 190 25.45 40.47 -22.61
CA LEU J 190 25.49 40.44 -24.06
C LEU J 190 24.64 41.52 -24.72
N CYS J 191 23.55 41.90 -24.06
CA CYS J 191 22.64 42.89 -24.63
C CYS J 191 23.06 44.33 -24.33
N GLN J 192 23.08 44.69 -23.05
CA GLN J 192 23.48 46.05 -22.68
C GLN J 192 24.89 46.35 -23.18
N ALA J 193 25.85 45.54 -22.73
CA ALA J 193 27.26 45.79 -23.02
C ALA J 193 27.61 45.61 -24.51
N HIS J 194 27.57 44.37 -24.99
CA HIS J 194 28.03 44.09 -26.33
C HIS J 194 27.04 44.48 -27.42
N GLY J 195 25.89 45.01 -27.02
CA GLY J 195 24.95 45.62 -27.95
C GLY J 195 24.17 44.66 -28.83
N LEU J 196 23.77 43.53 -28.27
CA LEU J 196 23.01 42.56 -29.05
C LEU J 196 21.53 42.63 -28.70
N THR J 197 20.69 42.26 -29.67
CA THR J 197 19.26 42.12 -29.40
C THR J 197 19.10 40.78 -28.71
N PRO J 198 18.14 40.68 -27.77
CA PRO J 198 17.93 39.37 -27.14
C PRO J 198 17.55 38.25 -28.14
N GLN J 199 16.91 38.62 -29.24
CA GLN J 199 16.63 37.67 -30.32
C GLN J 199 17.90 36.99 -30.86
N GLN J 200 18.99 37.74 -30.92
CA GLN J 200 20.25 37.20 -31.41
C GLN J 200 20.86 36.26 -30.39
N VAL J 201 20.63 36.55 -29.12
CA VAL J 201 21.19 35.73 -28.06
C VAL J 201 20.54 34.36 -28.06
N VAL J 202 19.23 34.34 -28.26
CA VAL J 202 18.52 33.08 -28.37
C VAL J 202 19.00 32.28 -29.58
N ALA J 203 19.16 32.96 -30.71
CA ALA J 203 19.62 32.28 -31.94
C ALA J 203 20.87 31.46 -31.65
N ILE J 204 21.77 32.06 -30.88
CA ILE J 204 23.05 31.45 -30.54
C ILE J 204 22.87 30.29 -29.58
N ALA J 205 22.03 30.47 -28.58
CA ALA J 205 21.83 29.46 -27.56
C ALA J 205 21.00 28.28 -28.05
N SER J 206 20.30 28.47 -29.17
CA SER J 206 19.35 27.49 -29.68
C SER J 206 19.97 26.46 -30.59
N ASN J 207 21.22 26.11 -30.34
CA ASN J 207 21.83 24.91 -30.92
C ASN J 207 22.51 24.10 -29.85
N GLY J 208 23.04 22.94 -30.25
CA GLY J 208 23.90 22.13 -29.41
C GLY J 208 25.14 22.91 -29.06
N GLY J 209 25.76 22.60 -27.93
CA GLY J 209 26.87 23.41 -27.46
C GLY J 209 26.62 24.92 -27.46
N GLY J 210 25.37 25.31 -27.19
CA GLY J 210 24.99 26.72 -27.14
C GLY J 210 25.70 27.43 -26.03
N LYS J 211 25.89 26.74 -24.90
CA LYS J 211 26.70 27.31 -23.82
C LYS J 211 28.04 27.75 -24.36
N GLN J 212 28.69 26.86 -25.06
CA GLN J 212 30.02 27.15 -25.57
C GLN J 212 29.99 28.35 -26.49
N ALA J 213 29.01 28.39 -27.38
CA ALA J 213 28.92 29.49 -28.33
C ALA J 213 28.78 30.83 -27.63
N LEU J 214 27.88 30.89 -26.65
CA LEU J 214 27.63 32.12 -25.91
C LEU J 214 28.88 32.65 -25.22
N GLU J 215 29.50 31.78 -24.43
CA GLU J 215 30.71 32.15 -23.72
C GLU J 215 31.76 32.69 -24.69
N THR J 216 31.97 31.93 -25.75
CA THR J 216 32.98 32.24 -26.75
C THR J 216 32.69 33.55 -27.44
N VAL J 217 31.43 33.87 -27.65
CA VAL J 217 31.05 35.11 -28.32
C VAL J 217 31.38 36.30 -27.47
N GLN J 218 30.93 36.23 -26.23
CA GLN J 218 31.24 37.29 -25.29
C GLN J 218 32.75 37.59 -25.31
N ARG J 219 33.56 36.54 -25.23
CA ARG J 219 35.00 36.65 -25.31
C ARG J 219 35.47 37.28 -26.61
N LEU J 220 35.06 36.70 -27.74
CA LEU J 220 35.67 37.04 -29.03
C LEU J 220 34.92 38.07 -29.86
N LEU J 221 33.77 38.55 -29.40
CA LEU J 221 33.00 39.50 -30.20
C LEU J 221 33.73 40.83 -30.50
N PRO J 222 34.29 41.48 -29.47
CA PRO J 222 35.00 42.72 -29.73
C PRO J 222 36.17 42.52 -30.69
N VAL J 223 36.97 41.48 -30.43
CA VAL J 223 38.15 41.16 -31.22
C VAL J 223 37.83 41.10 -32.70
N LEU J 224 36.79 40.34 -33.01
CA LEU J 224 36.41 40.07 -34.39
C LEU J 224 35.92 41.31 -35.12
N CYS J 225 35.26 42.21 -34.39
CA CYS J 225 34.79 43.46 -34.97
C CYS J 225 35.92 44.48 -35.12
N GLN J 226 36.76 44.62 -34.09
CA GLN J 226 37.89 45.55 -34.15
C GLN J 226 38.99 45.05 -35.08
N ALA J 227 39.63 43.95 -34.69
CA ALA J 227 40.85 43.47 -35.32
C ALA J 227 40.61 42.86 -36.70
N HIS J 228 39.41 42.38 -36.96
CA HIS J 228 39.10 41.79 -38.25
C HIS J 228 37.90 42.44 -38.94
N GLY J 229 37.54 43.66 -38.52
CA GLY J 229 36.49 44.46 -39.18
C GLY J 229 35.20 43.76 -39.57
N LEU J 230 34.71 42.84 -38.74
CA LEU J 230 33.44 42.16 -38.99
C LEU J 230 32.31 42.89 -38.30
N THR J 231 31.09 42.72 -38.82
CA THR J 231 29.91 43.31 -38.21
C THR J 231 29.41 42.37 -37.11
N PRO J 232 28.74 42.90 -36.08
CA PRO J 232 28.24 42.01 -35.04
C PRO J 232 27.26 40.99 -35.61
N GLN J 233 26.42 41.43 -36.54
CA GLN J 233 25.49 40.53 -37.21
C GLN J 233 26.23 39.36 -37.90
N GLN J 234 27.41 39.62 -38.45
CA GLN J 234 28.23 38.54 -39.02
C GLN J 234 28.79 37.62 -37.96
N VAL J 235 29.18 38.19 -36.82
CA VAL J 235 29.71 37.39 -35.73
C VAL J 235 28.60 36.47 -35.21
N VAL J 236 27.38 36.98 -35.16
CA VAL J 236 26.24 36.17 -34.75
C VAL J 236 25.94 35.09 -35.78
N ALA J 237 25.96 35.45 -37.06
CA ALA J 237 25.78 34.45 -38.12
C ALA J 237 26.68 33.24 -37.84
N ILE J 238 27.95 33.52 -37.54
CA ILE J 238 28.93 32.47 -37.32
C ILE J 238 28.63 31.71 -36.06
N ALA J 239 28.35 32.45 -35.01
CA ALA J 239 28.13 31.85 -33.73
C ALA J 239 26.90 30.97 -33.75
N SER J 240 25.92 31.31 -34.58
CA SER J 240 24.66 30.58 -34.64
C SER J 240 24.74 29.27 -35.39
N GLN J 241 25.53 29.20 -36.46
CA GLN J 241 25.65 27.91 -37.13
C GLN J 241 26.92 27.15 -36.81
N GLY J 242 28.02 27.87 -36.63
CA GLY J 242 29.31 27.26 -36.41
C GLY J 242 29.65 27.04 -34.95
N GLY J 243 29.16 27.92 -34.08
CA GLY J 243 29.45 27.82 -32.67
C GLY J 243 30.91 28.13 -32.33
N LYS J 244 31.29 27.70 -31.13
CA LYS J 244 32.61 27.97 -30.60
C LYS J 244 33.74 27.64 -31.58
N GLN J 245 33.77 26.41 -32.08
CA GLN J 245 34.82 26.00 -33.00
C GLN J 245 34.98 26.96 -34.16
N ALA J 246 33.88 27.40 -34.73
CA ALA J 246 33.93 28.25 -35.90
C ALA J 246 34.46 29.63 -35.55
N LEU J 247 33.92 30.24 -34.50
CA LEU J 247 34.41 31.54 -34.03
C LEU J 247 35.92 31.49 -33.78
N GLU J 248 36.35 30.53 -32.99
CA GLU J 248 37.78 30.37 -32.70
C GLU J 248 38.58 30.18 -33.98
N THR J 249 38.14 29.27 -34.83
CA THR J 249 38.86 28.96 -36.05
C THR J 249 38.85 30.12 -37.02
N VAL J 250 37.83 30.96 -36.97
CA VAL J 250 37.78 32.14 -37.83
C VAL J 250 38.89 33.12 -37.44
N GLN J 251 38.83 33.60 -36.20
CA GLN J 251 39.90 34.43 -35.63
C GLN J 251 41.28 33.95 -36.07
N ARG J 252 41.51 32.65 -35.92
CA ARG J 252 42.79 32.03 -36.26
C ARG J 252 43.11 32.04 -37.75
N LEU J 253 42.17 31.62 -38.60
CA LEU J 253 42.45 31.44 -40.03
C LEU J 253 41.93 32.55 -40.97
N LEU J 254 41.39 33.63 -40.42
CA LEU J 254 40.91 34.74 -41.27
C LEU J 254 42.07 35.47 -41.96
N PRO J 255 43.05 35.95 -41.19
CA PRO J 255 44.15 36.64 -41.88
C PRO J 255 44.80 35.73 -42.92
N VAL J 256 44.99 34.46 -42.57
CA VAL J 256 45.68 33.52 -43.46
C VAL J 256 44.91 33.33 -44.79
N LEU J 257 43.58 33.30 -44.73
CA LEU J 257 42.78 33.00 -45.91
C LEU J 257 42.59 34.19 -46.84
N CYS J 258 42.92 35.38 -46.35
CA CYS J 258 42.77 36.61 -47.12
C CYS J 258 44.09 37.16 -47.68
N GLN J 259 45.20 37.02 -46.94
CA GLN J 259 46.52 37.34 -47.49
C GLN J 259 46.92 36.30 -48.53
N ALA J 260 47.06 35.05 -48.09
CA ALA J 260 47.65 33.99 -48.90
C ALA J 260 46.73 33.52 -50.04
N HIS J 261 45.52 33.13 -49.69
CA HIS J 261 44.57 32.55 -50.64
C HIS J 261 43.60 33.59 -51.18
N GLY J 262 43.59 34.77 -50.59
CA GLY J 262 42.87 35.92 -51.13
C GLY J 262 41.36 35.74 -51.28
N LEU J 263 40.65 35.50 -50.18
CA LEU J 263 39.19 35.47 -50.19
C LEU J 263 38.65 36.69 -49.46
N THR J 264 37.45 37.13 -49.84
CA THR J 264 36.79 38.25 -49.16
C THR J 264 36.28 37.78 -47.80
N PRO J 265 36.36 38.64 -46.78
CA PRO J 265 35.90 38.22 -45.45
C PRO J 265 34.42 37.86 -45.47
N GLN J 266 33.66 38.52 -46.34
CA GLN J 266 32.27 38.15 -46.62
C GLN J 266 32.14 36.63 -46.92
N GLN J 267 33.08 36.10 -47.69
CA GLN J 267 33.10 34.68 -48.02
C GLN J 267 33.53 33.76 -46.89
N VAL J 268 34.47 34.23 -46.07
CA VAL J 268 34.96 33.45 -44.95
C VAL J 268 33.81 33.25 -43.96
N VAL J 269 32.99 34.29 -43.81
CA VAL J 269 31.80 34.18 -43.00
C VAL J 269 30.88 33.13 -43.59
N ALA J 270 30.65 33.18 -44.91
CA ALA J 270 29.79 32.18 -45.54
C ALA J 270 30.25 30.74 -45.26
N ILE J 271 31.56 30.52 -45.26
CA ILE J 271 32.11 29.17 -45.01
C ILE J 271 31.98 28.70 -43.57
N ALA J 272 32.23 29.61 -42.66
CA ALA J 272 32.21 29.30 -41.24
C ALA J 272 30.80 29.14 -40.68
N SER J 273 29.82 29.84 -41.26
CA SER J 273 28.45 29.85 -40.76
C SER J 273 27.68 28.57 -41.18
N ASN J 274 28.10 27.43 -40.64
CA ASN J 274 27.53 26.12 -40.89
C ASN J 274 28.04 25.12 -39.87
N ASN J 275 27.49 23.93 -39.84
CA ASN J 275 27.97 22.92 -38.94
C ASN J 275 29.31 22.40 -39.37
N GLY J 276 30.25 22.40 -38.45
CA GLY J 276 31.61 22.02 -38.75
C GLY J 276 32.29 23.08 -39.56
N GLY J 277 31.83 24.32 -39.40
CA GLY J 277 32.48 25.47 -39.98
C GLY J 277 33.99 25.37 -39.80
N LYS J 278 34.44 25.00 -38.59
CA LYS J 278 35.84 24.75 -38.35
C LYS J 278 36.42 23.83 -39.42
N GLN J 279 35.83 22.64 -39.54
CA GLN J 279 36.31 21.65 -40.49
C GLN J 279 36.37 22.16 -41.91
N ALA J 280 35.41 22.97 -42.30
CA ALA J 280 35.36 23.51 -43.65
C ALA J 280 36.51 24.46 -43.88
N LEU J 281 36.64 25.44 -42.99
CA LEU J 281 37.71 26.41 -43.06
C LEU J 281 39.09 25.75 -43.17
N GLU J 282 39.38 24.80 -42.30
CA GLU J 282 40.66 24.09 -42.35
C GLU J 282 40.86 23.30 -43.63
N THR J 283 39.78 22.75 -44.16
CA THR J 283 39.84 22.00 -45.41
C THR J 283 40.03 22.93 -46.58
N VAL J 284 39.30 24.04 -46.64
CA VAL J 284 39.53 25.02 -47.72
C VAL J 284 40.88 25.76 -47.62
N GLN J 285 41.50 25.78 -46.45
CA GLN J 285 42.86 26.28 -46.33
C GLN J 285 43.80 25.40 -47.17
N ARG J 286 43.85 24.11 -46.85
CA ARG J 286 44.45 23.12 -47.76
C ARG J 286 43.53 23.04 -48.97
N LEU J 287 43.83 22.19 -49.94
CA LEU J 287 42.85 21.81 -50.97
C LEU J 287 42.35 22.92 -51.91
N LEU J 288 42.26 24.16 -51.45
CA LEU J 288 41.90 25.25 -52.36
C LEU J 288 42.97 25.39 -53.45
N PRO J 289 44.25 25.43 -53.07
CA PRO J 289 45.26 25.43 -54.13
C PRO J 289 45.04 24.30 -55.14
N VAL J 290 45.00 23.06 -54.66
CA VAL J 290 44.90 21.90 -55.55
C VAL J 290 43.54 21.83 -56.27
N LEU J 291 42.53 22.49 -55.72
CA LEU J 291 41.22 22.56 -56.41
C LEU J 291 41.18 23.57 -57.53
N CYS J 292 41.66 24.80 -57.30
CA CYS J 292 41.83 25.77 -58.39
C CYS J 292 43.05 25.39 -59.25
N GLN J 293 42.98 24.17 -59.75
CA GLN J 293 44.12 23.59 -60.45
C GLN J 293 43.79 22.22 -61.05
N ALA J 294 44.53 21.85 -62.10
CA ALA J 294 44.21 20.71 -63.00
C ALA J 294 43.16 21.09 -64.10
N HIS J 295 43.24 22.33 -64.61
CA HIS J 295 42.14 23.08 -65.27
C HIS J 295 41.38 23.81 -64.14
N GLY J 296 40.73 23.06 -63.23
CA GLY J 296 40.44 23.58 -61.91
C GLY J 296 39.15 24.39 -61.80
N LEU J 297 38.57 24.50 -60.60
CA LEU J 297 37.42 25.38 -60.31
C LEU J 297 37.91 26.76 -59.90
N THR J 298 37.02 27.75 -60.03
CA THR J 298 37.30 29.10 -59.53
C THR J 298 37.11 29.13 -58.03
N PRO J 299 37.74 30.11 -57.34
CA PRO J 299 37.53 30.25 -55.89
C PRO J 299 36.04 30.33 -55.52
N GLN J 300 35.24 31.05 -56.31
CA GLN J 300 33.80 31.16 -56.04
C GLN J 300 33.14 29.80 -55.89
N GLN J 301 33.51 28.86 -56.75
CA GLN J 301 32.95 27.51 -56.72
C GLN J 301 33.42 26.68 -55.53
N VAL J 302 34.68 26.87 -55.13
CA VAL J 302 35.18 26.19 -53.95
C VAL J 302 34.44 26.72 -52.73
N VAL J 303 34.25 28.03 -52.66
CA VAL J 303 33.45 28.65 -51.60
C VAL J 303 32.01 28.11 -51.63
N ALA J 304 31.42 28.00 -52.82
CA ALA J 304 30.07 27.47 -52.94
C ALA J 304 29.95 26.09 -52.32
N ILE J 305 30.91 25.21 -52.64
CA ILE J 305 30.92 23.84 -52.13
C ILE J 305 31.08 23.81 -50.63
N ALA J 306 32.02 24.60 -50.12
CA ALA J 306 32.36 24.61 -48.70
C ALA J 306 31.28 25.23 -47.81
N SER J 307 30.39 26.04 -48.40
CA SER J 307 29.39 26.82 -47.64
C SER J 307 28.10 26.02 -47.39
N HIS J 308 28.26 24.87 -46.72
CA HIS J 308 27.17 23.95 -46.39
C HIS J 308 27.60 23.03 -45.29
N ASP J 309 26.62 22.50 -44.55
CA ASP J 309 26.92 21.54 -43.52
C ASP J 309 27.70 20.34 -44.10
N GLY J 310 28.87 20.05 -43.53
CA GLY J 310 29.72 18.99 -44.04
C GLY J 310 30.56 19.40 -45.24
N GLY J 311 30.93 20.68 -45.29
CA GLY J 311 31.71 21.23 -46.41
C GLY J 311 33.01 20.49 -46.63
N LYS J 312 33.65 20.08 -45.54
CA LYS J 312 34.86 19.26 -45.60
C LYS J 312 34.65 18.01 -46.44
N GLN J 313 33.57 17.31 -46.17
CA GLN J 313 33.29 16.05 -46.83
C GLN J 313 33.05 16.27 -48.31
N ALA J 314 32.33 17.34 -48.63
CA ALA J 314 32.08 17.72 -50.01
C ALA J 314 33.38 17.97 -50.74
N LEU J 315 34.24 18.79 -50.15
CA LEU J 315 35.48 19.16 -50.77
C LEU J 315 36.36 17.96 -51.00
N GLU J 316 36.56 17.16 -49.95
CA GLU J 316 37.43 15.99 -50.06
C GLU J 316 36.91 15.02 -51.13
N THR J 317 35.58 14.84 -51.17
CA THR J 317 34.96 13.99 -52.18
C THR J 317 35.06 14.57 -53.60
N VAL J 318 34.96 15.90 -53.74
CA VAL J 318 35.06 16.50 -55.06
C VAL J 318 36.45 16.25 -55.62
N GLN J 319 37.47 16.62 -54.86
CA GLN J 319 38.86 16.42 -55.28
C GLN J 319 39.13 14.96 -55.66
N ARG J 320 38.53 14.03 -54.92
CA ARG J 320 38.72 12.62 -55.21
C ARG J 320 37.96 12.15 -56.44
N LEU J 321 36.71 12.59 -56.61
CA LEU J 321 35.86 12.05 -57.69
C LEU J 321 35.66 12.95 -58.91
N LEU J 322 36.12 14.19 -58.84
CA LEU J 322 35.94 15.10 -59.98
C LEU J 322 36.49 14.52 -61.27
N PRO J 323 37.71 13.98 -61.25
CA PRO J 323 38.18 13.32 -62.45
C PRO J 323 37.28 12.18 -62.91
N VAL J 324 37.17 11.11 -62.13
CA VAL J 324 36.41 9.93 -62.57
C VAL J 324 35.02 10.32 -63.10
N LEU J 325 34.36 11.28 -62.46
CA LEU J 325 33.03 11.72 -62.92
C LEU J 325 33.09 12.45 -64.24
N CYS J 326 34.00 13.42 -64.34
CA CYS J 326 34.14 14.21 -65.55
C CYS J 326 34.55 13.35 -66.74
N GLN J 327 35.49 12.44 -66.53
CA GLN J 327 36.06 11.65 -67.63
C GLN J 327 35.28 10.35 -67.88
N ALA J 328 35.10 9.53 -66.85
CA ALA J 328 34.48 8.21 -67.04
C ALA J 328 32.95 8.28 -67.23
N HIS J 329 32.33 9.38 -66.81
CA HIS J 329 30.88 9.55 -67.00
C HIS J 329 30.51 10.81 -67.75
N GLY J 330 31.49 11.57 -68.19
CA GLY J 330 31.23 12.76 -69.02
C GLY J 330 30.31 13.80 -68.38
N LEU J 331 30.79 14.49 -67.36
CA LEU J 331 30.05 15.61 -66.79
C LEU J 331 30.94 16.84 -66.69
N THR J 332 30.37 18.00 -66.97
CA THR J 332 31.14 19.24 -66.82
C THR J 332 31.34 19.51 -65.32
N PRO J 333 32.48 20.15 -64.95
CA PRO J 333 32.67 20.57 -63.55
C PRO J 333 31.51 21.41 -63.04
N GLN J 334 30.96 22.27 -63.90
CA GLN J 334 29.70 22.98 -63.64
C GLN J 334 28.65 22.12 -62.94
N GLN J 335 28.47 20.89 -63.42
CA GLN J 335 27.48 19.97 -62.87
C GLN J 335 27.93 19.27 -61.60
N VAL J 336 29.21 18.95 -61.51
CA VAL J 336 29.72 18.33 -60.31
C VAL J 336 29.63 19.32 -59.16
N VAL J 337 29.98 20.57 -59.42
CA VAL J 337 29.83 21.60 -58.42
C VAL J 337 28.36 21.67 -57.97
N ALA J 338 27.43 21.75 -58.92
CA ALA J 338 26.00 21.78 -58.59
C ALA J 338 25.61 20.70 -57.59
N ILE J 339 26.10 19.48 -57.84
CA ILE J 339 25.79 18.32 -56.99
C ILE J 339 26.37 18.44 -55.58
N ALA J 340 27.59 18.92 -55.51
CA ALA J 340 28.32 19.05 -54.24
C ALA J 340 27.96 20.29 -53.43
N SER J 341 27.21 21.21 -54.00
CA SER J 341 26.84 22.45 -53.32
C SER J 341 25.48 22.34 -52.59
N ASN J 342 25.28 21.22 -51.90
CA ASN J 342 24.14 21.07 -50.99
C ASN J 342 24.54 20.24 -49.79
N ASN J 343 23.73 20.25 -48.74
CA ASN J 343 23.95 19.31 -47.64
C ASN J 343 24.02 17.88 -48.17
N GLY J 344 25.03 17.14 -47.72
CA GLY J 344 25.25 15.79 -48.19
C GLY J 344 25.99 15.69 -49.51
N GLY J 345 26.71 16.73 -49.90
CA GLY J 345 27.41 16.74 -51.19
C GLY J 345 28.21 15.47 -51.41
N LYS J 346 28.99 15.10 -50.40
CA LYS J 346 29.75 13.86 -50.46
C LYS J 346 28.84 12.68 -50.78
N GLN J 347 27.71 12.61 -50.10
CA GLN J 347 26.84 11.47 -50.28
C GLN J 347 26.24 11.49 -51.69
N ALA J 348 25.95 12.67 -52.20
CA ALA J 348 25.33 12.82 -53.50
C ALA J 348 26.28 12.38 -54.61
N LEU J 349 27.52 12.86 -54.55
CA LEU J 349 28.52 12.53 -55.56
C LEU J 349 28.72 11.03 -55.60
N GLU J 350 28.97 10.45 -54.44
CA GLU J 350 29.20 9.00 -54.37
C GLU J 350 28.04 8.20 -54.93
N THR J 351 26.82 8.59 -54.57
CA THR J 351 25.64 7.92 -55.05
C THR J 351 25.51 8.08 -56.54
N VAL J 352 25.79 9.28 -57.05
CA VAL J 352 25.69 9.55 -58.49
C VAL J 352 26.65 8.63 -59.26
N GLN J 353 27.93 8.77 -58.95
CA GLN J 353 28.93 7.87 -59.49
C GLN J 353 28.40 6.45 -59.66
N ARG J 354 27.88 5.85 -58.58
CA ARG J 354 27.54 4.43 -58.63
C ARG J 354 26.20 4.18 -59.31
N LEU J 355 25.28 5.14 -59.22
CA LEU J 355 23.97 4.96 -59.83
C LEU J 355 23.76 5.55 -61.22
N LEU J 356 24.69 6.38 -61.71
CA LEU J 356 24.49 7.00 -63.02
C LEU J 356 24.32 5.91 -64.13
N PRO J 357 25.31 5.02 -64.30
CA PRO J 357 25.16 3.94 -65.25
C PRO J 357 23.81 3.27 -65.14
N VAL J 358 23.44 2.88 -63.92
CA VAL J 358 22.25 2.06 -63.73
C VAL J 358 21.04 2.79 -64.26
N LEU J 359 20.87 4.03 -63.81
CA LEU J 359 19.70 4.83 -64.15
C LEU J 359 19.57 5.13 -65.63
N CYS J 360 20.70 5.42 -66.27
CA CYS J 360 20.69 5.76 -67.68
C CYS J 360 20.43 4.55 -68.55
N GLN J 361 21.03 3.41 -68.19
CA GLN J 361 20.88 2.17 -68.98
C GLN J 361 19.55 1.50 -68.68
N ALA J 362 19.40 1.00 -67.45
CA ALA J 362 18.28 0.13 -67.12
C ALA J 362 16.92 0.85 -67.06
N HIS J 363 16.92 2.15 -66.78
CA HIS J 363 15.67 2.92 -66.66
C HIS J 363 15.51 4.02 -67.70
N GLY J 364 16.54 4.27 -68.50
CA GLY J 364 16.40 5.18 -69.65
C GLY J 364 16.22 6.65 -69.31
N LEU J 365 17.17 7.19 -68.57
CA LEU J 365 17.18 8.59 -68.27
C LEU J 365 18.38 9.25 -68.91
N THR J 366 18.25 10.53 -69.22
CA THR J 366 19.39 11.30 -69.69
C THR J 366 20.18 11.65 -68.47
N PRO J 367 21.49 11.89 -68.62
CA PRO J 367 22.25 12.42 -67.48
C PRO J 367 21.68 13.74 -66.96
N GLU J 368 21.30 14.66 -67.84
CA GLU J 368 20.81 15.97 -67.43
C GLU J 368 19.81 15.78 -66.30
N GLN J 369 18.92 14.80 -66.47
CA GLN J 369 17.89 14.45 -65.49
C GLN J 369 18.49 13.97 -64.18
N VAL J 370 19.36 12.97 -64.27
CA VAL J 370 20.02 12.44 -63.07
C VAL J 370 20.68 13.57 -62.26
N VAL J 371 21.41 14.45 -62.93
CA VAL J 371 22.07 15.54 -62.24
C VAL J 371 21.04 16.47 -61.57
N ALA J 372 19.90 16.72 -62.21
CA ALA J 372 18.87 17.59 -61.64
C ALA J 372 18.36 17.01 -60.35
N ILE J 373 18.21 15.71 -60.32
CA ILE J 373 17.80 15.00 -59.10
C ILE J 373 18.87 15.13 -58.01
N ALA J 374 20.11 14.88 -58.38
CA ALA J 374 21.23 14.97 -57.46
C ALA J 374 21.59 16.38 -57.05
N SER J 375 21.18 17.39 -57.82
CA SER J 375 21.58 18.78 -57.52
C SER J 375 20.68 19.45 -56.45
N ASN J 376 20.11 18.65 -55.56
CA ASN J 376 19.35 19.14 -54.45
C ASN J 376 19.86 18.53 -53.16
N GLY J 377 19.48 19.12 -52.03
CA GLY J 377 19.73 18.49 -50.76
C GLY J 377 19.00 17.16 -50.67
N GLY J 378 19.67 16.16 -50.11
CA GLY J 378 19.14 14.80 -50.07
C GLY J 378 19.15 14.12 -51.42
N GLY J 379 20.16 14.43 -52.23
CA GLY J 379 20.25 13.83 -53.56
C GLY J 379 20.31 12.31 -53.51
N LYS J 380 21.18 11.80 -52.63
CA LYS J 380 21.36 10.39 -52.47
C LYS J 380 20.05 9.71 -52.24
N GLN J 381 19.19 10.37 -51.49
CA GLN J 381 17.93 9.78 -51.10
C GLN J 381 16.95 9.74 -52.25
N ALA J 382 16.94 10.80 -53.03
CA ALA J 382 16.07 10.88 -54.20
C ALA J 382 16.51 9.91 -55.26
N LEU J 383 17.82 9.88 -55.53
CA LEU J 383 18.37 8.96 -56.51
C LEU J 383 18.03 7.51 -56.20
N GLU J 384 18.22 7.12 -54.96
CA GLU J 384 17.97 5.76 -54.56
C GLU J 384 16.50 5.43 -54.61
N THR J 385 15.67 6.44 -54.36
CA THR J 385 14.21 6.26 -54.35
C THR J 385 13.65 6.26 -55.74
N VAL J 386 14.26 7.03 -56.64
CA VAL J 386 13.91 6.94 -58.05
C VAL J 386 14.12 5.51 -58.54
N GLN J 387 15.30 4.98 -58.28
CA GLN J 387 15.61 3.63 -58.69
C GLN J 387 14.53 2.64 -58.27
N ARG J 388 14.20 2.62 -56.99
CA ARG J 388 13.19 1.69 -56.49
C ARG J 388 11.85 1.94 -57.11
N LEU J 389 11.39 3.17 -56.98
CA LEU J 389 10.01 3.48 -57.25
C LEU J 389 9.66 3.89 -58.68
N LEU J 390 10.63 4.09 -59.56
CA LEU J 390 10.33 4.49 -60.92
C LEU J 390 9.47 3.44 -61.66
N PRO J 391 9.91 2.17 -61.67
CA PRO J 391 9.09 1.15 -62.29
C PRO J 391 7.68 1.13 -61.75
N VAL J 392 7.54 0.96 -60.44
CA VAL J 392 6.21 0.70 -59.88
C VAL J 392 5.28 1.91 -60.04
N LEU J 393 5.85 3.11 -60.07
CA LEU J 393 5.07 4.30 -60.29
C LEU J 393 4.57 4.43 -61.72
N CYS J 394 5.44 4.06 -62.65
CA CYS J 394 5.07 4.10 -64.06
C CYS J 394 4.02 3.07 -64.43
N GLN J 395 4.18 1.84 -63.94
CA GLN J 395 3.20 0.80 -64.23
C GLN J 395 2.00 0.86 -63.28
N ALA J 396 2.13 0.27 -62.08
CA ALA J 396 1.00 0.16 -61.13
C ALA J 396 0.12 1.42 -61.01
N HIS J 397 0.75 2.61 -61.04
CA HIS J 397 0.03 3.87 -60.83
C HIS J 397 -0.08 4.74 -62.08
N GLY J 398 0.61 4.39 -63.15
CA GLY J 398 0.39 5.00 -64.46
C GLY J 398 0.99 6.38 -64.65
N LEU J 399 2.26 6.52 -64.32
CA LEU J 399 2.98 7.78 -64.50
C LEU J 399 4.07 7.70 -65.54
N THR J 400 4.62 8.84 -65.95
CA THR J 400 5.64 8.84 -66.98
C THR J 400 6.94 9.18 -66.30
N PRO J 401 8.08 8.70 -66.84
CA PRO J 401 9.38 9.07 -66.31
C PRO J 401 9.60 10.58 -66.08
N GLU J 402 9.21 11.41 -67.02
CA GLU J 402 9.54 12.83 -66.91
C GLU J 402 8.83 13.46 -65.69
N GLN J 403 7.66 12.92 -65.37
CA GLN J 403 6.91 13.29 -64.18
C GLN J 403 7.57 12.80 -62.92
N VAL J 404 7.98 11.54 -62.89
CA VAL J 404 8.70 11.00 -61.74
C VAL J 404 9.99 11.79 -61.48
N VAL J 405 10.67 12.22 -62.55
CA VAL J 405 11.85 13.07 -62.40
C VAL J 405 11.48 14.46 -61.84
N ALA J 406 10.31 14.96 -62.21
CA ALA J 406 9.87 16.26 -61.71
C ALA J 406 9.58 16.24 -60.23
N ILE J 407 8.95 15.16 -59.76
CA ILE J 407 8.70 14.99 -58.33
C ILE J 407 10.02 14.88 -57.56
N ALA J 408 10.93 14.08 -58.08
CA ALA J 408 12.21 13.83 -57.46
C ALA J 408 13.14 15.01 -57.47
N SER J 409 12.93 15.95 -58.39
CA SER J 409 13.90 17.04 -58.59
C SER J 409 13.65 18.22 -57.66
N HIS J 410 13.49 17.91 -56.38
CA HIS J 410 13.24 18.90 -55.33
C HIS J 410 13.77 18.42 -54.00
N ASP J 411 13.99 19.35 -53.08
CA ASP J 411 14.40 18.99 -51.75
C ASP J 411 13.30 18.13 -51.14
N GLY J 412 13.68 16.98 -50.61
CA GLY J 412 12.71 16.00 -50.11
C GLY J 412 12.03 15.23 -51.23
N GLY J 413 12.76 15.00 -52.32
CA GLY J 413 12.25 14.20 -53.43
C GLY J 413 11.78 12.85 -52.95
N LYS J 414 12.60 12.20 -52.15
CA LYS J 414 12.26 10.88 -51.64
C LYS J 414 10.89 10.84 -51.00
N GLN J 415 10.60 11.84 -50.18
CA GLN J 415 9.36 11.84 -49.44
C GLN J 415 8.20 11.98 -50.39
N ALA J 416 8.37 12.83 -51.39
CA ALA J 416 7.31 13.13 -52.36
C ALA J 416 6.98 11.89 -53.13
N LEU J 417 8.01 11.26 -53.65
CA LEU J 417 7.85 10.01 -54.37
C LEU J 417 7.10 8.97 -53.56
N GLU J 418 7.56 8.72 -52.35
CA GLU J 418 6.92 7.73 -51.51
C GLU J 418 5.50 8.08 -51.17
N THR J 419 5.24 9.36 -50.98
CA THR J 419 3.92 9.79 -50.56
C THR J 419 2.96 9.72 -51.71
N VAL J 420 3.44 9.99 -52.92
CA VAL J 420 2.62 9.81 -54.10
C VAL J 420 2.17 8.36 -54.20
N GLN J 421 3.12 7.46 -54.08
CA GLN J 421 2.81 6.04 -54.07
C GLN J 421 1.65 5.74 -53.15
N ARG J 422 1.71 6.24 -51.92
CA ARG J 422 0.65 5.97 -50.94
C ARG J 422 -0.67 6.56 -51.33
N LEU J 423 -0.67 7.80 -51.81
CA LEU J 423 -1.90 8.57 -51.87
C LEU J 423 -2.49 8.75 -53.25
N LEU J 424 -1.69 8.58 -54.29
CA LEU J 424 -2.23 8.74 -55.62
C LEU J 424 -3.53 7.97 -55.84
N PRO J 425 -3.66 6.73 -55.31
CA PRO J 425 -4.92 6.03 -55.58
C PRO J 425 -6.08 6.68 -54.84
N VAL J 426 -6.01 6.72 -53.52
CA VAL J 426 -7.11 7.27 -52.73
C VAL J 426 -7.51 8.63 -53.25
N LEU J 427 -6.53 9.46 -53.59
CA LEU J 427 -6.82 10.79 -54.14
C LEU J 427 -7.53 10.70 -55.47
N CYS J 428 -7.02 9.88 -56.38
CA CYS J 428 -7.59 9.82 -57.73
C CYS J 428 -8.95 9.15 -57.78
N GLN J 429 -9.04 7.89 -57.35
CA GLN J 429 -10.33 7.23 -57.38
C GLN J 429 -11.27 7.78 -56.32
N ALA J 430 -10.87 7.76 -55.06
CA ALA J 430 -11.80 8.12 -53.98
C ALA J 430 -12.18 9.60 -53.89
N HIS J 431 -11.36 10.51 -54.44
CA HIS J 431 -11.66 11.94 -54.39
C HIS J 431 -11.64 12.65 -55.73
N GLY J 432 -11.48 11.91 -56.81
CA GLY J 432 -11.67 12.45 -58.13
C GLY J 432 -10.68 13.52 -58.52
N LEU J 433 -9.42 13.26 -58.28
CA LEU J 433 -8.34 14.13 -58.76
C LEU J 433 -7.69 13.48 -59.97
N THR J 434 -7.15 14.30 -60.86
CA THR J 434 -6.46 13.79 -62.01
C THR J 434 -5.02 13.58 -61.62
N PRO J 435 -4.38 12.53 -62.11
CA PRO J 435 -2.97 12.37 -61.80
C PRO J 435 -2.12 13.61 -62.09
N GLN J 436 -2.43 14.37 -63.15
CA GLN J 436 -1.56 15.51 -63.44
C GLN J 436 -1.56 16.45 -62.27
N GLN J 437 -2.73 16.59 -61.64
CA GLN J 437 -2.89 17.45 -60.47
C GLN J 437 -2.02 16.94 -59.35
N VAL J 438 -2.16 15.66 -59.02
CA VAL J 438 -1.38 15.06 -57.93
C VAL J 438 0.12 15.25 -58.12
N VAL J 439 0.58 15.13 -59.35
CA VAL J 439 1.98 15.39 -59.62
C VAL J 439 2.36 16.86 -59.46
N ALA J 440 1.45 17.78 -59.79
CA ALA J 440 1.77 19.18 -59.70
C ALA J 440 1.90 19.63 -58.25
N ILE J 441 1.02 19.12 -57.40
CA ILE J 441 1.10 19.34 -55.96
C ILE J 441 2.44 18.87 -55.40
N ALA J 442 2.85 17.68 -55.82
CA ALA J 442 4.06 17.04 -55.32
C ALA J 442 5.34 17.59 -55.92
N SER J 443 5.26 18.34 -57.01
CA SER J 443 6.47 18.81 -57.70
C SER J 443 6.92 20.14 -57.13
N ASN J 444 7.10 20.15 -55.82
CA ASN J 444 7.55 21.30 -55.07
C ASN J 444 8.23 20.82 -53.78
N GLY J 445 8.98 21.70 -53.14
CA GLY J 445 9.45 21.45 -51.78
C GLY J 445 8.23 21.22 -50.93
N GLY J 446 8.38 20.50 -49.83
CA GLY J 446 7.23 20.17 -49.00
C GLY J 446 6.06 19.48 -49.71
N GLY J 447 6.39 18.69 -50.73
CA GLY J 447 5.40 17.99 -51.52
C GLY J 447 4.65 16.95 -50.73
N ARG J 448 5.35 16.29 -49.83
CA ARG J 448 4.69 15.30 -48.97
C ARG J 448 3.68 15.95 -48.03
N PRO J 449 4.09 16.94 -47.26
CA PRO J 449 3.08 17.51 -46.42
C PRO J 449 1.94 18.12 -47.20
N ALA J 450 2.22 18.66 -48.38
CA ALA J 450 1.17 19.18 -49.25
C ALA J 450 0.14 18.10 -49.53
N LEU J 451 0.61 16.98 -50.03
CA LEU J 451 -0.26 15.87 -50.29
C LEU J 451 -0.99 15.39 -49.05
N GLU J 452 -0.26 15.13 -47.98
CA GLU J 452 -0.93 14.66 -46.78
C GLU J 452 -2.03 15.60 -46.31
N SER J 453 -1.73 16.89 -46.35
CA SER J 453 -2.70 17.90 -45.93
C SER J 453 -3.94 17.87 -46.80
N ILE J 454 -3.73 17.83 -48.10
CA ILE J 454 -4.84 17.87 -49.05
C ILE J 454 -5.77 16.66 -48.86
N VAL J 455 -5.22 15.50 -48.54
CA VAL J 455 -6.03 14.34 -48.26
C VAL J 455 -6.89 14.58 -47.04
N ALA J 456 -6.25 14.91 -45.92
CA ALA J 456 -6.97 15.13 -44.66
C ALA J 456 -8.12 16.13 -44.76
N GLN J 457 -8.01 17.06 -45.71
CA GLN J 457 -9.03 18.08 -45.92
C GLN J 457 -10.25 17.53 -46.63
N LEU J 458 -10.02 16.56 -47.50
CA LEU J 458 -11.10 15.96 -48.27
C LEU J 458 -11.71 14.79 -47.52
N SER J 459 -10.87 13.93 -46.93
CA SER J 459 -11.33 12.72 -46.27
C SER J 459 -12.31 13.05 -45.14
N ARG J 460 -12.15 14.22 -44.54
CA ARG J 460 -13.19 14.77 -43.64
C ARG J 460 -13.32 16.29 -43.84
N PRO J 461 -14.27 16.74 -44.70
CA PRO J 461 -14.40 18.18 -45.05
C PRO J 461 -14.34 19.09 -43.83
N ASP J 462 -13.12 19.55 -43.54
CA ASP J 462 -12.79 20.23 -42.28
C ASP J 462 -13.72 21.43 -42.03
N PRO J 463 -13.45 22.24 -40.98
CA PRO J 463 -14.40 23.35 -40.72
C PRO J 463 -14.72 24.19 -41.97
N ALA J 464 -13.68 24.54 -42.74
CA ALA J 464 -13.83 25.10 -44.09
C ALA J 464 -14.23 23.97 -45.08
N LEU J 465 -15.44 23.44 -44.87
CA LEU J 465 -15.99 22.43 -45.77
C LEU J 465 -16.49 23.20 -46.98
N ALA J 466 -16.11 22.73 -48.16
CA ALA J 466 -16.77 23.15 -49.41
C ALA J 466 -16.59 24.64 -49.79
N ALA J 467 -16.12 25.50 -48.86
CA ALA J 467 -15.89 26.93 -49.10
C ALA J 467 -15.21 27.05 -50.43
N LEU J 468 -14.08 26.34 -50.54
CA LEU J 468 -13.38 26.17 -51.78
C LEU J 468 -13.66 24.78 -52.33
N THR J 469 -13.80 24.71 -53.65
CA THR J 469 -13.96 23.45 -54.33
C THR J 469 -12.59 22.85 -54.52
N ASN J 470 -12.55 21.63 -55.04
CA ASN J 470 -11.33 20.86 -55.06
C ASN J 470 -10.28 21.40 -55.98
N ASP J 471 -10.67 21.95 -57.11
CA ASP J 471 -9.69 22.47 -58.04
C ASP J 471 -8.96 23.64 -57.41
N HIS J 472 -9.58 24.33 -56.46
CA HIS J 472 -8.91 25.43 -55.77
C HIS J 472 -7.91 24.83 -54.82
N LEU J 473 -8.38 23.96 -53.93
CA LEU J 473 -7.47 23.36 -52.96
C LEU J 473 -6.20 22.85 -53.61
N VAL J 474 -6.32 22.29 -54.78
CA VAL J 474 -5.18 21.84 -55.55
C VAL J 474 -4.34 23.04 -55.99
N ALA J 475 -4.99 24.08 -56.49
CA ALA J 475 -4.29 25.26 -56.91
C ALA J 475 -3.49 25.79 -55.75
N LEU J 476 -4.16 26.01 -54.63
CA LEU J 476 -3.52 26.47 -53.39
C LEU J 476 -2.38 25.56 -53.00
N ALA J 477 -2.66 24.28 -52.91
CA ALA J 477 -1.65 23.33 -52.53
C ALA J 477 -0.42 23.41 -53.42
N CYS J 478 -0.56 23.70 -54.70
CA CYS J 478 0.59 23.82 -55.58
C CYS J 478 1.30 25.12 -55.34
N LEU J 479 0.51 26.10 -54.97
CA LEU J 479 0.99 27.44 -54.77
C LEU J 479 1.83 27.60 -53.50
N GLY J 480 1.43 26.91 -52.42
CA GLY J 480 2.20 26.92 -51.17
C GLY J 480 1.82 25.83 -50.18
N GLY J 481 1.91 24.60 -50.65
CA GLY J 481 1.55 23.40 -49.91
C GLY J 481 0.84 23.56 -48.59
N ARG J 482 1.38 22.93 -47.56
CA ARG J 482 0.66 22.83 -46.31
C ARG J 482 0.46 24.19 -45.67
N PRO J 483 1.48 25.05 -45.70
CA PRO J 483 1.29 26.39 -45.20
C PRO J 483 0.03 27.07 -45.74
N ALA J 484 -0.16 27.06 -47.05
CA ALA J 484 -1.29 27.71 -47.67
C ALA J 484 -2.61 27.05 -47.30
N LEU J 485 -2.61 25.73 -47.21
CA LEU J 485 -3.81 25.01 -46.80
C LEU J 485 -4.12 25.22 -45.33
N ASP J 486 -3.11 25.24 -44.48
CA ASP J 486 -3.32 25.51 -43.06
C ASP J 486 -3.77 26.93 -42.87
N ALA J 487 -3.23 27.85 -43.67
CA ALA J 487 -3.61 29.25 -43.61
C ALA J 487 -5.03 29.53 -44.09
N VAL J 488 -5.74 28.49 -44.53
CA VAL J 488 -7.10 28.62 -44.97
C VAL J 488 -8.04 28.15 -43.88
N LYS J 489 -7.80 26.98 -43.30
CA LYS J 489 -8.52 26.60 -42.08
C LYS J 489 -8.47 27.78 -41.12
N LYS J 490 -7.26 28.22 -40.78
CA LYS J 490 -7.09 29.25 -39.76
C LYS J 490 -7.30 30.67 -40.29
N LEU J 491 -8.16 30.83 -41.32
CA LEU J 491 -8.84 32.13 -41.63
C LEU J 491 -10.32 31.86 -41.88
N GLU J 492 -10.90 30.98 -41.07
CA GLU J 492 -12.26 30.49 -41.29
C GLU J 492 -12.95 29.97 -40.01
N HIS J 493 -12.18 29.24 -39.19
CA HIS J 493 -12.59 28.93 -37.81
C HIS J 493 -12.93 30.25 -37.12
P 5HC K 9 33.11 21.04 -35.14
OP1 5HC K 9 34.51 21.06 -35.64
OP2 5HC K 9 32.45 22.39 -35.25
O5' 5HC K 9 32.23 19.91 -35.84
C5' 5HC K 9 32.95 18.81 -36.34
C4' 5HC K 9 32.01 17.77 -36.91
O4' 5HC K 9 30.88 17.60 -36.09
C3' 5HC K 9 31.49 18.14 -38.31
O3' 5HC K 9 32.14 17.25 -39.20
C2' 5HC K 9 29.96 17.95 -38.33
C1' 5HC K 9 29.80 17.25 -36.97
N1 5HC K 9 28.53 17.60 -36.35
C2 5HC K 9 27.48 16.67 -36.26
O2 5HC K 9 27.61 15.54 -36.78
N3 5HC K 9 26.32 17.00 -35.67
C4 5HC K 9 26.14 18.23 -35.15
N4 5HC K 9 24.97 18.55 -34.57
C5 5HC K 9 27.24 19.19 -35.21
C5M 5HC K 9 27.10 20.58 -34.65
O5 5HC K 9 25.96 21.11 -35.29
C6 5HC K 9 28.41 18.82 -35.84
#